data_8YUI
#
_entry.id   8YUI
#
_cell.length_a   97.380
_cell.length_b   97.380
_cell.length_c   197.347
_cell.angle_alpha   90.000
_cell.angle_beta   90.000
_cell.angle_gamma   90.000
#
_symmetry.space_group_name_H-M   'P 21 21 21'
#
loop_
_entity.id
_entity.type
_entity.pdbx_description
1 polymer 'Chitinase B'
2 branched 2-acetamido-2-deoxy-beta-D-glucopyranose-(1-4)-2-acetamido-2-deoxy-beta-D-glucopyranose
3 non-polymer GLYCEROL
4 non-polymer 2-METHYL-4,5-DIHYDRO-(1,2-DIDEOXY-ALPHA-D-GLUCOPYRANOSO)[2,1-D]-1,3-OXAZOLE
5 non-polymer 'ACETATE ION'
6 non-polymer 'PHOSPHATE ION'
7 water water
#
_entity_poly.entity_id   1
_entity_poly.type   'polypeptide(L)'
_entity_poly.pdbx_seq_one_letter_code
;MDSTRKAVIGYYFIPTNQINNYTETDTSVVPFPVSNITPAKAKQLTHINFSFLDINSNLECAWDPATNDAKARDVVNRLT
ALKAHNPSLRIMFSIGGWYYSNDLGVSHANYVNAVKTPAARTKFAQSCVRIMKDYGFDGVDIDWEYPQAAEVDGFIAALQ
EIRTLLNQQTIADGRQALPYQLTIAGAGGAFFLSRYYSKLAQIVAPLDYINLMTYDLAGPWEKITNHQAALFGDAAGPTF
YNALREANLGWSWEELTRAFPSPFSLTVDAAVQQHLMMEGVPSAKIVMGVPFYGRAFKGVSGGNGGQYSSHSTPGEDPYP
NADYWLVGCDECVRDKDPRIASYRQLEQMLQGNYGYQRLWNDKTKTPYLYHAQNGLFVTYDDAESFKYKAKYIKQQQLGG
VMFWHLGQDNRNGDLLAALDRYFNAADYDDSQLDMGTGLRYTGVGPGNLPIMTAPAYVPGTTYAQGALVSYQGYVWQTKW
GYITSAPGSDSAWLKVGRLAAAALEHHHHHH
;
_entity_poly.pdbx_strand_id   A,B
#
loop_
_chem_comp.id
_chem_comp.type
_chem_comp.name
_chem_comp.formula
ACT non-polymer 'ACETATE ION' 'C2 H3 O2 -1'
GOL non-polymer GLYCEROL 'C3 H8 O3'
NAG D-saccharide, beta linking 2-acetamido-2-deoxy-beta-D-glucopyranose 'C8 H15 N O6'
NGO non-polymer 2-METHYL-4,5-DIHYDRO-(1,2-DIDEOXY-ALPHA-D-GLUCOPYRANOSO)[2,1-D]-1,3-OXAZOLE 'C8 H14 N O5 1'
PO4 non-polymer 'PHOSPHATE ION' 'O4 P -3'
#
# COMPACT_ATOMS: atom_id res chain seq x y z
N SER A 3 -2.66 -30.29 -26.72
CA SER A 3 -1.82 -29.11 -26.92
C SER A 3 -0.35 -29.45 -26.69
N THR A 4 0.40 -28.48 -26.15
CA THR A 4 1.79 -28.72 -25.79
C THR A 4 1.85 -29.73 -24.64
N ARG A 5 2.79 -30.67 -24.74
CA ARG A 5 2.95 -31.66 -23.69
C ARG A 5 3.29 -31.00 -22.36
N LYS A 6 2.68 -31.49 -21.28
CA LYS A 6 3.01 -30.98 -19.95
C LYS A 6 4.36 -31.50 -19.50
N ALA A 7 5.15 -30.64 -18.89
CA ALA A 7 6.41 -31.07 -18.31
C ALA A 7 6.14 -31.99 -17.13
N VAL A 8 6.98 -33.01 -16.98
CA VAL A 8 6.94 -33.92 -15.83
C VAL A 8 8.40 -34.01 -15.37
N ILE A 9 8.72 -33.29 -14.29
CA ILE A 9 10.09 -33.04 -13.88
C ILE A 9 10.31 -33.79 -12.56
N GLY A 10 11.13 -34.83 -12.57
CA GLY A 10 11.40 -35.60 -11.36
C GLY A 10 12.83 -35.45 -10.89
N TYR A 11 13.00 -35.19 -9.59
CA TYR A 11 14.33 -35.13 -9.02
C TYR A 11 14.93 -36.53 -8.86
N TYR A 12 16.20 -36.66 -9.22
CA TYR A 12 17.00 -37.81 -8.85
C TYR A 12 18.05 -37.28 -7.87
N PHE A 13 17.90 -37.63 -6.60
CA PHE A 13 18.79 -37.16 -5.56
C PHE A 13 19.70 -38.31 -5.14
N ILE A 14 21.00 -38.07 -5.13
CA ILE A 14 21.91 -39.12 -4.67
C ILE A 14 23.02 -38.48 -3.83
N PRO A 15 23.16 -38.87 -2.57
CA PRO A 15 24.19 -38.24 -1.72
C PRO A 15 25.58 -38.66 -2.17
N THR A 16 26.56 -37.86 -1.74
CA THR A 16 27.95 -38.10 -2.14
C THR A 16 28.43 -39.50 -1.77
N ASN A 17 28.08 -39.99 -0.59
CA ASN A 17 28.60 -41.30 -0.21
C ASN A 17 28.01 -42.40 -1.08
N GLN A 18 26.80 -42.19 -1.61
CA GLN A 18 26.22 -43.17 -2.52
C GLN A 18 26.84 -43.10 -3.91
N ILE A 19 27.20 -41.90 -4.37
CA ILE A 19 27.98 -41.79 -5.60
C ILE A 19 29.31 -42.54 -5.42
N ASN A 20 30.01 -42.26 -4.32
CA ASN A 20 31.35 -42.81 -4.12
C ASN A 20 31.34 -44.32 -3.98
N ASN A 21 30.22 -44.90 -3.58
CA ASN A 21 30.08 -46.34 -3.43
C ASN A 21 29.01 -46.90 -4.37
N TYR A 22 28.84 -46.26 -5.53
CA TYR A 22 27.69 -46.55 -6.37
C TYR A 22 27.66 -48.02 -6.77
N THR A 23 26.48 -48.61 -6.63
CA THR A 23 26.23 -49.98 -7.04
C THR A 23 24.75 -50.10 -7.36
N GLU A 24 24.44 -50.94 -8.35
CA GLU A 24 23.07 -51.20 -8.72
C GLU A 24 22.54 -52.51 -8.15
N THR A 25 23.29 -53.15 -7.26
CA THR A 25 22.90 -54.46 -6.77
C THR A 25 22.91 -54.54 -5.24
N ASP A 26 22.85 -53.42 -4.53
CA ASP A 26 22.80 -53.48 -3.07
C ASP A 26 22.02 -52.27 -2.56
N THR A 27 20.73 -52.47 -2.28
CA THR A 27 19.87 -51.37 -1.83
C THR A 27 20.26 -50.85 -0.45
N SER A 28 21.08 -51.58 0.31
CA SER A 28 21.57 -51.05 1.58
C SER A 28 22.67 -50.02 1.38
N VAL A 29 23.27 -49.96 0.20
CA VAL A 29 24.26 -48.95 -0.15
C VAL A 29 23.66 -47.83 -1.00
N VAL A 30 23.01 -48.20 -2.10
CA VAL A 30 22.28 -47.27 -2.95
C VAL A 30 20.84 -47.77 -3.05
N PRO A 31 19.91 -47.16 -2.30
CA PRO A 31 18.52 -47.63 -2.36
C PRO A 31 17.87 -47.49 -3.73
N PHE A 32 18.22 -46.46 -4.50
CA PHE A 32 17.53 -46.15 -5.76
C PHE A 32 18.55 -45.89 -6.85
N PRO A 33 19.16 -46.93 -7.40
CA PRO A 33 20.10 -46.75 -8.50
C PRO A 33 19.38 -46.36 -9.79
N VAL A 34 20.16 -45.84 -10.74
CA VAL A 34 19.61 -45.35 -12.00
C VAL A 34 18.86 -46.44 -12.75
N SER A 35 19.30 -47.70 -12.60
CA SER A 35 18.64 -48.80 -13.28
C SER A 35 17.19 -48.98 -12.86
N ASN A 36 16.77 -48.39 -11.74
CA ASN A 36 15.35 -48.47 -11.37
C ASN A 36 14.49 -47.52 -12.21
N ILE A 37 15.11 -46.60 -12.94
CA ILE A 37 14.39 -45.75 -13.89
C ILE A 37 14.34 -46.54 -15.18
N THR A 38 13.29 -47.37 -15.33
CA THR A 38 13.14 -48.26 -16.47
C THR A 38 12.81 -47.45 -17.72
N PRO A 39 12.91 -48.06 -18.91
CA PRO A 39 12.46 -47.36 -20.12
C PRO A 39 11.06 -46.80 -20.02
N ALA A 40 10.12 -47.54 -19.42
CA ALA A 40 8.76 -47.03 -19.27
C ALA A 40 8.74 -45.74 -18.44
N LYS A 41 9.47 -45.73 -17.33
CA LYS A 41 9.53 -44.52 -16.51
C LYS A 41 10.22 -43.37 -17.25
N ALA A 42 11.28 -43.67 -17.99
CA ALA A 42 11.98 -42.64 -18.73
C ALA A 42 11.06 -41.97 -19.75
N LYS A 43 10.15 -42.74 -20.34
CA LYS A 43 9.20 -42.19 -21.31
C LYS A 43 8.15 -41.30 -20.66
N GLN A 44 7.88 -41.50 -19.37
CA GLN A 44 6.87 -40.73 -18.67
C GLN A 44 7.43 -39.43 -18.10
N LEU A 45 8.74 -39.27 -18.08
CA LEU A 45 9.39 -38.05 -17.62
C LEU A 45 9.73 -37.17 -18.82
N THR A 46 9.67 -35.85 -18.60
CA THR A 46 10.30 -34.95 -19.56
C THR A 46 11.64 -34.43 -19.07
N HIS A 47 11.85 -34.37 -17.76
CA HIS A 47 13.08 -33.88 -17.19
C HIS A 47 13.40 -34.70 -15.95
N ILE A 48 14.68 -35.01 -15.77
CA ILE A 48 15.19 -35.50 -14.48
C ILE A 48 16.14 -34.44 -13.96
N ASN A 49 15.91 -33.96 -12.73
CA ASN A 49 16.81 -33.01 -12.09
C ASN A 49 17.80 -33.80 -11.24
N PHE A 50 19.01 -34.01 -11.75
CA PHE A 50 20.06 -34.62 -10.94
C PHE A 50 20.46 -33.64 -9.83
N SER A 51 20.55 -34.13 -8.59
CA SER A 51 20.75 -33.22 -7.45
C SER A 51 21.63 -33.90 -6.40
N PHE A 52 22.46 -33.13 -5.68
CA PHE A 52 22.64 -31.67 -5.81
C PHE A 52 24.11 -31.35 -6.03
N LEU A 53 24.39 -30.39 -6.91
CA LEU A 53 25.69 -29.73 -6.94
C LEU A 53 25.60 -28.47 -6.08
N ASP A 54 26.70 -27.74 -5.99
CA ASP A 54 26.81 -26.62 -5.04
C ASP A 54 27.53 -25.46 -5.70
N ILE A 55 27.69 -24.38 -4.95
N ILE A 55 27.69 -24.38 -4.95
CA ILE A 55 28.61 -23.31 -5.30
CA ILE A 55 28.61 -23.30 -5.27
C ILE A 55 29.71 -23.31 -4.25
C ILE A 55 29.72 -23.33 -4.23
N ASN A 56 30.96 -23.41 -4.68
CA ASN A 56 32.09 -23.53 -3.77
C ASN A 56 32.62 -22.16 -3.35
N SER A 57 33.67 -22.16 -2.52
CA SER A 57 34.24 -20.89 -2.03
C SER A 57 34.93 -20.12 -3.14
N ASN A 58 35.28 -20.78 -4.25
N ASN A 58 35.28 -20.78 -4.25
CA ASN A 58 35.75 -20.06 -5.43
CA ASN A 58 35.75 -20.09 -5.44
C ASN A 58 34.61 -19.44 -6.22
C ASN A 58 34.61 -19.43 -6.22
N LEU A 59 33.38 -19.55 -5.73
CA LEU A 59 32.21 -18.92 -6.34
C LEU A 59 31.89 -19.50 -7.72
N GLU A 60 32.13 -20.81 -7.86
CA GLU A 60 31.81 -21.55 -9.08
C GLU A 60 30.90 -22.72 -8.76
N CYS A 61 30.05 -23.06 -9.73
N CYS A 61 30.08 -23.07 -9.75
CA CYS A 61 29.31 -24.31 -9.65
CA CYS A 61 29.33 -24.34 -9.73
C CYS A 61 30.30 -25.47 -9.53
C CYS A 61 30.30 -25.50 -9.56
N ALA A 62 30.02 -26.38 -8.60
CA ALA A 62 30.96 -27.47 -8.34
C ALA A 62 30.27 -28.64 -7.69
N TRP A 63 30.82 -29.84 -7.93
CA TRP A 63 30.46 -31.01 -7.14
C TRP A 63 30.99 -30.85 -5.71
N ASP A 64 30.33 -31.50 -4.76
CA ASP A 64 30.90 -31.68 -3.44
C ASP A 64 32.35 -32.15 -3.60
N PRO A 65 33.32 -31.49 -2.97
CA PRO A 65 34.74 -31.84 -3.20
C PRO A 65 35.10 -33.25 -2.75
N ALA A 66 34.26 -33.91 -1.95
CA ALA A 66 34.49 -35.30 -1.58
C ALA A 66 34.04 -36.28 -2.64
N THR A 67 33.45 -35.81 -3.74
CA THR A 67 32.94 -36.70 -4.77
C THR A 67 34.07 -37.35 -5.54
N ASN A 68 33.97 -38.67 -5.74
CA ASN A 68 34.84 -39.39 -6.66
C ASN A 68 34.36 -39.06 -8.07
N ASP A 69 35.18 -38.33 -8.83
CA ASP A 69 34.74 -37.80 -10.11
C ASP A 69 34.43 -38.92 -11.11
N ALA A 70 35.25 -39.97 -11.12
CA ALA A 70 34.99 -41.07 -12.04
C ALA A 70 33.64 -41.71 -11.77
N LYS A 71 33.30 -41.91 -10.49
N LYS A 71 33.30 -41.91 -10.49
CA LYS A 71 32.01 -42.50 -10.16
CA LYS A 71 32.01 -42.49 -10.17
C LYS A 71 30.87 -41.54 -10.48
C LYS A 71 30.87 -41.54 -10.48
N ALA A 72 31.09 -40.23 -10.27
CA ALA A 72 30.06 -39.25 -10.60
C ALA A 72 29.74 -39.27 -12.09
N ARG A 73 30.78 -39.32 -12.93
CA ARG A 73 30.55 -39.35 -14.37
C ARG A 73 29.82 -40.61 -14.77
N ASP A 74 30.15 -41.73 -14.13
CA ASP A 74 29.46 -42.98 -14.43
C ASP A 74 27.96 -42.87 -14.11
N VAL A 75 27.62 -42.29 -12.96
CA VAL A 75 26.22 -42.15 -12.58
C VAL A 75 25.49 -41.25 -13.56
N VAL A 76 26.09 -40.09 -13.87
CA VAL A 76 25.46 -39.16 -14.81
C VAL A 76 25.31 -39.82 -16.19
N ASN A 77 26.32 -40.56 -16.63
CA ASN A 77 26.24 -41.24 -17.92
C ASN A 77 25.09 -42.24 -17.97
N ARG A 78 24.83 -42.92 -16.85
CA ARG A 78 23.69 -43.83 -16.82
C ARG A 78 22.37 -43.07 -16.99
N LEU A 79 22.27 -41.89 -16.38
CA LEU A 79 21.07 -41.08 -16.57
C LEU A 79 20.95 -40.60 -18.02
N THR A 80 22.02 -40.05 -18.59
CA THR A 80 21.91 -39.53 -19.95
C THR A 80 21.68 -40.65 -20.96
N ALA A 81 22.10 -41.87 -20.64
CA ALA A 81 21.81 -43.01 -21.50
C ALA A 81 20.30 -43.25 -21.64
N LEU A 82 19.51 -42.82 -20.64
CA LEU A 82 18.07 -43.00 -20.71
C LEU A 82 17.44 -42.22 -21.85
N LYS A 83 18.12 -41.19 -22.37
N LYS A 83 18.13 -41.18 -22.37
CA LYS A 83 17.57 -40.40 -23.46
CA LYS A 83 17.59 -40.40 -23.46
C LYS A 83 17.37 -41.24 -24.71
C LYS A 83 17.41 -41.23 -24.73
N ALA A 84 18.03 -42.40 -24.80
CA ALA A 84 17.78 -43.30 -25.92
C ALA A 84 16.33 -43.77 -25.96
N HIS A 85 15.64 -43.77 -24.83
CA HIS A 85 14.26 -44.22 -24.77
C HIS A 85 13.25 -43.10 -24.91
N ASN A 86 13.70 -41.85 -24.95
CA ASN A 86 12.78 -40.72 -24.96
C ASN A 86 13.52 -39.51 -25.53
N PRO A 87 13.28 -39.18 -26.81
CA PRO A 87 14.00 -38.05 -27.42
C PRO A 87 13.58 -36.69 -26.90
N SER A 88 12.61 -36.62 -25.99
CA SER A 88 12.26 -35.37 -25.34
C SER A 88 12.88 -35.22 -23.97
N LEU A 89 13.48 -36.28 -23.44
CA LEU A 89 13.95 -36.29 -22.06
C LEU A 89 15.21 -35.42 -21.91
N ARG A 90 15.23 -34.61 -20.85
CA ARG A 90 16.42 -33.86 -20.47
C ARG A 90 16.91 -34.30 -19.10
N ILE A 91 18.23 -34.45 -18.95
CA ILE A 91 18.86 -34.64 -17.65
C ILE A 91 19.42 -33.28 -17.24
N MET A 92 18.67 -32.56 -16.43
N MET A 92 18.68 -32.55 -16.42
CA MET A 92 19.15 -31.33 -15.82
CA MET A 92 19.18 -31.30 -15.87
C MET A 92 20.06 -31.66 -14.65
C MET A 92 19.89 -31.56 -14.56
N PHE A 93 20.80 -30.65 -14.19
CA PHE A 93 21.46 -30.73 -12.90
C PHE A 93 21.03 -29.54 -12.05
N SER A 94 20.89 -29.80 -10.75
CA SER A 94 20.38 -28.82 -9.80
C SER A 94 21.49 -28.36 -8.87
N ILE A 95 21.64 -27.04 -8.74
N ILE A 95 21.54 -27.05 -8.61
CA ILE A 95 22.58 -26.43 -7.81
CA ILE A 95 22.59 -26.43 -7.81
C ILE A 95 21.79 -25.95 -6.61
C ILE A 95 21.94 -25.78 -6.60
N GLY A 96 22.26 -26.28 -5.41
CA GLY A 96 21.68 -25.73 -4.20
C GLY A 96 20.93 -26.74 -3.35
N GLY A 97 19.64 -26.51 -3.16
CA GLY A 97 18.85 -27.28 -2.22
C GLY A 97 18.96 -26.71 -0.82
N TRP A 98 18.13 -27.24 0.07
CA TRP A 98 18.05 -26.70 1.43
C TRP A 98 19.38 -26.79 2.18
N TYR A 99 19.99 -27.97 2.17
CA TYR A 99 21.18 -28.19 2.98
C TYR A 99 22.30 -27.19 2.62
N TYR A 100 22.56 -27.02 1.33
CA TYR A 100 23.65 -26.13 0.93
C TYR A 100 23.27 -24.67 1.06
N SER A 101 22.04 -24.29 0.68
CA SER A 101 21.74 -22.90 0.35
C SER A 101 20.78 -22.20 1.29
N ASN A 102 20.20 -22.88 2.29
CA ASN A 102 19.34 -22.15 3.22
C ASN A 102 20.15 -21.09 3.96
N ASP A 103 19.43 -20.17 4.62
CA ASP A 103 20.08 -19.02 5.24
C ASP A 103 21.22 -19.43 6.17
N LEU A 104 21.08 -20.59 6.82
CA LEU A 104 22.10 -21.11 7.73
C LEU A 104 22.83 -22.30 7.14
N GLY A 105 22.71 -22.51 5.83
CA GLY A 105 23.32 -23.66 5.20
C GLY A 105 24.83 -23.53 5.05
N VAL A 106 25.47 -24.68 4.85
CA VAL A 106 26.93 -24.75 4.90
C VAL A 106 27.58 -23.88 3.82
N SER A 107 26.91 -23.68 2.68
CA SER A 107 27.49 -22.96 1.55
C SER A 107 26.82 -21.62 1.28
N HIS A 108 25.99 -21.14 2.22
CA HIS A 108 25.10 -20.03 1.92
C HIS A 108 25.86 -18.80 1.41
N ALA A 109 26.99 -18.44 2.05
CA ALA A 109 27.70 -17.24 1.65
C ALA A 109 28.18 -17.31 0.20
N ASN A 110 28.43 -18.53 -0.30
CA ASN A 110 28.89 -18.67 -1.67
C ASN A 110 27.79 -18.30 -2.66
N TYR A 111 26.53 -18.55 -2.32
CA TYR A 111 25.42 -18.13 -3.17
C TYR A 111 25.32 -16.61 -3.22
N VAL A 112 25.36 -15.98 -2.03
CA VAL A 112 25.33 -14.53 -1.94
C VAL A 112 26.46 -13.92 -2.74
N ASN A 113 27.67 -14.46 -2.58
CA ASN A 113 28.83 -13.82 -3.21
C ASN A 113 28.92 -14.11 -4.69
N ALA A 114 28.45 -15.27 -5.15
CA ALA A 114 28.57 -15.61 -6.57
C ALA A 114 27.74 -14.67 -7.45
N VAL A 115 26.68 -14.08 -6.91
CA VAL A 115 25.78 -13.26 -7.71
C VAL A 115 25.98 -11.78 -7.47
N LYS A 116 26.96 -11.39 -6.65
N LYS A 116 26.97 -11.40 -6.66
CA LYS A 116 27.01 -10.05 -6.07
CA LYS A 116 27.06 -10.07 -6.07
C LYS A 116 27.57 -8.97 -7.01
C LYS A 116 27.51 -9.00 -7.05
N THR A 117 28.41 -9.33 -7.97
CA THR A 117 29.05 -8.35 -8.84
C THR A 117 29.03 -8.85 -10.27
N PRO A 118 29.17 -7.95 -11.26
CA PRO A 118 29.27 -8.42 -12.65
C PRO A 118 30.34 -9.47 -12.86
N ALA A 119 31.53 -9.26 -12.29
CA ALA A 119 32.61 -10.22 -12.51
C ALA A 119 32.31 -11.56 -11.86
N ALA A 120 31.75 -11.54 -10.65
CA ALA A 120 31.37 -12.79 -10.00
C ALA A 120 30.31 -13.53 -10.81
N ARG A 121 29.33 -12.79 -11.32
CA ARG A 121 28.26 -13.44 -12.09
C ARG A 121 28.80 -14.06 -13.36
N THR A 122 29.76 -13.41 -14.03
CA THR A 122 30.34 -13.98 -15.24
C THR A 122 31.06 -15.28 -14.93
N LYS A 123 31.90 -15.28 -13.89
CA LYS A 123 32.63 -16.48 -13.50
C LYS A 123 31.68 -17.61 -13.10
N PHE A 124 30.66 -17.27 -12.31
CA PHE A 124 29.68 -18.27 -11.88
C PHE A 124 28.91 -18.83 -13.09
N ALA A 125 28.37 -17.95 -13.93
CA ALA A 125 27.60 -18.40 -15.08
C ALA A 125 28.44 -19.31 -15.98
N GLN A 126 29.68 -18.91 -16.26
CA GLN A 126 30.54 -19.74 -17.09
C GLN A 126 30.76 -21.11 -16.47
N SER A 127 30.95 -21.15 -15.15
CA SER A 127 31.18 -22.45 -14.50
C SER A 127 29.96 -23.36 -14.62
N CYS A 128 28.75 -22.79 -14.56
N CYS A 128 28.74 -22.81 -14.61
CA CYS A 128 27.54 -23.59 -14.70
CA CYS A 128 27.59 -23.70 -14.67
C CYS A 128 27.50 -24.28 -16.05
C CYS A 128 27.31 -24.22 -16.07
N VAL A 129 27.74 -23.51 -17.12
CA VAL A 129 27.67 -24.08 -18.46
C VAL A 129 28.83 -25.04 -18.70
N ARG A 130 30.00 -24.74 -18.12
N ARG A 130 30.01 -24.74 -18.14
CA ARG A 130 31.14 -25.65 -18.22
CA ARG A 130 31.13 -25.67 -18.24
C ARG A 130 30.83 -27.00 -17.57
C ARG A 130 30.76 -27.01 -17.60
N ILE A 131 30.21 -26.98 -16.39
CA ILE A 131 29.80 -28.23 -15.75
C ILE A 131 28.76 -28.95 -16.61
N MET A 132 27.81 -28.20 -17.16
N MET A 132 27.79 -28.20 -17.14
CA MET A 132 26.75 -28.81 -17.97
CA MET A 132 26.76 -28.81 -17.98
C MET A 132 27.33 -29.54 -19.17
C MET A 132 27.37 -29.57 -19.14
N LYS A 133 28.33 -28.93 -19.83
CA LYS A 133 28.93 -29.55 -21.01
C LYS A 133 29.87 -30.67 -20.64
N ASP A 134 30.65 -30.49 -19.56
N ASP A 134 30.66 -30.49 -19.57
CA ASP A 134 31.66 -31.47 -19.19
CA ASP A 134 31.67 -31.50 -19.22
C ASP A 134 31.02 -32.80 -18.81
C ASP A 134 31.03 -32.82 -18.80
N TYR A 135 29.89 -32.77 -18.12
CA TYR A 135 29.23 -33.97 -17.63
C TYR A 135 28.10 -34.46 -18.52
N GLY A 136 27.69 -33.67 -19.51
CA GLY A 136 26.67 -34.09 -20.46
C GLY A 136 25.25 -33.78 -20.05
N PHE A 137 25.05 -32.82 -19.15
CA PHE A 137 23.70 -32.45 -18.75
C PHE A 137 23.03 -31.62 -19.84
N ASP A 138 21.70 -31.48 -19.71
CA ASP A 138 20.87 -30.83 -20.73
C ASP A 138 20.34 -29.46 -20.31
N GLY A 139 20.72 -28.99 -19.14
CA GLY A 139 20.28 -27.70 -18.67
C GLY A 139 20.70 -27.52 -17.24
N VAL A 140 20.43 -26.30 -16.74
CA VAL A 140 20.84 -25.86 -15.41
C VAL A 140 19.58 -25.54 -14.61
N ASP A 141 19.50 -26.07 -13.39
CA ASP A 141 18.42 -25.75 -12.46
C ASP A 141 19.04 -25.18 -11.19
N ILE A 142 18.58 -24.02 -10.75
N ILE A 142 18.55 -24.02 -10.75
CA ILE A 142 19.14 -23.38 -9.57
CA ILE A 142 19.08 -23.34 -9.58
C ILE A 142 18.10 -23.40 -8.45
C ILE A 142 18.06 -23.43 -8.45
N ASP A 143 18.48 -23.99 -7.32
CA ASP A 143 17.59 -24.13 -6.17
C ASP A 143 18.16 -23.43 -4.96
N TRP A 144 18.31 -22.12 -5.03
CA TRP A 144 18.74 -21.34 -3.88
C TRP A 144 17.51 -21.04 -3.03
N GLU A 145 17.51 -21.52 -1.79
CA GLU A 145 16.35 -21.41 -0.91
C GLU A 145 16.70 -20.51 0.28
N TYR A 146 16.68 -19.18 0.11
CA TYR A 146 16.19 -18.42 -1.05
C TYR A 146 16.94 -17.08 -1.01
N PRO A 147 17.14 -16.45 -2.17
CA PRO A 147 17.75 -15.11 -2.15
C PRO A 147 16.86 -14.13 -1.39
N GLN A 148 17.51 -13.29 -0.59
N GLN A 148 17.50 -13.28 -0.58
CA GLN A 148 16.85 -12.23 0.17
CA GLN A 148 16.77 -12.25 0.15
C GLN A 148 16.97 -10.92 -0.60
C GLN A 148 16.45 -11.10 -0.79
N ALA A 149 16.00 -10.02 -0.35
N ALA A 149 15.57 -10.20 -0.35
CA ALA A 149 15.78 -8.84 -1.20
CA ALA A 149 15.16 -9.09 -1.22
C ALA A 149 17.07 -8.18 -1.65
C ALA A 149 16.37 -8.30 -1.72
N ALA A 150 18.03 -8.01 -0.72
N ALA A 150 17.34 -8.05 -0.82
CA ALA A 150 19.32 -7.43 -1.07
CA ALA A 150 18.51 -7.25 -1.19
C ALA A 150 20.04 -8.20 -2.16
C ALA A 150 19.42 -7.93 -2.22
N GLU A 151 19.68 -9.48 -2.37
N GLU A 151 19.37 -9.27 -2.33
CA GLU A 151 20.33 -10.35 -3.34
CA GLU A 151 20.21 -10.08 -3.21
C GLU A 151 19.52 -10.56 -4.61
C GLU A 151 19.55 -10.40 -4.56
N VAL A 152 18.29 -10.04 -4.70
CA VAL A 152 17.46 -10.44 -5.84
C VAL A 152 18.00 -9.85 -7.16
N ASP A 153 18.44 -8.59 -7.14
CA ASP A 153 18.94 -8.01 -8.39
C ASP A 153 20.14 -8.78 -8.93
N GLY A 154 21.05 -9.19 -8.04
CA GLY A 154 22.18 -9.99 -8.49
C GLY A 154 21.76 -11.35 -8.99
N PHE A 155 20.83 -12.00 -8.27
CA PHE A 155 20.27 -13.28 -8.70
C PHE A 155 19.67 -13.18 -10.10
N ILE A 156 18.85 -12.15 -10.34
CA ILE A 156 18.26 -11.91 -11.65
C ILE A 156 19.34 -11.79 -12.71
N ALA A 157 20.34 -10.95 -12.45
CA ALA A 157 21.42 -10.76 -13.43
C ALA A 157 22.18 -12.05 -13.68
N ALA A 158 22.34 -12.89 -12.65
CA ALA A 158 23.00 -14.18 -12.86
C ALA A 158 22.17 -15.08 -13.76
N LEU A 159 20.86 -15.14 -13.54
CA LEU A 159 20.00 -15.94 -14.40
C LEU A 159 20.05 -15.43 -15.84
N GLN A 160 20.00 -14.11 -16.04
CA GLN A 160 20.09 -13.57 -17.38
C GLN A 160 21.40 -13.97 -18.06
N GLU A 161 22.50 -13.93 -17.31
N GLU A 161 22.50 -13.93 -17.31
CA GLU A 161 23.79 -14.26 -17.89
CA GLU A 161 23.80 -14.26 -17.89
C GLU A 161 23.89 -15.73 -18.25
C GLU A 161 23.91 -15.74 -18.24
N ILE A 162 23.43 -16.62 -17.36
CA ILE A 162 23.40 -18.05 -17.68
C ILE A 162 22.56 -18.29 -18.92
N ARG A 163 21.39 -17.64 -19.02
CA ARG A 163 20.54 -17.80 -20.19
C ARG A 163 21.28 -17.49 -21.47
N THR A 164 22.00 -16.37 -21.52
CA THR A 164 22.75 -16.05 -22.74
C THR A 164 23.76 -17.12 -23.08
N LEU A 165 24.50 -17.60 -22.07
CA LEU A 165 25.51 -18.63 -22.33
C LEU A 165 24.87 -19.94 -22.77
N LEU A 166 23.73 -20.31 -22.19
CA LEU A 166 23.02 -21.51 -22.64
C LEU A 166 22.56 -21.37 -24.09
N ASN A 167 22.05 -20.19 -24.45
CA ASN A 167 21.62 -19.97 -25.83
C ASN A 167 22.80 -20.06 -26.80
N GLN A 168 23.96 -19.53 -26.42
CA GLN A 168 25.17 -19.73 -27.22
C GLN A 168 25.47 -21.21 -27.39
N GLN A 169 25.37 -21.98 -26.30
CA GLN A 169 25.66 -23.40 -26.36
C GLN A 169 24.67 -24.14 -27.25
N THR A 170 23.39 -23.75 -27.21
CA THR A 170 22.40 -24.37 -28.08
C THR A 170 22.76 -24.17 -29.55
N ILE A 171 23.21 -22.97 -29.91
CA ILE A 171 23.64 -22.71 -31.28
C ILE A 171 24.87 -23.54 -31.62
N ALA A 172 25.87 -23.53 -30.73
CA ALA A 172 27.12 -24.23 -31.01
C ALA A 172 26.88 -25.71 -31.25
N ASP A 173 25.95 -26.31 -30.52
CA ASP A 173 25.70 -27.75 -30.60
C ASP A 173 24.55 -28.10 -31.52
N GLY A 174 23.97 -27.12 -32.22
CA GLY A 174 22.85 -27.42 -33.09
C GLY A 174 21.70 -28.07 -32.35
N ARG A 175 21.37 -27.55 -31.16
CA ARG A 175 20.42 -28.19 -30.26
C ARG A 175 19.05 -27.54 -30.29
N GLN A 176 18.67 -26.91 -31.41
CA GLN A 176 17.39 -26.22 -31.50
C GLN A 176 16.20 -27.16 -31.27
N ALA A 177 16.35 -28.45 -31.58
CA ALA A 177 15.26 -29.39 -31.33
C ALA A 177 15.11 -29.74 -29.85
N LEU A 178 16.15 -29.53 -29.05
CA LEU A 178 16.11 -29.80 -27.63
C LEU A 178 17.04 -28.81 -26.94
N PRO A 179 16.68 -27.53 -26.94
CA PRO A 179 17.62 -26.51 -26.50
C PRO A 179 17.95 -26.65 -25.02
N TYR A 180 19.17 -26.22 -24.67
CA TYR A 180 19.56 -26.21 -23.27
C TYR A 180 18.64 -25.28 -22.49
N GLN A 181 18.24 -25.73 -21.30
CA GLN A 181 17.20 -25.06 -20.54
C GLN A 181 17.74 -24.52 -19.21
N LEU A 182 17.03 -23.53 -18.67
CA LEU A 182 17.32 -22.94 -17.37
C LEU A 182 16.03 -22.94 -16.55
N THR A 183 16.06 -23.52 -15.36
CA THR A 183 14.91 -23.52 -14.47
C THR A 183 15.36 -23.12 -13.07
N ILE A 184 14.40 -22.77 -12.20
CA ILE A 184 14.66 -22.70 -10.77
C ILE A 184 13.58 -23.45 -10.02
N ALA A 185 13.94 -23.88 -8.80
CA ALA A 185 12.97 -24.28 -7.81
C ALA A 185 12.58 -23.01 -7.04
N GLY A 186 11.31 -22.64 -7.13
CA GLY A 186 10.81 -21.44 -6.49
C GLY A 186 10.05 -21.72 -5.20
N ALA A 187 9.96 -20.72 -4.34
CA ALA A 187 9.16 -20.83 -3.15
C ALA A 187 7.72 -21.17 -3.51
N GLY A 188 7.10 -22.04 -2.70
CA GLY A 188 5.71 -22.39 -2.86
C GLY A 188 4.82 -21.86 -1.76
N GLY A 189 5.33 -20.97 -0.90
CA GLY A 189 4.52 -20.33 0.14
C GLY A 189 4.92 -18.87 0.27
N ALA A 190 3.96 -18.06 0.72
CA ALA A 190 4.10 -16.60 0.63
C ALA A 190 5.25 -16.04 1.47
N PHE A 191 5.63 -16.69 2.57
CA PHE A 191 6.69 -16.11 3.39
C PHE A 191 8.02 -16.07 2.67
N PHE A 192 8.48 -17.20 2.15
CA PHE A 192 9.71 -17.17 1.39
C PHE A 192 9.52 -16.46 0.06
N LEU A 193 8.36 -16.64 -0.57
CA LEU A 193 8.10 -15.99 -1.85
C LEU A 193 8.23 -14.47 -1.73
N SER A 194 7.86 -13.91 -0.58
CA SER A 194 7.88 -12.46 -0.41
C SER A 194 9.28 -11.89 -0.58
N ARG A 195 10.33 -12.71 -0.46
CA ARG A 195 11.68 -12.20 -0.63
C ARG A 195 11.91 -11.62 -2.01
N TYR A 196 11.40 -12.27 -3.05
CA TYR A 196 11.66 -11.86 -4.42
C TYR A 196 10.40 -11.57 -5.23
N TYR A 197 9.23 -11.64 -4.58
CA TYR A 197 7.95 -11.54 -5.29
C TYR A 197 7.85 -10.29 -6.16
N SER A 198 8.31 -9.14 -5.64
CA SER A 198 8.11 -7.91 -6.40
C SER A 198 8.81 -7.95 -7.76
N LYS A 199 9.84 -8.77 -7.92
CA LYS A 199 10.60 -8.84 -9.16
C LYS A 199 10.39 -10.17 -9.88
N LEU A 200 9.23 -10.79 -9.63
CA LEU A 200 8.95 -12.12 -10.16
C LEU A 200 9.04 -12.16 -11.68
N ALA A 201 8.59 -11.11 -12.37
CA ALA A 201 8.62 -11.14 -13.83
C ALA A 201 10.06 -11.20 -14.34
N GLN A 202 10.98 -10.49 -13.68
CA GLN A 202 12.38 -10.51 -14.11
C GLN A 202 13.02 -11.84 -13.80
N ILE A 203 12.63 -12.48 -12.69
N ILE A 203 12.63 -12.48 -12.69
CA ILE A 203 13.16 -13.80 -12.34
CA ILE A 203 13.15 -13.80 -12.35
C ILE A 203 12.72 -14.83 -13.37
C ILE A 203 12.72 -14.84 -13.36
N VAL A 204 11.46 -14.77 -13.79
CA VAL A 204 10.90 -15.82 -14.65
C VAL A 204 11.28 -15.63 -16.11
N ALA A 205 11.55 -14.39 -16.54
CA ALA A 205 11.83 -14.11 -17.95
C ALA A 205 12.92 -14.99 -18.55
N PRO A 206 14.07 -15.22 -17.90
CA PRO A 206 15.12 -16.06 -18.51
C PRO A 206 14.89 -17.54 -18.34
N LEU A 207 13.82 -17.96 -17.67
CA LEU A 207 13.60 -19.37 -17.36
C LEU A 207 12.70 -20.04 -18.38
N ASP A 208 12.92 -21.35 -18.57
CA ASP A 208 11.91 -22.16 -19.24
C ASP A 208 10.77 -22.47 -18.29
N TYR A 209 11.08 -22.72 -17.02
CA TYR A 209 10.06 -23.02 -16.02
C TYR A 209 10.53 -22.50 -14.67
N ILE A 210 9.56 -22.08 -13.86
CA ILE A 210 9.75 -21.92 -12.42
C ILE A 210 8.98 -23.04 -11.74
N ASN A 211 9.72 -23.92 -11.06
CA ASN A 211 9.14 -25.13 -10.46
C ASN A 211 8.78 -24.81 -9.02
N LEU A 212 7.49 -24.62 -8.76
CA LEU A 212 7.07 -24.18 -7.42
C LEU A 212 7.18 -25.32 -6.42
N MET A 213 7.81 -25.06 -5.29
N MET A 213 7.84 -25.07 -5.29
CA MET A 213 7.93 -26.06 -4.23
CA MET A 213 7.93 -26.08 -4.24
C MET A 213 6.67 -26.00 -3.37
C MET A 213 6.68 -26.01 -3.37
N THR A 214 5.56 -26.39 -3.99
CA THR A 214 4.23 -26.35 -3.37
C THR A 214 3.99 -27.60 -2.51
N TYR A 215 4.87 -27.73 -1.52
CA TYR A 215 4.84 -28.77 -0.50
C TYR A 215 5.63 -28.22 0.68
N ASP A 216 5.75 -29.01 1.74
CA ASP A 216 6.35 -28.52 2.99
C ASP A 216 5.59 -27.29 3.50
N LEU A 217 4.30 -27.17 3.17
CA LEU A 217 3.49 -26.08 3.68
C LEU A 217 3.00 -26.36 5.10
N ALA A 218 3.29 -27.55 5.62
CA ALA A 218 3.13 -27.88 7.02
C ALA A 218 4.37 -28.66 7.41
N GLY A 219 4.66 -28.69 8.70
CA GLY A 219 5.84 -29.37 9.19
C GLY A 219 5.97 -29.19 10.68
N PRO A 220 7.01 -29.78 11.27
CA PRO A 220 7.13 -29.75 12.74
C PRO A 220 7.40 -28.36 13.29
N TRP A 221 7.80 -27.41 12.43
CA TRP A 221 8.02 -26.03 12.84
C TRP A 221 6.73 -25.27 13.07
N GLU A 222 5.58 -25.83 12.70
CA GLU A 222 4.29 -25.22 12.96
C GLU A 222 3.66 -25.82 14.20
N LYS A 223 2.96 -24.98 14.98
N LYS A 223 2.94 -24.99 14.95
CA LYS A 223 2.41 -25.46 16.24
CA LYS A 223 2.27 -25.44 16.17
C LYS A 223 1.32 -26.49 16.04
C LYS A 223 1.21 -26.48 15.89
N ILE A 224 0.53 -26.38 14.97
N ILE A 224 0.56 -26.39 14.73
CA ILE A 224 -0.54 -27.33 14.71
CA ILE A 224 -0.69 -27.11 14.45
C ILE A 224 -0.31 -28.06 13.39
C ILE A 224 -0.46 -28.01 13.24
N THR A 225 -0.80 -29.30 13.36
CA THR A 225 -0.66 -30.16 12.19
C THR A 225 -1.56 -29.65 11.07
N ASN A 226 -1.15 -29.90 9.84
CA ASN A 226 -1.90 -29.48 8.67
C ASN A 226 -1.43 -30.32 7.50
N HIS A 227 -2.21 -30.26 6.42
CA HIS A 227 -1.79 -30.81 5.15
C HIS A 227 -0.62 -30.02 4.59
N GLN A 228 0.40 -30.71 4.10
CA GLN A 228 1.60 -30.04 3.60
C GLN A 228 1.47 -29.58 2.15
N ALA A 229 0.43 -30.02 1.44
CA ALA A 229 0.26 -29.66 0.05
C ALA A 229 -1.23 -29.67 -0.31
N ALA A 230 -2.05 -29.04 0.54
CA ALA A 230 -3.46 -28.92 0.24
C ALA A 230 -3.64 -28.19 -1.09
N LEU A 231 -4.53 -28.71 -1.94
CA LEU A 231 -4.81 -28.00 -3.20
C LEU A 231 -5.61 -26.73 -2.92
N PHE A 232 -6.74 -26.87 -2.22
CA PHE A 232 -7.59 -25.77 -1.82
C PHE A 232 -7.68 -25.74 -0.30
N GLY A 233 -8.26 -24.68 0.24
CA GLY A 233 -8.29 -24.49 1.67
C GLY A 233 -9.48 -25.14 2.38
N ASP A 234 -9.25 -25.45 3.66
CA ASP A 234 -10.26 -25.96 4.58
C ASP A 234 -10.45 -24.90 5.65
N ALA A 235 -11.67 -24.38 5.76
CA ALA A 235 -11.92 -23.33 6.75
C ALA A 235 -11.68 -23.80 8.18
N ALA A 236 -11.69 -25.11 8.43
CA ALA A 236 -11.36 -25.62 9.75
C ALA A 236 -9.86 -25.61 10.03
N GLY A 237 -9.04 -25.46 9.00
CA GLY A 237 -7.61 -25.51 9.16
C GLY A 237 -7.03 -24.15 9.53
N PRO A 238 -5.72 -24.13 9.79
CA PRO A 238 -5.05 -22.88 10.15
C PRO A 238 -5.02 -21.92 8.97
N THR A 239 -4.83 -20.64 9.31
CA THR A 239 -4.61 -19.62 8.30
C THR A 239 -3.34 -18.86 8.65
N PHE A 240 -2.83 -18.11 7.68
CA PHE A 240 -1.53 -17.46 7.77
C PHE A 240 -1.61 -16.01 7.33
N TYR A 241 -0.73 -15.20 7.91
CA TYR A 241 -0.54 -13.82 7.45
C TYR A 241 -0.07 -13.82 6.01
N ASN A 242 -0.60 -12.91 5.19
CA ASN A 242 -0.21 -12.82 3.79
C ASN A 242 0.95 -11.84 3.66
N ALA A 243 2.18 -12.37 3.77
CA ALA A 243 3.37 -11.51 3.75
C ALA A 243 3.53 -10.74 2.45
N LEU A 244 2.89 -11.18 1.36
CA LEU A 244 3.04 -10.48 0.09
C LEU A 244 2.52 -9.05 0.16
N ARG A 245 1.57 -8.77 1.06
CA ARG A 245 1.01 -7.41 1.13
C ARG A 245 2.01 -6.40 1.65
N GLU A 246 3.15 -6.85 2.17
CA GLU A 246 4.22 -6.00 2.65
C GLU A 246 5.42 -5.94 1.70
N ALA A 247 5.33 -6.59 0.54
CA ALA A 247 6.42 -6.53 -0.44
C ALA A 247 6.50 -5.15 -1.06
N ASN A 248 7.67 -4.82 -1.60
CA ASN A 248 7.92 -3.47 -2.12
C ASN A 248 7.38 -3.37 -3.55
N LEU A 249 6.06 -3.29 -3.64
CA LEU A 249 5.35 -3.27 -4.92
C LEU A 249 4.98 -1.88 -5.41
N GLY A 250 4.87 -0.92 -4.50
CA GLY A 250 4.41 0.41 -4.87
C GLY A 250 2.92 0.51 -5.11
N TRP A 251 2.14 -0.49 -4.70
CA TRP A 251 0.70 -0.53 -4.96
C TRP A 251 -0.08 0.20 -3.88
N SER A 252 -1.33 0.54 -4.19
CA SER A 252 -2.18 1.27 -3.27
C SER A 252 -2.84 0.32 -2.27
N TRP A 253 -3.53 0.89 -1.27
CA TRP A 253 -4.22 0.06 -0.29
C TRP A 253 -5.24 -0.86 -0.97
N GLU A 254 -6.07 -0.31 -1.86
CA GLU A 254 -7.08 -1.13 -2.55
C GLU A 254 -6.42 -2.22 -3.41
N GLU A 255 -5.34 -1.86 -4.11
CA GLU A 255 -4.65 -2.83 -4.96
C GLU A 255 -4.06 -3.95 -4.13
N LEU A 256 -3.40 -3.60 -3.01
CA LEU A 256 -2.84 -4.62 -2.13
C LEU A 256 -3.92 -5.51 -1.53
N THR A 257 -5.01 -4.90 -1.08
CA THR A 257 -6.09 -5.66 -0.45
C THR A 257 -6.74 -6.63 -1.42
N ARG A 258 -6.95 -6.20 -2.67
CA ARG A 258 -7.58 -7.04 -3.67
C ARG A 258 -6.69 -8.22 -4.05
N ALA A 259 -5.38 -8.05 -4.00
CA ALA A 259 -4.44 -9.10 -4.38
C ALA A 259 -4.11 -10.04 -3.24
N PHE A 260 -4.11 -9.55 -2.00
CA PHE A 260 -3.48 -10.24 -0.87
C PHE A 260 -4.42 -10.36 0.32
N PRO A 261 -5.50 -11.14 0.19
CA PRO A 261 -6.34 -11.39 1.36
C PRO A 261 -5.52 -11.98 2.51
N SER A 262 -5.82 -11.52 3.73
CA SER A 262 -5.04 -11.92 4.89
C SER A 262 -5.96 -11.94 6.11
N PRO A 263 -5.94 -12.99 6.92
CA PRO A 263 -5.12 -14.19 6.67
C PRO A 263 -5.68 -15.04 5.54
N PHE A 264 -4.90 -16.02 5.09
CA PHE A 264 -5.31 -16.85 3.97
C PHE A 264 -4.88 -18.30 4.22
N SER A 265 -5.43 -19.19 3.40
CA SER A 265 -5.10 -20.61 3.49
C SER A 265 -3.86 -20.90 2.64
N LEU A 266 -2.84 -21.46 3.29
CA LEU A 266 -1.56 -21.76 2.63
C LEU A 266 -1.71 -23.04 1.82
N THR A 267 -1.99 -22.90 0.53
CA THR A 267 -2.35 -24.02 -0.33
C THR A 267 -1.57 -23.94 -1.64
N VAL A 268 -1.63 -25.02 -2.41
CA VAL A 268 -1.01 -25.04 -3.73
C VAL A 268 -1.67 -24.00 -4.62
N ASP A 269 -3.01 -23.95 -4.61
CA ASP A 269 -3.74 -22.94 -5.39
C ASP A 269 -3.31 -21.52 -5.03
N ALA A 270 -3.10 -21.24 -3.74
CA ALA A 270 -2.66 -19.90 -3.35
C ALA A 270 -1.33 -19.55 -4.03
N ALA A 271 -0.35 -20.45 -3.96
CA ALA A 271 0.95 -20.17 -4.57
C ALA A 271 0.82 -19.95 -6.08
N VAL A 272 0.08 -20.82 -6.77
CA VAL A 272 -0.08 -20.66 -8.21
C VAL A 272 -0.73 -19.32 -8.54
N GLN A 273 -1.84 -19.00 -7.85
CA GLN A 273 -2.52 -17.75 -8.14
C GLN A 273 -1.63 -16.54 -7.82
N GLN A 274 -0.84 -16.64 -6.74
CA GLN A 274 0.06 -15.54 -6.43
C GLN A 274 1.05 -15.26 -7.55
N HIS A 275 1.51 -16.31 -8.24
CA HIS A 275 2.37 -16.10 -9.39
C HIS A 275 1.60 -15.50 -10.58
N LEU A 276 0.40 -16.02 -10.85
CA LEU A 276 -0.37 -15.53 -11.98
C LEU A 276 -0.78 -14.07 -11.82
N MET A 277 -0.82 -13.56 -10.58
N MET A 277 -0.98 -13.61 -10.58
CA MET A 277 -1.17 -12.17 -10.34
CA MET A 277 -1.40 -12.24 -10.35
C MET A 277 -0.14 -11.21 -10.90
C MET A 277 -0.37 -11.22 -10.82
N MET A 278 1.14 -11.57 -10.90
N MET A 278 0.85 -11.64 -11.14
CA MET A 278 2.19 -10.65 -11.33
CA MET A 278 1.90 -10.71 -11.51
C MET A 278 2.23 -10.56 -12.85
C MET A 278 2.00 -10.56 -13.01
N GLU A 279 2.12 -9.35 -13.37
N GLU A 279 2.04 -9.32 -13.47
CA GLU A 279 2.17 -9.16 -14.82
CA GLU A 279 2.20 -9.04 -14.88
C GLU A 279 3.50 -9.64 -15.36
C GLU A 279 3.51 -9.63 -15.38
N GLY A 280 3.46 -10.30 -16.52
CA GLY A 280 4.66 -10.83 -17.13
C GLY A 280 5.06 -12.19 -16.65
N VAL A 281 4.25 -12.86 -15.82
CA VAL A 281 4.53 -14.22 -15.39
C VAL A 281 3.57 -15.15 -16.11
N PRO A 282 4.00 -15.81 -17.19
CA PRO A 282 3.06 -16.61 -17.98
C PRO A 282 2.75 -17.95 -17.32
N SER A 283 1.48 -18.35 -17.41
CA SER A 283 1.05 -19.62 -16.82
C SER A 283 1.87 -20.79 -17.33
N ALA A 284 2.25 -20.76 -18.63
CA ALA A 284 2.96 -21.89 -19.23
C ALA A 284 4.33 -22.12 -18.62
N LYS A 285 4.90 -21.14 -17.91
CA LYS A 285 6.18 -21.34 -17.25
C LYS A 285 6.03 -21.82 -15.81
N ILE A 286 4.83 -21.78 -15.24
CA ILE A 286 4.63 -22.20 -13.86
C ILE A 286 4.45 -23.71 -13.82
N VAL A 287 5.27 -24.38 -13.01
CA VAL A 287 5.20 -25.83 -12.84
C VAL A 287 4.83 -26.10 -11.37
N MET A 288 3.84 -26.95 -11.16
N MET A 288 3.85 -26.96 -11.16
CA MET A 288 3.37 -27.26 -9.81
CA MET A 288 3.37 -27.27 -9.82
C MET A 288 4.19 -28.40 -9.22
C MET A 288 4.22 -28.40 -9.24
N GLY A 289 4.91 -28.12 -8.13
CA GLY A 289 5.61 -29.17 -7.41
C GLY A 289 4.64 -30.02 -6.59
N VAL A 290 4.92 -31.32 -6.52
CA VAL A 290 4.17 -32.23 -5.66
C VAL A 290 5.15 -33.10 -4.89
N PRO A 291 4.81 -33.51 -3.67
CA PRO A 291 5.72 -34.36 -2.90
C PRO A 291 5.41 -35.84 -3.12
N PHE A 292 6.48 -36.63 -3.29
CA PHE A 292 6.35 -38.09 -3.29
C PHE A 292 6.60 -38.69 -1.89
N TYR A 293 6.50 -37.87 -0.85
CA TYR A 293 6.70 -38.29 0.53
C TYR A 293 5.62 -37.62 1.38
N GLY A 294 5.41 -38.21 2.55
CA GLY A 294 4.57 -37.61 3.57
C GLY A 294 5.35 -37.04 4.73
N ARG A 295 4.75 -36.11 5.47
CA ARG A 295 5.32 -35.59 6.70
C ARG A 295 4.50 -36.11 7.87
N ALA A 296 5.19 -36.70 8.85
CA ALA A 296 4.58 -37.39 9.97
C ALA A 296 4.73 -36.58 11.25
N PHE A 297 3.70 -36.62 12.08
CA PHE A 297 3.66 -35.91 13.35
C PHE A 297 3.22 -36.89 14.43
N LYS A 298 3.73 -36.71 15.64
CA LYS A 298 3.32 -37.53 16.79
C LYS A 298 2.72 -36.63 17.86
N GLY A 299 2.16 -37.27 18.88
CA GLY A 299 1.53 -36.52 19.97
C GLY A 299 0.28 -35.78 19.57
N VAL A 300 -0.46 -36.27 18.55
CA VAL A 300 -1.67 -35.59 18.09
C VAL A 300 -2.89 -36.06 18.87
N SER A 301 -3.87 -35.18 18.95
N SER A 301 -3.89 -35.20 18.93
CA SER A 301 -5.14 -35.47 19.59
CA SER A 301 -5.14 -35.49 19.64
C SER A 301 -6.09 -36.13 18.60
C SER A 301 -6.24 -35.85 18.65
N GLY A 302 -7.19 -36.66 19.12
CA GLY A 302 -8.26 -37.17 18.29
C GLY A 302 -9.28 -36.11 17.94
N GLY A 303 -10.36 -36.57 17.30
CA GLY A 303 -11.46 -35.68 16.98
C GLY A 303 -11.62 -35.43 15.51
N ASN A 304 -10.54 -35.07 14.83
CA ASN A 304 -10.55 -34.79 13.40
C ASN A 304 -9.46 -35.53 12.68
N GLY A 305 -9.24 -36.80 13.06
CA GLY A 305 -8.27 -37.62 12.36
C GLY A 305 -6.84 -37.11 12.46
N GLY A 306 -6.53 -36.34 13.50
CA GLY A 306 -5.20 -35.80 13.66
C GLY A 306 -4.97 -34.48 12.96
N GLN A 307 -5.93 -33.98 12.19
CA GLN A 307 -5.78 -32.71 11.49
C GLN A 307 -5.93 -31.55 12.47
N TYR A 308 -5.07 -30.54 12.33
CA TYR A 308 -5.26 -29.27 13.02
C TYR A 308 -5.12 -29.42 14.53
N SER A 309 -4.21 -30.31 14.94
CA SER A 309 -3.98 -30.66 16.32
C SER A 309 -2.62 -30.14 16.76
N SER A 310 -2.48 -29.86 18.07
CA SER A 310 -1.13 -29.72 18.58
C SER A 310 -0.40 -31.05 18.43
N HIS A 311 0.92 -31.00 18.57
CA HIS A 311 1.72 -32.20 18.35
C HIS A 311 3.03 -32.03 19.11
N SER A 312 3.78 -33.13 19.21
N SER A 312 3.77 -33.13 19.22
CA SER A 312 5.04 -33.16 19.93
CA SER A 312 5.05 -33.17 19.93
C SER A 312 6.18 -33.63 19.02
C SER A 312 6.17 -33.65 19.02
N THR A 313 6.20 -33.17 17.77
CA THR A 313 7.19 -33.63 16.80
C THR A 313 8.43 -32.74 16.86
N PRO A 314 9.60 -33.29 17.18
CA PRO A 314 10.82 -32.48 17.17
C PRO A 314 11.02 -31.82 15.81
N GLY A 315 11.44 -30.55 15.84
CA GLY A 315 11.75 -29.85 14.63
C GLY A 315 13.22 -29.70 14.34
N GLU A 316 14.09 -30.21 15.21
CA GLU A 316 15.52 -29.97 15.07
C GLU A 316 16.12 -30.85 13.98
N ASP A 317 17.25 -30.41 13.45
N ASP A 317 17.26 -30.41 13.46
CA ASP A 317 18.01 -31.19 12.49
CA ASP A 317 18.03 -31.15 12.47
C ASP A 317 19.43 -31.33 13.01
C ASP A 317 19.44 -31.32 13.00
N PRO A 318 19.96 -32.55 13.11
CA PRO A 318 19.25 -33.79 12.73
C PRO A 318 18.23 -34.19 13.78
N TYR A 319 17.40 -35.17 13.47
N TYR A 319 17.43 -35.21 13.48
CA TYR A 319 16.44 -35.66 14.43
CA TYR A 319 16.45 -35.69 14.44
C TYR A 319 17.16 -36.00 15.74
C TYR A 319 17.16 -36.02 15.75
N PRO A 320 16.67 -35.52 16.89
CA PRO A 320 17.51 -35.45 18.10
C PRO A 320 17.61 -36.70 18.96
N ASN A 321 16.98 -37.81 18.61
CA ASN A 321 17.15 -39.02 19.40
C ASN A 321 16.93 -40.22 18.49
N ALA A 322 16.93 -41.42 19.07
CA ALA A 322 16.77 -42.64 18.30
C ALA A 322 15.39 -43.27 18.47
N ASP A 323 14.39 -42.49 18.88
CA ASP A 323 13.02 -42.99 18.93
C ASP A 323 12.41 -42.85 17.55
N TYR A 324 12.42 -43.94 16.78
CA TYR A 324 11.79 -43.92 15.46
C TYR A 324 10.36 -44.40 15.63
N TRP A 325 9.48 -43.45 15.92
CA TRP A 325 8.12 -43.72 16.40
C TRP A 325 7.10 -43.87 15.29
N LEU A 326 7.49 -43.71 14.02
CA LEU A 326 6.54 -43.86 12.92
C LEU A 326 6.40 -45.36 12.66
N VAL A 327 5.38 -45.96 13.27
CA VAL A 327 5.22 -47.42 13.27
C VAL A 327 5.22 -47.94 11.84
N GLY A 328 6.03 -49.00 11.60
CA GLY A 328 6.06 -49.60 10.28
C GLY A 328 6.98 -48.93 9.27
N CYS A 329 7.58 -47.78 9.60
CA CYS A 329 8.41 -47.07 8.62
C CYS A 329 9.84 -47.57 8.71
N ASP A 330 10.15 -48.63 7.95
CA ASP A 330 11.50 -49.16 8.01
C ASP A 330 12.51 -48.22 7.38
N GLU A 331 12.11 -47.47 6.35
CA GLU A 331 13.00 -46.50 5.74
C GLU A 331 13.36 -45.42 6.75
N CYS A 332 12.45 -45.09 7.66
CA CYS A 332 12.72 -44.09 8.69
C CYS A 332 13.83 -44.53 9.63
N VAL A 333 13.89 -45.84 9.92
CA VAL A 333 14.98 -46.34 10.74
C VAL A 333 16.30 -46.22 9.99
N ARG A 334 16.30 -46.63 8.72
CA ARG A 334 17.49 -46.51 7.87
C ARG A 334 17.98 -45.06 7.84
N ASP A 335 17.07 -44.11 7.71
CA ASP A 335 17.41 -42.70 7.55
C ASP A 335 17.43 -41.95 8.87
N LYS A 336 17.19 -42.64 9.98
CA LYS A 336 17.27 -42.08 11.33
C LYS A 336 16.36 -40.86 11.50
N ASP A 337 15.15 -40.94 10.96
CA ASP A 337 14.26 -39.79 11.07
C ASP A 337 12.82 -40.25 10.82
N PRO A 338 11.95 -40.22 11.83
CA PRO A 338 10.57 -40.67 11.65
C PRO A 338 9.62 -39.61 11.09
N ARG A 339 10.12 -38.44 10.69
CA ARG A 339 9.24 -37.33 10.32
C ARG A 339 8.93 -37.28 8.82
N ILE A 340 9.59 -38.09 8.01
CA ILE A 340 9.40 -38.10 6.57
C ILE A 340 9.27 -39.56 6.15
N ALA A 341 8.28 -39.87 5.33
CA ALA A 341 8.12 -41.24 4.83
C ALA A 341 7.77 -41.18 3.35
N SER A 342 8.54 -41.90 2.53
CA SER A 342 8.23 -41.96 1.11
C SER A 342 6.85 -42.55 0.89
N TYR A 343 6.23 -42.17 -0.25
CA TYR A 343 5.00 -42.84 -0.66
C TYR A 343 5.19 -44.35 -0.71
N ARG A 344 6.34 -44.80 -1.25
N ARG A 344 6.33 -44.81 -1.23
CA ARG A 344 6.68 -46.22 -1.29
CA ARG A 344 6.62 -46.24 -1.28
C ARG A 344 6.50 -46.87 0.09
C ARG A 344 6.48 -46.88 0.10
N GLN A 345 7.04 -46.23 1.13
CA GLN A 345 6.92 -46.77 2.47
C GLN A 345 5.51 -46.62 3.03
N LEU A 346 4.84 -45.49 2.74
CA LEU A 346 3.49 -45.28 3.25
C LEU A 346 2.52 -46.37 2.77
N GLU A 347 2.64 -46.79 1.52
N GLU A 347 2.65 -46.80 1.52
CA GLU A 347 1.83 -47.92 1.03
CA GLU A 347 1.82 -47.91 1.03
C GLU A 347 2.00 -49.12 1.94
C GLU A 347 2.00 -49.14 1.90
N GLN A 348 3.24 -49.48 2.23
CA GLN A 348 3.51 -50.67 3.02
C GLN A 348 2.98 -50.49 4.44
N MET A 349 3.09 -49.27 4.98
N MET A 349 3.03 -49.26 4.96
CA MET A 349 2.60 -49.00 6.33
CA MET A 349 2.49 -48.99 6.29
C MET A 349 1.09 -49.16 6.40
C MET A 349 0.99 -49.23 6.33
N LEU A 350 0.39 -48.74 5.34
N LEU A 350 0.26 -48.81 5.29
CA LEU A 350 -1.05 -48.91 5.29
CA LEU A 350 -1.17 -49.09 5.22
C LEU A 350 -1.44 -50.37 5.10
C LEU A 350 -1.42 -50.57 5.03
N GLN A 351 -0.63 -51.14 4.36
N GLN A 351 -0.58 -51.25 4.23
CA GLN A 351 -0.96 -52.53 4.08
CA GLN A 351 -0.80 -52.66 3.96
C GLN A 351 -0.66 -53.46 5.25
C GLN A 351 -0.60 -53.52 5.20
N GLY A 352 0.36 -53.14 6.06
CA GLY A 352 0.71 -53.95 7.19
C GLY A 352 -0.18 -53.73 8.40
N ASN A 353 0.05 -54.55 9.44
CA ASN A 353 -0.74 -54.46 10.67
C ASN A 353 -0.12 -53.42 11.59
N TYR A 354 -0.21 -52.16 11.17
CA TYR A 354 0.49 -51.09 11.87
C TYR A 354 -0.44 -50.05 12.50
N GLY A 355 -1.75 -50.15 12.30
CA GLY A 355 -2.69 -49.29 13.01
C GLY A 355 -3.09 -48.00 12.31
N TYR A 356 -2.78 -47.83 11.04
CA TYR A 356 -3.14 -46.60 10.33
C TYR A 356 -4.48 -46.72 9.63
N GLN A 357 -5.20 -45.60 9.59
N GLN A 357 -5.23 -45.61 9.65
CA GLN A 357 -6.40 -45.48 8.76
CA GLN A 357 -6.37 -45.40 8.78
C GLN A 357 -6.15 -44.38 7.73
C GLN A 357 -5.95 -44.43 7.69
N ARG A 358 -6.40 -44.68 6.46
CA ARG A 358 -6.27 -43.69 5.40
C ARG A 358 -7.57 -42.89 5.35
N LEU A 359 -7.47 -41.58 5.52
CA LEU A 359 -8.61 -40.68 5.47
C LEU A 359 -8.43 -39.69 4.31
N TRP A 360 -9.50 -38.99 3.98
CA TRP A 360 -9.49 -38.08 2.83
C TRP A 360 -10.17 -36.79 3.21
N ASN A 361 -9.52 -35.67 2.91
CA ASN A 361 -10.14 -34.36 3.11
C ASN A 361 -10.65 -33.88 1.76
N ASP A 362 -11.97 -33.77 1.63
N ASP A 362 -11.97 -33.77 1.63
CA ASP A 362 -12.55 -33.44 0.34
CA ASP A 362 -12.57 -33.44 0.35
C ASP A 362 -12.53 -31.95 0.03
C ASP A 362 -12.57 -31.94 0.04
N LYS A 363 -12.07 -31.11 0.95
CA LYS A 363 -11.84 -29.70 0.66
C LYS A 363 -10.43 -29.49 0.12
N THR A 364 -9.42 -30.02 0.83
CA THR A 364 -8.05 -29.90 0.36
C THR A 364 -7.74 -30.85 -0.79
N LYS A 365 -8.58 -31.88 -0.97
CA LYS A 365 -8.36 -32.92 -1.99
C LYS A 365 -7.04 -33.66 -1.77
N THR A 366 -6.76 -34.00 -0.51
CA THR A 366 -5.53 -34.71 -0.18
C THR A 366 -5.81 -35.79 0.86
N PRO A 367 -5.05 -36.88 0.83
CA PRO A 367 -5.20 -37.95 1.81
C PRO A 367 -4.34 -37.67 3.04
N TYR A 368 -4.64 -38.42 4.10
CA TYR A 368 -3.81 -38.38 5.31
C TYR A 368 -3.96 -39.69 6.05
N LEU A 369 -2.93 -40.05 6.80
CA LEU A 369 -2.99 -41.22 7.67
C LEU A 369 -3.20 -40.76 9.10
N TYR A 370 -3.99 -41.53 9.84
CA TYR A 370 -4.23 -41.28 11.25
C TYR A 370 -3.98 -42.59 11.99
N HIS A 371 -3.13 -42.53 13.01
CA HIS A 371 -2.88 -43.66 13.92
C HIS A 371 -3.55 -43.30 15.24
N ALA A 372 -4.75 -43.85 15.44
CA ALA A 372 -5.56 -43.46 16.60
C ALA A 372 -4.93 -43.92 17.89
N GLN A 373 -4.29 -45.10 17.90
CA GLN A 373 -3.81 -45.60 19.19
C GLN A 373 -2.63 -44.80 19.70
N ASN A 374 -1.69 -44.42 18.82
CA ASN A 374 -0.49 -43.73 19.27
C ASN A 374 -0.58 -42.22 19.10
N GLY A 375 -1.57 -41.72 18.37
CA GLY A 375 -1.66 -40.30 18.11
C GLY A 375 -0.66 -39.82 17.06
N LEU A 376 -0.71 -40.41 15.87
CA LEU A 376 0.14 -40.01 14.75
C LEU A 376 -0.72 -39.50 13.60
N PHE A 377 -0.17 -38.54 12.86
CA PHE A 377 -0.83 -37.95 11.70
C PHE A 377 0.21 -37.84 10.59
N VAL A 378 -0.14 -38.28 9.37
CA VAL A 378 0.76 -38.15 8.24
C VAL A 378 0.02 -37.45 7.11
N THR A 379 0.62 -36.37 6.59
CA THR A 379 0.09 -35.68 5.40
C THR A 379 0.94 -36.05 4.18
N TYR A 380 0.27 -36.51 3.12
CA TYR A 380 0.97 -36.97 1.92
C TYR A 380 0.07 -36.78 0.71
N ASP A 381 0.59 -37.15 -0.46
CA ASP A 381 -0.13 -37.10 -1.73
C ASP A 381 -0.14 -38.48 -2.38
N ASP A 382 -1.14 -38.73 -3.21
CA ASP A 382 -1.24 -40.05 -3.84
C ASP A 382 -1.84 -39.90 -5.23
N ALA A 383 -2.13 -41.04 -5.86
CA ALA A 383 -2.67 -40.96 -7.21
C ALA A 383 -4.03 -40.30 -7.25
N GLU A 384 -4.76 -40.31 -6.12
CA GLU A 384 -6.06 -39.64 -6.09
C GLU A 384 -5.89 -38.12 -5.98
N SER A 385 -5.05 -37.65 -5.06
CA SER A 385 -4.84 -36.19 -5.00
C SER A 385 -4.25 -35.68 -6.30
N PHE A 386 -3.47 -36.51 -6.99
CA PHE A 386 -2.90 -36.09 -8.26
C PHE A 386 -3.96 -35.93 -9.36
N LYS A 387 -5.12 -36.58 -9.26
CA LYS A 387 -6.18 -36.31 -10.22
C LYS A 387 -6.59 -34.85 -10.17
N TYR A 388 -6.80 -34.34 -8.96
CA TYR A 388 -7.26 -32.95 -8.82
C TYR A 388 -6.16 -31.98 -9.19
N LYS A 389 -4.92 -32.29 -8.79
CA LYS A 389 -3.81 -31.40 -9.14
C LYS A 389 -3.56 -31.39 -10.65
N ALA A 390 -3.67 -32.55 -11.29
CA ALA A 390 -3.51 -32.59 -12.74
C ALA A 390 -4.62 -31.80 -13.44
N LYS A 391 -5.86 -31.93 -12.97
CA LYS A 391 -6.94 -31.16 -13.57
C LYS A 391 -6.70 -29.66 -13.39
N TYR A 392 -6.21 -29.26 -12.22
CA TYR A 392 -5.89 -27.85 -11.97
C TYR A 392 -4.80 -27.37 -12.91
N ILE A 393 -3.77 -28.20 -13.11
CA ILE A 393 -2.69 -27.84 -14.03
C ILE A 393 -3.25 -27.58 -15.42
N LYS A 394 -4.20 -28.42 -15.86
CA LYS A 394 -4.78 -28.22 -17.19
C LYS A 394 -5.70 -26.99 -17.22
N GLN A 395 -6.57 -26.85 -16.23
N GLN A 395 -6.55 -26.83 -16.20
CA GLN A 395 -7.49 -25.72 -16.19
CA GLN A 395 -7.49 -25.71 -16.20
C GLN A 395 -6.74 -24.40 -16.20
C GLN A 395 -6.78 -24.37 -16.14
N GLN A 396 -5.71 -24.28 -15.35
CA GLN A 396 -4.95 -23.06 -15.21
C GLN A 396 -3.86 -22.90 -16.26
N GLN A 397 -3.75 -23.83 -17.19
CA GLN A 397 -2.80 -23.75 -18.30
C GLN A 397 -1.36 -23.62 -17.81
N LEU A 398 -1.03 -24.39 -16.78
CA LEU A 398 0.32 -24.39 -16.23
C LEU A 398 1.24 -25.23 -17.11
N GLY A 399 2.54 -25.10 -16.85
CA GLY A 399 3.53 -25.79 -17.67
C GLY A 399 3.60 -27.28 -17.42
N GLY A 400 3.26 -27.73 -16.22
CA GLY A 400 3.33 -29.14 -15.90
C GLY A 400 3.51 -29.34 -14.41
N VAL A 401 4.20 -30.44 -14.07
CA VAL A 401 4.36 -30.90 -12.70
C VAL A 401 5.83 -31.22 -12.45
N MET A 402 6.25 -31.00 -11.20
N MET A 402 6.26 -30.99 -11.20
CA MET A 402 7.57 -31.36 -10.72
CA MET A 402 7.58 -31.35 -10.72
C MET A 402 7.41 -32.13 -9.42
C MET A 402 7.38 -32.16 -9.44
N PHE A 403 8.33 -33.05 -9.15
CA PHE A 403 8.23 -33.81 -7.90
C PHE A 403 9.57 -34.16 -7.28
N TRP A 404 9.56 -34.23 -5.95
CA TRP A 404 10.68 -34.69 -5.12
C TRP A 404 10.21 -35.91 -4.34
N HIS A 405 10.87 -37.07 -4.50
CA HIS A 405 11.85 -37.37 -5.54
C HIS A 405 11.59 -38.78 -6.09
N LEU A 406 12.29 -39.14 -7.17
CA LEU A 406 12.00 -40.38 -7.89
C LEU A 406 12.11 -41.62 -6.99
N GLY A 407 13.07 -41.64 -6.06
CA GLY A 407 13.24 -42.83 -5.22
C GLY A 407 12.07 -43.08 -4.27
N GLN A 408 11.21 -42.09 -4.08
CA GLN A 408 10.08 -42.21 -3.17
C GLN A 408 8.81 -42.70 -3.83
N ASP A 409 8.74 -42.73 -5.17
CA ASP A 409 7.65 -43.44 -5.81
C ASP A 409 7.76 -44.91 -5.43
N ASN A 410 6.65 -45.65 -5.59
CA ASN A 410 6.74 -47.07 -5.29
C ASN A 410 7.53 -47.79 -6.39
N ARG A 411 7.77 -49.08 -6.15
CA ARG A 411 8.63 -49.85 -7.03
C ARG A 411 8.11 -49.85 -8.46
N ASN A 412 6.78 -49.88 -8.63
CA ASN A 412 6.20 -49.89 -9.96
C ASN A 412 6.09 -48.51 -10.58
N GLY A 413 6.46 -47.45 -9.87
CA GLY A 413 6.36 -46.12 -10.44
C GLY A 413 4.94 -45.62 -10.59
N ASP A 414 4.06 -45.99 -9.65
CA ASP A 414 2.63 -45.74 -9.85
C ASP A 414 2.31 -44.25 -9.81
N LEU A 415 3.00 -43.45 -8.98
CA LEU A 415 2.70 -42.01 -8.93
C LEU A 415 3.08 -41.33 -10.25
N LEU A 416 4.29 -41.63 -10.75
CA LEU A 416 4.69 -41.08 -12.04
C LEU A 416 3.78 -41.54 -13.16
N ALA A 417 3.39 -42.82 -13.15
CA ALA A 417 2.50 -43.33 -14.18
C ALA A 417 1.15 -42.63 -14.12
N ALA A 418 0.68 -42.31 -12.90
CA ALA A 418 -0.60 -41.62 -12.77
C ALA A 418 -0.53 -40.22 -13.37
N LEU A 419 0.51 -39.46 -13.03
CA LEU A 419 0.65 -38.13 -13.60
C LEU A 419 0.69 -38.19 -15.12
N ASP A 420 1.48 -39.12 -15.66
CA ASP A 420 1.55 -39.26 -17.12
C ASP A 420 0.18 -39.59 -17.72
N ARG A 421 -0.57 -40.48 -17.06
CA ARG A 421 -1.90 -40.82 -17.54
C ARG A 421 -2.84 -39.61 -17.55
N TYR A 422 -2.82 -38.83 -16.46
CA TYR A 422 -3.76 -37.72 -16.37
C TYR A 422 -3.49 -36.65 -17.41
N PHE A 423 -2.25 -36.53 -17.86
CA PHE A 423 -1.91 -35.57 -18.90
C PHE A 423 -2.03 -36.13 -20.31
N ASN A 424 -1.74 -37.43 -20.52
CA ASN A 424 -1.49 -37.95 -21.85
C ASN A 424 -2.35 -39.11 -22.31
N ALA A 425 -3.03 -39.81 -21.41
CA ALA A 425 -3.79 -41.00 -21.82
C ALA A 425 -5.05 -40.58 -22.58
N ALA A 426 -5.23 -41.15 -23.77
CA ALA A 426 -6.39 -40.79 -24.59
C ALA A 426 -7.70 -41.24 -23.93
N ASP A 427 -7.67 -42.29 -23.12
CA ASP A 427 -8.88 -42.84 -22.52
C ASP A 427 -9.16 -42.30 -21.13
N TYR A 428 -8.33 -41.39 -20.63
CA TYR A 428 -8.57 -40.82 -19.31
C TYR A 428 -9.44 -39.57 -19.46
N ASP A 429 -10.51 -39.50 -18.68
CA ASP A 429 -11.50 -38.43 -18.77
C ASP A 429 -11.72 -37.86 -17.37
N ASP A 430 -11.31 -36.61 -17.15
CA ASP A 430 -11.58 -35.93 -15.89
C ASP A 430 -12.59 -34.79 -16.06
N SER A 431 -13.38 -34.79 -17.13
CA SER A 431 -14.32 -33.71 -17.36
C SER A 431 -15.35 -33.61 -16.23
N GLN A 432 -15.66 -34.73 -15.59
CA GLN A 432 -16.64 -34.78 -14.51
C GLN A 432 -15.99 -34.82 -13.13
N LEU A 433 -14.67 -34.67 -13.03
CA LEU A 433 -14.02 -34.69 -11.74
C LEU A 433 -14.39 -33.43 -10.97
N ASP A 434 -15.06 -33.59 -9.83
N ASP A 434 -15.04 -33.61 -9.82
CA ASP A 434 -15.56 -32.44 -9.08
CA ASP A 434 -15.53 -32.51 -9.02
C ASP A 434 -14.45 -31.88 -8.21
C ASP A 434 -14.37 -31.90 -8.23
N MET A 435 -14.06 -30.63 -8.48
CA MET A 435 -12.97 -29.98 -7.77
C MET A 435 -13.33 -29.52 -6.37
N GLY A 436 -14.59 -29.68 -5.95
CA GLY A 436 -14.97 -29.47 -4.58
C GLY A 436 -15.25 -28.03 -4.23
N THR A 437 -15.53 -27.81 -2.95
CA THR A 437 -15.86 -26.49 -2.44
C THR A 437 -14.81 -25.96 -1.48
N GLY A 438 -13.60 -26.51 -1.53
CA GLY A 438 -12.50 -25.94 -0.77
C GLY A 438 -12.26 -24.49 -1.14
N LEU A 439 -11.59 -23.78 -0.24
CA LEU A 439 -11.41 -22.35 -0.40
C LEU A 439 -10.39 -22.06 -1.51
N ARG A 440 -10.82 -21.28 -2.50
CA ARG A 440 -9.91 -20.78 -3.52
C ARG A 440 -9.25 -19.49 -3.07
N TYR A 441 -8.04 -19.27 -3.54
CA TYR A 441 -7.38 -17.98 -3.37
C TYR A 441 -8.03 -17.00 -4.33
N THR A 442 -8.62 -15.95 -3.77
CA THR A 442 -9.45 -15.02 -4.53
C THR A 442 -8.72 -13.78 -5.00
N GLY A 443 -7.42 -13.69 -4.78
CA GLY A 443 -6.69 -12.46 -5.07
C GLY A 443 -6.63 -12.19 -6.58
N VAL A 444 -6.70 -10.92 -6.93
CA VAL A 444 -6.53 -10.46 -8.30
C VAL A 444 -5.46 -9.38 -8.33
N GLY A 445 -4.57 -9.50 -9.31
CA GLY A 445 -3.52 -8.53 -9.54
C GLY A 445 -3.47 -8.17 -11.01
N PRO A 446 -2.47 -7.37 -11.41
CA PRO A 446 -2.42 -6.89 -12.80
C PRO A 446 -2.28 -7.99 -13.84
N GLY A 447 -1.71 -9.14 -13.46
CA GLY A 447 -1.46 -10.21 -14.40
C GLY A 447 -2.58 -11.22 -14.59
N ASN A 448 -3.67 -11.12 -13.83
CA ASN A 448 -4.77 -12.08 -13.92
C ASN A 448 -6.12 -11.39 -13.84
N LEU A 449 -6.26 -10.24 -14.52
CA LEU A 449 -7.52 -9.53 -14.54
C LEU A 449 -8.58 -10.39 -15.22
N PRO A 450 -9.75 -10.56 -14.62
CA PRO A 450 -10.80 -11.36 -15.27
C PRO A 450 -11.43 -10.58 -16.41
N ILE A 451 -11.99 -11.34 -17.36
N ILE A 451 -12.00 -11.33 -17.36
CA ILE A 451 -12.76 -10.75 -18.44
CA ILE A 451 -12.81 -10.73 -18.40
C ILE A 451 -14.07 -10.25 -17.87
C ILE A 451 -14.10 -10.20 -17.77
N MET A 452 -14.31 -8.94 -17.98
N MET A 452 -14.47 -8.97 -18.13
CA MET A 452 -15.51 -8.32 -17.46
CA MET A 452 -15.68 -8.35 -17.60
C MET A 452 -16.10 -7.39 -18.51
C MET A 452 -16.35 -7.51 -18.68
N THR A 453 -17.37 -7.05 -18.32
N THR A 453 -17.60 -7.14 -18.40
CA THR A 453 -18.04 -6.07 -19.14
CA THR A 453 -18.35 -6.19 -19.19
C THR A 453 -18.78 -5.09 -18.23
C THR A 453 -18.87 -5.10 -18.25
N ALA A 454 -19.05 -3.91 -18.78
CA ALA A 454 -19.67 -2.81 -18.04
C ALA A 454 -20.04 -1.73 -19.04
N PRO A 455 -20.99 -0.86 -18.69
CA PRO A 455 -21.35 0.23 -19.60
C PRO A 455 -20.19 1.22 -19.73
N ALA A 456 -20.10 1.82 -20.92
CA ALA A 456 -19.03 2.76 -21.19
C ALA A 456 -19.05 3.94 -20.22
N TYR A 457 -17.87 4.38 -19.82
CA TYR A 457 -17.72 5.57 -19.00
C TYR A 457 -18.30 6.78 -19.75
N VAL A 458 -19.01 7.63 -19.02
CA VAL A 458 -19.67 8.81 -19.58
C VAL A 458 -19.14 10.05 -18.86
N PRO A 459 -18.45 10.96 -19.56
CA PRO A 459 -18.03 12.21 -18.92
C PRO A 459 -19.22 13.00 -18.39
N GLY A 460 -19.04 13.59 -17.20
CA GLY A 460 -20.07 14.36 -16.56
C GLY A 460 -20.97 13.57 -15.62
N THR A 461 -20.97 12.25 -15.74
CA THR A 461 -21.78 11.42 -14.86
C THR A 461 -21.10 11.27 -13.50
N THR A 462 -21.90 11.32 -12.44
CA THR A 462 -21.40 11.22 -11.07
C THR A 462 -21.55 9.77 -10.59
N TYR A 463 -20.42 9.09 -10.39
CA TYR A 463 -20.43 7.66 -10.09
C TYR A 463 -20.28 7.43 -8.58
N ALA A 464 -21.23 6.69 -8.01
CA ALA A 464 -21.17 6.31 -6.62
C ALA A 464 -20.09 5.25 -6.39
N GLN A 465 -19.74 5.05 -5.12
N GLN A 465 -19.74 5.05 -5.12
CA GLN A 465 -18.74 4.04 -4.76
CA GLN A 465 -18.73 4.05 -4.76
C GLN A 465 -19.19 2.68 -5.26
C GLN A 465 -19.17 2.67 -5.23
N GLY A 466 -18.26 1.95 -5.88
CA GLY A 466 -18.54 0.63 -6.39
C GLY A 466 -19.05 0.56 -7.80
N ALA A 467 -19.33 1.71 -8.43
CA ALA A 467 -19.80 1.72 -9.81
C ALA A 467 -18.75 1.13 -10.74
N LEU A 468 -19.21 0.42 -11.77
CA LEU A 468 -18.35 -0.20 -12.78
C LEU A 468 -18.59 0.43 -14.16
N VAL A 469 -17.50 0.77 -14.85
CA VAL A 469 -17.56 1.31 -16.20
C VAL A 469 -16.50 0.63 -17.06
N SER A 470 -16.71 0.67 -18.37
CA SER A 470 -15.69 0.25 -19.31
C SER A 470 -15.04 1.49 -19.91
N TYR A 471 -13.73 1.42 -20.11
CA TYR A 471 -13.00 2.59 -20.62
C TYR A 471 -11.64 2.15 -21.11
N GLN A 472 -11.35 2.43 -22.37
CA GLN A 472 -10.00 2.26 -22.92
C GLN A 472 -9.48 0.83 -22.69
N GLY A 473 -10.35 -0.15 -22.95
CA GLY A 473 -9.96 -1.54 -22.94
C GLY A 473 -10.13 -2.27 -21.63
N TYR A 474 -10.57 -1.59 -20.58
CA TYR A 474 -10.63 -2.20 -19.25
C TYR A 474 -11.95 -1.87 -18.59
N VAL A 475 -12.25 -2.61 -17.52
CA VAL A 475 -13.38 -2.34 -16.64
C VAL A 475 -12.82 -1.80 -15.34
N TRP A 476 -13.40 -0.70 -14.88
CA TRP A 476 -12.90 0.06 -13.74
C TRP A 476 -14.02 0.19 -12.71
N GLN A 477 -13.62 0.25 -11.44
CA GLN A 477 -14.56 0.42 -10.33
C GLN A 477 -14.16 1.61 -9.48
N THR A 478 -15.14 2.44 -9.11
CA THR A 478 -14.82 3.57 -8.23
C THR A 478 -14.51 3.07 -6.83
N LYS A 479 -13.50 3.64 -6.21
N LYS A 479 -13.51 3.67 -6.21
CA LYS A 479 -13.14 3.27 -4.84
CA LYS A 479 -13.13 3.30 -4.86
C LYS A 479 -13.90 4.06 -3.79
C LYS A 479 -13.97 4.01 -3.83
N TRP A 480 -14.46 5.21 -4.18
CA TRP A 480 -15.38 5.97 -3.35
C TRP A 480 -16.29 6.71 -4.31
N GLY A 481 -17.21 7.51 -3.77
CA GLY A 481 -18.04 8.35 -4.60
C GLY A 481 -18.12 9.74 -3.99
N TYR A 482 -18.57 10.71 -4.78
CA TYR A 482 -18.94 10.54 -6.19
C TYR A 482 -17.78 10.96 -7.07
N ILE A 483 -17.52 10.17 -8.11
CA ILE A 483 -16.38 10.36 -9.00
C ILE A 483 -16.87 10.85 -10.35
N THR A 484 -16.16 11.83 -10.92
CA THR A 484 -16.41 12.24 -12.30
C THR A 484 -15.16 12.21 -13.18
N SER A 485 -14.02 11.80 -12.64
CA SER A 485 -12.80 11.80 -13.43
C SER A 485 -12.80 10.65 -14.44
N ALA A 486 -11.96 10.78 -15.46
CA ALA A 486 -11.82 9.69 -16.41
C ALA A 486 -11.04 8.54 -15.77
N PRO A 487 -11.48 7.30 -15.96
CA PRO A 487 -10.77 6.16 -15.35
C PRO A 487 -9.31 6.13 -15.77
N GLY A 488 -8.44 5.93 -14.78
CA GLY A 488 -7.01 5.92 -15.00
C GLY A 488 -6.34 7.26 -14.88
N SER A 489 -7.11 8.35 -14.82
CA SER A 489 -6.53 9.69 -14.79
C SER A 489 -6.14 10.13 -13.38
N ASP A 490 -6.62 9.47 -12.35
CA ASP A 490 -6.29 9.83 -10.98
C ASP A 490 -6.43 8.58 -10.12
N SER A 491 -6.50 8.75 -8.82
CA SER A 491 -6.47 7.60 -7.92
C SER A 491 -7.84 7.00 -7.63
N ALA A 492 -8.92 7.52 -8.22
CA ALA A 492 -10.25 7.15 -7.76
C ALA A 492 -10.76 5.84 -8.33
N TRP A 493 -10.16 5.36 -9.42
CA TRP A 493 -10.68 4.20 -10.14
C TRP A 493 -9.71 3.04 -9.99
N LEU A 494 -10.26 1.87 -9.68
CA LEU A 494 -9.49 0.63 -9.61
C LEU A 494 -9.74 -0.15 -10.89
N LYS A 495 -8.66 -0.56 -11.56
CA LYS A 495 -8.79 -1.40 -12.73
C LYS A 495 -9.09 -2.82 -12.26
N VAL A 496 -10.32 -3.30 -12.51
CA VAL A 496 -10.76 -4.58 -11.98
C VAL A 496 -10.89 -5.67 -13.04
N GLY A 497 -11.02 -5.33 -14.32
CA GLY A 497 -11.19 -6.35 -15.33
C GLY A 497 -10.69 -5.85 -16.67
N ARG A 498 -10.65 -6.77 -17.63
CA ARG A 498 -10.27 -6.44 -19.00
C ARG A 498 -11.43 -6.77 -19.94
N LEU A 499 -11.53 -6.00 -21.02
CA LEU A 499 -12.54 -6.26 -22.03
C LEU A 499 -12.05 -7.34 -22.98
N ALA A 500 -12.97 -8.18 -23.43
CA ALA A 500 -12.61 -9.21 -24.40
C ALA A 500 -12.26 -8.57 -25.75
N ALA A 501 -11.38 -9.24 -26.49
CA ALA A 501 -10.93 -8.72 -27.78
C ALA A 501 -12.00 -8.86 -28.86
N SER B 3 5.92 32.00 24.29
CA SER B 3 6.92 31.61 23.29
C SER B 3 6.76 32.45 22.02
N THR B 4 6.95 31.80 20.87
CA THR B 4 6.73 32.46 19.59
C THR B 4 5.25 32.79 19.44
N ARG B 5 4.97 34.03 19.03
CA ARG B 5 3.58 34.47 18.87
C ARG B 5 2.88 33.63 17.81
N LYS B 6 1.62 33.26 18.08
CA LYS B 6 0.84 32.54 17.10
C LYS B 6 0.39 33.48 15.98
N ALA B 7 0.46 33.00 14.75
CA ALA B 7 -0.06 33.79 13.63
C ALA B 7 -1.57 33.89 13.75
N VAL B 8 -2.11 35.05 13.37
CA VAL B 8 -3.54 35.28 13.30
C VAL B 8 -3.76 35.93 11.93
N ILE B 9 -4.23 35.15 10.96
CA ILE B 9 -4.25 35.52 9.55
C ILE B 9 -5.70 35.71 9.12
N GLY B 10 -6.11 36.94 8.84
CA GLY B 10 -7.49 37.21 8.44
C GLY B 10 -7.59 37.66 6.99
N TYR B 11 -8.52 37.06 6.25
CA TYR B 11 -8.76 37.48 4.88
C TYR B 11 -9.52 38.80 4.85
N TYR B 12 -9.09 39.70 4.00
CA TYR B 12 -9.88 40.87 3.60
C TYR B 12 -10.26 40.64 2.14
N PHE B 13 -11.53 40.35 1.89
CA PHE B 13 -12.00 40.08 0.54
C PHE B 13 -12.83 41.26 0.07
N ILE B 14 -12.52 41.78 -1.12
CA ILE B 14 -13.32 42.87 -1.66
C ILE B 14 -13.51 42.64 -3.16
N PRO B 15 -14.75 42.53 -3.64
CA PRO B 15 -14.95 42.26 -5.07
C PRO B 15 -14.60 43.48 -5.89
N THR B 16 -14.38 43.23 -7.19
CA THR B 16 -13.97 44.29 -8.11
C THR B 16 -14.94 45.48 -8.11
N ASN B 17 -16.25 45.21 -8.11
CA ASN B 17 -17.17 46.35 -8.19
C ASN B 17 -17.11 47.20 -6.93
N GLN B 18 -16.73 46.60 -5.79
CA GLN B 18 -16.58 47.38 -4.57
C GLN B 18 -15.28 48.19 -4.58
N ILE B 19 -14.21 47.65 -5.13
CA ILE B 19 -13.00 48.46 -5.35
C ILE B 19 -13.34 49.64 -6.24
N ASN B 20 -13.99 49.38 -7.37
CA ASN B 20 -14.25 50.43 -8.37
C ASN B 20 -15.18 51.52 -7.85
N ASN B 21 -15.98 51.21 -6.84
CA ASN B 21 -16.89 52.18 -6.22
C ASN B 21 -16.56 52.39 -4.74
N TYR B 22 -15.28 52.26 -4.39
CA TYR B 22 -14.90 52.21 -2.99
C TYR B 22 -15.35 53.45 -2.24
N THR B 23 -15.97 53.23 -1.09
CA THR B 23 -16.39 54.29 -0.20
C THR B 23 -16.40 53.73 1.21
N GLU B 24 -16.07 54.58 2.18
CA GLU B 24 -16.11 54.20 3.58
C GLU B 24 -17.35 54.68 4.30
N THR B 25 -18.32 55.23 3.56
CA THR B 25 -19.49 55.83 4.20
C THR B 25 -20.81 55.32 3.64
N ASP B 26 -20.81 54.16 2.98
CA ASP B 26 -22.07 53.62 2.45
C ASP B 26 -21.98 52.10 2.44
N THR B 27 -22.52 51.47 3.48
CA THR B 27 -22.46 50.01 3.59
C THR B 27 -23.29 49.30 2.53
N SER B 28 -24.17 50.01 1.82
CA SER B 28 -24.88 49.38 0.70
C SER B 28 -23.99 49.23 -0.52
N VAL B 29 -22.88 49.95 -0.58
CA VAL B 29 -21.90 49.84 -1.66
C VAL B 29 -20.70 48.99 -1.23
N VAL B 30 -20.07 49.36 -0.13
CA VAL B 30 -18.99 48.58 0.47
C VAL B 30 -19.39 48.24 1.90
N PRO B 31 -19.85 47.01 2.15
CA PRO B 31 -20.25 46.65 3.52
C PRO B 31 -19.13 46.73 4.54
N PHE B 32 -17.89 46.42 4.16
CA PHE B 32 -16.79 46.31 5.12
C PHE B 32 -15.58 47.06 4.59
N PRO B 33 -15.57 48.39 4.70
CA PRO B 33 -14.40 49.16 4.27
C PRO B 33 -13.24 48.97 5.24
N VAL B 34 -12.05 49.35 4.76
CA VAL B 34 -10.82 49.18 5.53
C VAL B 34 -10.89 49.90 6.87
N SER B 35 -11.61 51.03 6.93
CA SER B 35 -11.72 51.79 8.17
C SER B 35 -12.39 50.99 9.30
N ASN B 36 -13.10 49.90 8.98
CA ASN B 36 -13.65 49.05 10.03
C ASN B 36 -12.58 48.20 10.72
N ILE B 37 -11.39 48.12 10.14
CA ILE B 37 -10.26 47.44 10.80
C ILE B 37 -9.60 48.52 11.65
N THR B 38 -10.08 48.64 12.90
CA THR B 38 -9.62 49.67 13.82
C THR B 38 -8.20 49.37 14.28
N PRO B 39 -7.51 50.34 14.89
CA PRO B 39 -6.19 50.03 15.47
C PRO B 39 -6.19 48.83 16.40
N ALA B 40 -7.23 48.67 17.23
CA ALA B 40 -7.30 47.51 18.11
C ALA B 40 -7.32 46.21 17.33
N LYS B 41 -8.13 46.16 16.26
CA LYS B 41 -8.18 44.95 15.42
C LYS B 41 -6.85 44.72 14.71
N ALA B 42 -6.22 45.79 14.23
CA ALA B 42 -4.94 45.64 13.54
C ALA B 42 -3.88 45.06 14.47
N LYS B 43 -3.94 45.38 15.77
CA LYS B 43 -2.99 44.85 16.73
C LYS B 43 -3.21 43.37 16.99
N GLN B 44 -4.43 42.89 16.80
CA GLN B 44 -4.78 41.50 17.05
C GLN B 44 -4.48 40.59 15.87
N LEU B 45 -4.21 41.16 14.70
CA LEU B 45 -3.86 40.39 13.51
C LEU B 45 -2.34 40.36 13.36
N THR B 46 -1.83 39.24 12.83
CA THR B 46 -0.46 39.25 12.34
C THR B 46 -0.39 39.38 10.83
N HIS B 47 -1.42 38.95 10.11
CA HIS B 47 -1.45 39.01 8.67
C HIS B 47 -2.87 39.33 8.23
N ILE B 48 -3.00 40.15 7.20
CA ILE B 48 -4.24 40.31 6.45
C ILE B 48 -3.97 39.81 5.03
N ASN B 49 -4.78 38.85 4.56
CA ASN B 49 -4.66 38.37 3.19
C ASN B 49 -5.64 39.16 2.34
N PHE B 50 -5.14 40.15 1.60
CA PHE B 50 -5.98 40.85 0.63
C PHE B 50 -6.33 39.91 -0.50
N SER B 51 -7.62 39.84 -0.87
CA SER B 51 -8.06 38.83 -1.84
C SER B 51 -9.16 39.41 -2.72
N PHE B 52 -9.24 38.97 -4.00
CA PHE B 52 -8.33 38.02 -4.66
C PHE B 52 -7.75 38.63 -5.93
N LEU B 53 -6.46 38.38 -6.17
CA LEU B 53 -5.88 38.57 -7.50
C LEU B 53 -5.95 37.24 -8.24
N ASP B 54 -5.49 37.24 -9.49
CA ASP B 54 -5.68 36.08 -10.38
C ASP B 54 -4.39 35.84 -11.15
N ILE B 55 -4.42 34.80 -12.00
CA ILE B 55 -3.42 34.60 -13.05
C ILE B 55 -4.14 34.79 -14.37
N ASN B 56 -3.62 35.68 -15.22
CA ASN B 56 -4.27 36.03 -16.47
C ASN B 56 -3.83 35.10 -17.61
N SER B 57 -4.37 35.34 -18.81
CA SER B 57 -4.01 34.50 -19.96
C SER B 57 -2.58 34.71 -20.41
N ASN B 58 -1.94 35.80 -20.01
N ASN B 58 -1.94 35.81 -20.00
CA ASN B 58 -0.50 35.96 -20.21
CA ASN B 58 -0.51 36.00 -20.18
C ASN B 58 0.32 35.20 -19.18
C ASN B 58 0.31 35.19 -19.18
N LEU B 59 -0.36 34.44 -18.30
CA LEU B 59 0.30 33.58 -17.31
C LEU B 59 1.10 34.38 -16.29
N GLU B 60 0.59 35.56 -15.93
CA GLU B 60 1.16 36.41 -14.90
C GLU B 60 0.13 36.70 -13.82
N CYS B 61 0.63 36.88 -12.60
N CYS B 61 0.65 36.91 -12.61
CA CYS B 61 -0.21 37.41 -11.53
CA CYS B 61 -0.15 37.46 -11.52
C CYS B 61 -0.77 38.76 -11.97
C CYS B 61 -0.75 38.79 -11.95
N ALA B 62 -2.06 38.96 -11.73
CA ALA B 62 -2.71 40.18 -12.22
C ALA B 62 -3.99 40.46 -11.44
N TRP B 63 -4.33 41.75 -11.36
CA TRP B 63 -5.66 42.14 -10.92
C TRP B 63 -6.68 41.77 -12.01
N ASP B 64 -7.93 41.54 -11.58
CA ASP B 64 -9.06 41.47 -12.50
C ASP B 64 -8.92 42.65 -13.47
N PRO B 65 -8.95 42.42 -14.79
CA PRO B 65 -8.71 43.53 -15.73
C PRO B 65 -9.77 44.62 -15.68
N ALA B 66 -10.92 44.37 -15.04
CA ALA B 66 -11.93 45.40 -14.87
C ALA B 66 -11.63 46.32 -13.69
N THR B 67 -10.56 46.07 -12.95
CA THR B 67 -10.24 46.87 -11.77
C THR B 67 -9.76 48.26 -12.16
N ASN B 68 -10.29 49.28 -11.49
CA ASN B 68 -9.79 50.64 -11.61
C ASN B 68 -8.52 50.67 -10.76
N ASP B 69 -7.36 50.82 -11.43
CA ASP B 69 -6.09 50.67 -10.73
C ASP B 69 -5.88 51.74 -9.67
N ALA B 70 -6.31 52.98 -9.95
CA ALA B 70 -6.16 54.03 -8.94
C ALA B 70 -6.94 53.70 -7.68
N LYS B 71 -8.16 53.20 -7.83
N LYS B 71 -8.15 53.18 -7.82
CA LYS B 71 -8.96 52.81 -6.68
CA LYS B 71 -8.92 52.84 -6.63
C LYS B 71 -8.32 51.64 -5.95
C LYS B 71 -8.36 51.61 -5.93
N ALA B 72 -7.81 50.66 -6.71
CA ALA B 72 -7.17 49.51 -6.09
C ALA B 72 -5.99 49.93 -5.22
N ARG B 73 -5.15 50.82 -5.74
CA ARG B 73 -3.99 51.28 -4.97
C ARG B 73 -4.45 52.01 -3.71
N ASP B 74 -5.53 52.78 -3.82
CA ASP B 74 -6.05 53.47 -2.64
C ASP B 74 -6.47 52.49 -1.57
N VAL B 75 -7.18 51.42 -1.95
CA VAL B 75 -7.64 50.43 -0.97
C VAL B 75 -6.45 49.73 -0.33
N VAL B 76 -5.49 49.29 -1.14
CA VAL B 76 -4.31 48.63 -0.60
C VAL B 76 -3.55 49.57 0.32
N ASN B 77 -3.42 50.84 -0.08
CA ASN B 77 -2.69 51.80 0.75
C ASN B 77 -3.35 51.99 2.11
N ARG B 78 -4.68 51.93 2.17
CA ARG B 78 -5.36 52.01 3.45
C ARG B 78 -5.03 50.81 4.33
N LEU B 79 -4.90 49.62 3.72
CA LEU B 79 -4.51 48.45 4.49
C LEU B 79 -3.07 48.57 4.98
N THR B 80 -2.14 48.95 4.10
CA THR B 80 -0.75 49.01 4.53
C THR B 80 -0.53 50.11 5.55
N ALA B 81 -1.38 51.14 5.55
CA ALA B 81 -1.30 52.18 6.56
C ALA B 81 -1.56 51.62 7.97
N LEU B 82 -2.29 50.51 8.07
CA LEU B 82 -2.55 49.90 9.37
C LEU B 82 -1.28 49.41 10.05
N LYS B 83 -0.21 49.18 9.28
N LYS B 83 -0.20 49.18 9.28
CA LYS B 83 1.04 48.73 9.87
CA LYS B 83 1.05 48.73 9.87
C LYS B 83 1.61 49.73 10.86
C LYS B 83 1.64 49.75 10.83
N ALA B 84 1.18 51.00 10.78
CA ALA B 84 1.59 51.98 11.78
C ALA B 84 1.17 51.59 13.19
N HIS B 85 0.12 50.77 13.32
CA HIS B 85 -0.39 50.37 14.63
C HIS B 85 0.17 49.04 15.10
N ASN B 86 0.93 48.34 14.26
CA ASN B 86 1.39 47.00 14.60
C ASN B 86 2.61 46.70 13.76
N PRO B 87 3.82 46.81 14.32
CA PRO B 87 5.04 46.56 13.54
C PRO B 87 5.25 45.11 13.15
N SER B 88 4.38 44.20 13.59
CA SER B 88 4.44 42.82 13.14
C SER B 88 3.46 42.51 12.02
N LEU B 89 2.57 43.43 11.71
CA LEU B 89 1.49 43.15 10.77
C LEU B 89 2.00 43.09 9.34
N ARG B 90 1.55 42.09 8.59
CA ARG B 90 1.82 41.99 7.16
C ARG B 90 0.51 42.07 6.38
N ILE B 91 0.52 42.83 5.29
CA ILE B 91 -0.57 42.81 4.32
C ILE B 91 -0.12 41.90 3.17
N MET B 92 -0.55 40.65 3.20
N MET B 92 -0.56 40.66 3.20
CA MET B 92 -0.29 39.74 2.08
CA MET B 92 -0.36 39.73 2.11
C MET B 92 -1.34 39.96 1.00
C MET B 92 -1.29 40.08 0.95
N PHE B 93 -1.06 39.46 -0.20
CA PHE B 93 -2.07 39.39 -1.24
C PHE B 93 -2.22 37.94 -1.67
N SER B 94 -3.46 37.57 -1.98
CA SER B 94 -3.83 36.20 -2.29
C SER B 94 -4.21 36.08 -3.76
N ILE B 95 -3.61 35.09 -4.44
N ILE B 95 -3.74 35.01 -4.39
CA ILE B 95 -3.92 34.77 -5.82
CA ILE B 95 -3.90 34.76 -5.83
C ILE B 95 -4.78 33.52 -5.83
C ILE B 95 -4.68 33.47 -6.00
N GLY B 96 -5.88 33.56 -6.57
CA GLY B 96 -6.69 32.37 -6.77
C GLY B 96 -8.03 32.43 -6.07
N GLY B 97 -8.27 31.50 -5.15
CA GLY B 97 -9.58 31.33 -4.57
C GLY B 97 -10.44 30.41 -5.44
N TRP B 98 -11.60 30.03 -4.90
CA TRP B 98 -12.45 29.05 -5.58
C TRP B 98 -12.92 29.55 -6.94
N TYR B 99 -13.45 30.78 -7.01
CA TYR B 99 -14.06 31.26 -8.24
C TYR B 99 -13.07 31.22 -9.40
N TYR B 100 -11.85 31.71 -9.18
CA TYR B 100 -10.89 31.76 -10.27
C TYR B 100 -10.27 30.40 -10.57
N SER B 101 -9.95 29.62 -9.54
CA SER B 101 -9.00 28.53 -9.69
C SER B 101 -9.56 27.12 -9.50
N ASN B 102 -10.84 26.94 -9.16
CA ASN B 102 -11.35 25.58 -9.09
C ASN B 102 -11.29 24.93 -10.47
N ASP B 103 -11.46 23.59 -10.49
CA ASP B 103 -11.30 22.83 -11.72
C ASP B 103 -12.12 23.39 -12.87
N LEU B 104 -13.29 23.96 -12.58
CA LEU B 104 -14.17 24.54 -13.59
C LEU B 104 -14.18 26.05 -13.51
N GLY B 105 -13.21 26.65 -12.82
CA GLY B 105 -13.20 28.09 -12.64
C GLY B 105 -12.77 28.85 -13.87
N VAL B 106 -13.12 30.14 -13.90
CA VAL B 106 -12.96 30.93 -15.12
C VAL B 106 -11.50 31.02 -15.57
N SER B 107 -10.55 30.96 -14.63
CA SER B 107 -9.14 31.14 -14.95
C SER B 107 -8.32 29.87 -14.79
N HIS B 108 -8.98 28.72 -14.64
CA HIS B 108 -8.27 27.51 -14.21
C HIS B 108 -7.09 27.18 -15.12
N ALA B 109 -7.26 27.26 -16.44
CA ALA B 109 -6.18 26.88 -17.34
C ALA B 109 -4.94 27.74 -17.14
N ASN B 110 -5.12 28.98 -16.68
CA ASN B 110 -3.97 29.85 -16.46
C ASN B 110 -3.11 29.37 -15.31
N TYR B 111 -3.73 28.76 -14.28
CA TYR B 111 -2.96 28.19 -13.18
C TYR B 111 -2.15 27.00 -13.66
N VAL B 112 -2.79 26.09 -14.41
CA VAL B 112 -2.12 24.93 -14.97
C VAL B 112 -0.94 25.37 -15.83
N ASN B 113 -1.16 26.34 -16.71
CA ASN B 113 -0.14 26.72 -17.67
C ASN B 113 0.98 27.56 -17.05
N ALA B 114 0.66 28.38 -16.04
CA ALA B 114 1.69 29.24 -15.46
C ALA B 114 2.79 28.43 -14.77
N VAL B 115 2.48 27.21 -14.31
CA VAL B 115 3.45 26.43 -13.55
C VAL B 115 4.06 25.31 -14.37
N LYS B 116 3.74 25.23 -15.67
N LYS B 116 3.70 25.18 -15.65
CA LYS B 116 3.95 24.02 -16.48
CA LYS B 116 4.02 23.97 -16.40
C LYS B 116 5.38 23.83 -16.96
C LYS B 116 5.52 23.85 -16.67
N THR B 117 6.14 24.91 -17.18
CA THR B 117 7.48 24.83 -17.73
C THR B 117 8.41 25.75 -16.95
N PRO B 118 9.72 25.50 -17.00
CA PRO B 118 10.66 26.45 -16.36
C PRO B 118 10.44 27.89 -16.77
N ALA B 119 10.25 28.14 -18.07
CA ALA B 119 10.12 29.52 -18.53
C ALA B 119 8.82 30.15 -18.03
N ALA B 120 7.72 29.38 -18.03
CA ALA B 120 6.46 29.89 -17.50
C ALA B 120 6.58 30.20 -16.02
N ARG B 121 7.23 29.30 -15.27
CA ARG B 121 7.40 29.52 -13.83
C ARG B 121 8.21 30.77 -13.55
N THR B 122 9.26 31.02 -14.34
CA THR B 122 10.06 32.22 -14.12
C THR B 122 9.22 33.49 -14.36
N LYS B 123 8.48 33.52 -15.47
CA LYS B 123 7.65 34.68 -15.78
C LYS B 123 6.58 34.87 -14.71
N PHE B 124 5.95 33.78 -14.29
CA PHE B 124 4.92 33.87 -13.27
C PHE B 124 5.50 34.35 -11.94
N ALA B 125 6.59 33.73 -11.50
CA ALA B 125 7.20 34.10 -10.22
C ALA B 125 7.59 35.57 -10.21
N GLN B 126 8.25 36.04 -11.29
N GLN B 126 8.22 36.05 -11.30
CA GLN B 126 8.62 37.44 -11.38
CA GLN B 126 8.62 37.45 -11.34
C GLN B 126 7.40 38.34 -11.23
C GLN B 126 7.41 38.37 -11.28
N SER B 127 6.31 37.99 -11.92
CA SER B 127 5.11 38.83 -11.88
C SER B 127 4.54 38.92 -10.47
N CYS B 128 4.62 37.83 -9.69
N CYS B 128 4.65 37.87 -9.67
CA CYS B 128 4.13 37.85 -8.32
CA CYS B 128 4.05 37.97 -8.34
C CYS B 128 4.90 38.87 -7.49
C CYS B 128 4.91 38.74 -7.34
N VAL B 129 6.22 38.82 -7.57
CA VAL B 129 7.03 39.72 -6.76
C VAL B 129 6.90 41.15 -7.29
N ARG B 130 6.77 41.31 -8.60
N ARG B 130 6.74 41.32 -8.60
CA ARG B 130 6.51 42.62 -9.18
CA ARG B 130 6.53 42.67 -9.13
C ARG B 130 5.25 43.24 -8.60
C ARG B 130 5.22 43.27 -8.62
N ILE B 131 4.15 42.47 -8.60
CA ILE B 131 2.89 42.96 -8.04
C ILE B 131 3.07 43.30 -6.56
N MET B 132 3.76 42.43 -5.82
N MET B 132 3.76 42.43 -5.82
CA MET B 132 3.97 42.67 -4.39
CA MET B 132 3.97 42.67 -4.39
C MET B 132 4.66 44.00 -4.15
C MET B 132 4.65 44.00 -4.15
N LYS B 133 5.72 44.28 -4.90
CA LYS B 133 6.47 45.51 -4.71
C LYS B 133 5.71 46.72 -5.24
N ASP B 134 5.05 46.57 -6.39
N ASP B 134 5.03 46.58 -6.38
CA ASP B 134 4.36 47.72 -7.00
CA ASP B 134 4.37 47.73 -7.00
C ASP B 134 3.26 48.24 -6.09
C ASP B 134 3.21 48.24 -6.16
N TYR B 135 2.53 47.36 -5.43
CA TYR B 135 1.37 47.74 -4.63
C TYR B 135 1.68 47.86 -3.15
N GLY B 136 2.85 47.41 -2.71
CA GLY B 136 3.26 47.57 -1.33
C GLY B 136 2.86 46.43 -0.42
N PHE B 137 2.60 45.24 -0.97
CA PHE B 137 2.24 44.10 -0.15
C PHE B 137 3.49 43.53 0.53
N ASP B 138 3.25 42.68 1.53
CA ASP B 138 4.31 42.13 2.38
C ASP B 138 4.60 40.67 2.14
N GLY B 139 3.93 40.06 1.18
CA GLY B 139 4.16 38.66 0.86
C GLY B 139 3.12 38.20 -0.12
N VAL B 140 3.29 36.95 -0.55
CA VAL B 140 2.48 36.32 -1.59
C VAL B 140 1.78 35.11 -0.98
N ASP B 141 0.47 35.00 -1.19
CA ASP B 141 -0.30 33.84 -0.77
C ASP B 141 -0.97 33.25 -2.00
N ILE B 142 -0.81 31.94 -2.23
CA ILE B 142 -1.36 31.28 -3.41
CA ILE B 142 -1.38 31.31 -3.41
C ILE B 142 -2.48 30.36 -2.96
N ASP B 143 -3.68 30.55 -3.51
CA ASP B 143 -4.84 29.76 -3.16
C ASP B 143 -5.40 29.06 -4.38
N TRP B 144 -4.61 28.18 -4.98
CA TRP B 144 -5.09 27.38 -6.09
C TRP B 144 -5.84 26.18 -5.51
N GLU B 145 -7.12 26.07 -5.84
CA GLU B 145 -7.98 25.03 -5.26
C GLU B 145 -8.45 24.08 -6.35
N TYR B 146 -7.61 23.12 -6.76
CA TYR B 146 -6.33 22.72 -6.19
C TYR B 146 -5.53 22.09 -7.33
N PRO B 147 -4.21 22.16 -7.30
CA PRO B 147 -3.42 21.46 -8.33
C PRO B 147 -3.67 19.97 -8.27
N GLN B 148 -3.80 19.34 -9.45
N GLN B 148 -3.78 19.36 -9.45
CA GLN B 148 -3.99 17.90 -9.52
CA GLN B 148 -3.94 17.92 -9.61
C GLN B 148 -2.64 17.21 -9.32
C GLN B 148 -2.62 17.31 -10.03
N ALA B 149 -2.69 15.89 -9.11
N ALA B 149 -2.40 16.06 -9.60
CA ALA B 149 -1.44 15.16 -8.84
CA ALA B 149 -1.11 15.37 -9.60
C ALA B 149 -0.42 15.38 -9.95
C ALA B 149 -0.19 15.75 -10.74
N ALA B 150 -0.89 15.38 -11.21
N ALA B 150 -0.71 15.75 -11.97
CA ALA B 150 0.01 15.54 -12.35
CA ALA B 150 0.09 16.16 -13.13
C ALA B 150 0.65 16.93 -12.44
C ALA B 150 0.65 17.57 -12.97
N GLU B 151 0.05 17.96 -11.82
N GLU B 151 0.08 18.37 -12.07
CA GLU B 151 0.48 19.37 -11.89
CA GLU B 151 0.52 19.73 -11.85
C GLU B 151 1.36 19.77 -10.71
C GLU B 151 1.30 19.92 -10.55
N VAL B 152 1.47 18.89 -9.72
CA VAL B 152 2.08 19.18 -8.43
C VAL B 152 3.56 19.51 -8.57
N ASP B 153 4.29 18.78 -9.43
CA ASP B 153 5.71 19.08 -9.56
C ASP B 153 5.94 20.50 -10.06
N GLY B 154 5.13 20.95 -11.03
CA GLY B 154 5.24 22.32 -11.49
C GLY B 154 4.89 23.33 -10.41
N PHE B 155 3.83 23.05 -9.66
CA PHE B 155 3.41 23.90 -8.54
C PHE B 155 4.55 24.04 -7.52
N ILE B 156 5.16 22.91 -7.14
CA ILE B 156 6.29 22.93 -6.22
C ILE B 156 7.42 23.81 -6.75
N ALA B 157 7.79 23.62 -8.02
CA ALA B 157 8.87 24.39 -8.60
C ALA B 157 8.52 25.88 -8.64
N ALA B 158 7.24 26.21 -8.87
CA ALA B 158 6.83 27.61 -8.86
C ALA B 158 6.98 28.21 -7.46
N LEU B 159 6.56 27.48 -6.43
CA LEU B 159 6.74 27.96 -5.05
C LEU B 159 8.22 28.15 -4.72
N GLN B 160 9.06 27.20 -5.11
CA GLN B 160 10.50 27.34 -4.86
C GLN B 160 11.04 28.60 -5.53
N GLU B 161 10.61 28.86 -6.77
N GLU B 161 10.61 28.87 -6.76
CA GLU B 161 11.13 30.01 -7.50
CA GLU B 161 11.13 30.01 -7.50
C GLU B 161 10.66 31.32 -6.86
C GLU B 161 10.65 31.34 -6.90
N ILE B 162 9.38 31.41 -6.50
CA ILE B 162 8.88 32.60 -5.81
C ILE B 162 9.66 32.81 -4.52
N ARG B 163 9.91 31.73 -3.76
CA ARG B 163 10.67 31.86 -2.52
C ARG B 163 12.02 32.50 -2.76
N THR B 164 12.76 32.05 -3.78
CA THR B 164 14.06 32.65 -4.04
C THR B 164 13.93 34.14 -4.34
N LEU B 165 12.95 34.51 -5.17
CA LEU B 165 12.79 35.93 -5.52
C LEU B 165 12.38 36.76 -4.31
N LEU B 166 11.52 36.21 -3.44
CA LEU B 166 11.15 36.92 -2.21
C LEU B 166 12.36 37.11 -1.31
N ASN B 167 13.21 36.09 -1.20
CA ASN B 167 14.41 36.24 -0.38
C ASN B 167 15.36 37.29 -0.94
N GLN B 168 15.49 37.36 -2.27
CA GLN B 168 16.26 38.44 -2.90
C GLN B 168 15.67 39.80 -2.50
N GLN B 169 14.34 39.91 -2.56
CA GLN B 169 13.68 41.17 -2.24
C GLN B 169 13.88 41.55 -0.78
N THR B 170 13.85 40.57 0.14
CA THR B 170 14.11 40.86 1.54
C THR B 170 15.49 41.46 1.74
N ILE B 171 16.49 40.91 1.04
CA ILE B 171 17.83 41.46 1.13
C ILE B 171 17.87 42.88 0.56
N ALA B 172 17.31 43.05 -0.64
CA ALA B 172 17.36 44.35 -1.30
C ALA B 172 16.75 45.45 -0.44
N ASP B 173 15.68 45.12 0.28
CA ASP B 173 14.95 46.11 1.07
C ASP B 173 15.34 46.12 2.53
N GLY B 174 16.34 45.33 2.93
CA GLY B 174 16.75 45.30 4.32
C GLY B 174 15.62 44.90 5.23
N ARG B 175 14.84 43.89 4.83
CA ARG B 175 13.61 43.52 5.50
C ARG B 175 13.77 42.32 6.44
N GLN B 176 14.97 42.09 6.95
CA GLN B 176 15.21 40.91 7.79
C GLN B 176 14.33 40.91 9.04
N ALA B 177 13.94 42.09 9.55
CA ALA B 177 13.07 42.13 10.72
C ALA B 177 11.64 41.75 10.39
N LEU B 178 11.23 41.85 9.13
CA LEU B 178 9.87 41.48 8.70
C LEU B 178 9.97 40.96 7.28
N PRO B 179 10.58 39.80 7.09
CA PRO B 179 10.91 39.37 5.73
C PRO B 179 9.67 39.08 4.93
N TYR B 180 9.79 39.25 3.60
CA TYR B 180 8.68 38.90 2.72
C TYR B 180 8.37 37.41 2.84
N GLN B 181 7.08 37.09 2.87
CA GLN B 181 6.63 35.74 3.17
C GLN B 181 5.88 35.12 2.00
N LEU B 182 5.84 33.78 2.00
CA LEU B 182 5.11 33.00 1.02
C LEU B 182 4.24 32.00 1.78
N THR B 183 2.93 32.00 1.50
CA THR B 183 2.01 31.06 2.11
C THR B 183 1.12 30.45 1.03
N ILE B 184 0.43 29.36 1.37
CA ILE B 184 -0.67 28.90 0.54
C ILE B 184 -1.87 28.60 1.42
N ALA B 185 -3.06 28.66 0.82
CA ALA B 185 -4.25 28.06 1.40
C ALA B 185 -4.27 26.61 0.96
N GLY B 186 -4.21 25.69 1.91
CA GLY B 186 -4.19 24.27 1.60
C GLY B 186 -5.52 23.61 1.85
N ALA B 187 -5.73 22.47 1.19
CA ALA B 187 -6.93 21.68 1.43
C ALA B 187 -7.02 21.31 2.90
N GLY B 188 -8.24 21.33 3.43
CA GLY B 188 -8.52 20.91 4.79
C GLY B 188 -9.29 19.61 4.90
N GLY B 189 -9.47 18.88 3.80
CA GLY B 189 -10.11 17.58 3.83
C GLY B 189 -9.38 16.64 2.87
N ALA B 190 -9.48 15.33 3.17
CA ALA B 190 -8.61 14.34 2.55
C ALA B 190 -8.84 14.21 1.05
N PHE B 191 -10.06 14.46 0.55
CA PHE B 191 -10.26 14.27 -0.89
C PHE B 191 -9.43 15.23 -1.73
N PHE B 192 -9.54 16.52 -1.46
CA PHE B 192 -8.70 17.46 -2.20
C PHE B 192 -7.24 17.31 -1.81
N LEU B 193 -6.97 17.07 -0.52
CA LEU B 193 -5.61 16.92 -0.05
C LEU B 193 -4.89 15.80 -0.79
N SER B 194 -5.61 14.74 -1.15
CA SER B 194 -4.99 13.60 -1.79
C SER B 194 -4.33 13.97 -3.11
N ARG B 195 -4.71 15.10 -3.72
CA ARG B 195 -4.10 15.49 -4.98
C ARG B 195 -2.59 15.68 -4.85
N TYR B 196 -2.15 16.30 -3.74
CA TYR B 196 -0.75 16.66 -3.59
C TYR B 196 -0.12 16.09 -2.32
N TYR B 197 -0.86 15.27 -1.57
CA TYR B 197 -0.41 14.79 -0.27
C TYR B 197 0.95 14.12 -0.31
N SER B 198 1.21 13.28 -1.33
CA SER B 198 2.46 12.55 -1.33
C SER B 198 3.68 13.45 -1.36
N LYS B 199 3.53 14.69 -1.87
CA LYS B 199 4.64 15.62 -1.99
C LYS B 199 4.51 16.79 -1.01
N LEU B 200 3.79 16.55 0.08
CA LEU B 200 3.49 17.62 1.04
C LEU B 200 4.76 18.28 1.57
N ALA B 201 5.81 17.50 1.83
CA ALA B 201 7.02 18.11 2.39
C ALA B 201 7.64 19.10 1.43
N GLN B 202 7.59 18.79 0.12
CA GLN B 202 8.18 19.69 -0.87
C GLN B 202 7.31 20.93 -1.04
N ILE B 203 6.00 20.79 -0.88
CA ILE B 203 5.09 21.94 -0.96
CA ILE B 203 5.09 21.94 -0.96
C ILE B 203 5.33 22.89 0.20
N VAL B 204 5.52 22.34 1.40
CA VAL B 204 5.60 23.16 2.60
C VAL B 204 6.98 23.78 2.80
N ALA B 205 8.03 23.14 2.26
CA ALA B 205 9.40 23.62 2.48
C ALA B 205 9.62 25.09 2.13
N PRO B 206 9.12 25.62 1.00
CA PRO B 206 9.35 27.04 0.70
C PRO B 206 8.40 27.99 1.37
N LEU B 207 7.44 27.48 2.17
CA LEU B 207 6.41 28.32 2.77
C LEU B 207 6.78 28.75 4.17
N ASP B 208 6.29 29.93 4.56
CA ASP B 208 6.26 30.27 5.98
C ASP B 208 5.12 29.53 6.67
N TYR B 209 3.98 29.39 6.00
CA TYR B 209 2.82 28.72 6.58
C TYR B 209 2.03 28.07 5.47
N ILE B 210 1.43 26.93 5.80
CA ILE B 210 0.35 26.34 5.01
CA ILE B 210 0.35 26.34 5.00
C ILE B 210 -0.94 26.54 5.81
N ASN B 211 -1.86 27.33 5.26
CA ASN B 211 -3.08 27.70 5.98
C ASN B 211 -4.18 26.73 5.58
N LEU B 212 -4.51 25.80 6.48
CA LEU B 212 -5.45 24.74 6.13
C LEU B 212 -6.87 25.29 6.09
N MET B 213 -7.57 25.05 4.99
N MET B 213 -7.58 25.01 5.01
CA MET B 213 -8.99 25.43 4.90
CA MET B 213 -8.98 25.42 4.89
C MET B 213 -9.84 24.36 5.58
C MET B 213 -9.86 24.37 5.57
N THR B 214 -9.71 24.31 6.90
CA THR B 214 -10.40 23.34 7.75
C THR B 214 -11.81 23.83 8.07
N TYR B 215 -12.57 24.02 7.00
CA TYR B 215 -13.97 24.42 7.02
C TYR B 215 -14.55 23.98 5.69
N ASP B 216 -15.84 24.24 5.46
CA ASP B 216 -16.52 23.69 4.29
C ASP B 216 -16.41 22.16 4.27
N LEU B 217 -16.28 21.52 5.44
CA LEU B 217 -16.27 20.06 5.49
C LEU B 217 -17.67 19.47 5.44
N ALA B 218 -18.68 20.33 5.44
CA ALA B 218 -20.06 19.97 5.15
C ALA B 218 -20.60 21.07 4.25
N GLY B 219 -21.66 20.75 3.52
CA GLY B 219 -22.24 21.70 2.59
C GLY B 219 -23.37 21.06 1.81
N PRO B 220 -24.03 21.84 0.96
CA PRO B 220 -25.21 21.31 0.26
C PRO B 220 -24.89 20.18 -0.71
N TRP B 221 -23.62 19.99 -1.06
CA TRP B 221 -23.20 18.91 -1.94
C TRP B 221 -23.19 17.56 -1.24
N GLU B 222 -23.34 17.53 0.09
CA GLU B 222 -23.44 16.28 0.83
C GLU B 222 -24.90 15.94 1.10
N LYS B 223 -25.22 14.65 1.07
N LYS B 223 -25.20 14.64 1.10
CA LYS B 223 -26.61 14.24 1.20
CA LYS B 223 -26.55 14.16 1.35
C LYS B 223 -27.16 14.53 2.58
C LYS B 223 -27.03 14.50 2.75
N ILE B 224 -26.33 14.43 3.62
N ILE B 224 -26.11 14.54 3.71
CA ILE B 224 -26.78 14.69 4.98
CA ILE B 224 -26.45 14.54 5.13
C ILE B 224 -26.03 15.86 5.59
C ILE B 224 -25.87 15.81 5.76
N THR B 225 -26.72 16.57 6.48
CA THR B 225 -26.17 17.73 7.16
C THR B 225 -25.11 17.30 8.16
N ASN B 226 -24.14 18.18 8.41
CA ASN B 226 -23.05 17.90 9.33
C ASN B 226 -22.44 19.24 9.71
N HIS B 227 -21.62 19.19 10.75
CA HIS B 227 -20.79 20.33 11.13
C HIS B 227 -19.72 20.55 10.06
N GLN B 228 -19.52 21.81 9.67
CA GLN B 228 -18.56 22.11 8.62
C GLN B 228 -17.14 22.25 9.12
N ALA B 229 -16.93 22.30 10.43
CA ALA B 229 -15.59 22.46 10.98
C ALA B 229 -15.53 21.82 12.36
N ALA B 230 -16.04 20.59 12.49
CA ALA B 230 -15.94 19.87 13.74
C ALA B 230 -14.47 19.72 14.14
N LEU B 231 -14.16 20.00 15.41
CA LEU B 231 -12.80 19.77 15.87
C LEU B 231 -12.49 18.28 15.95
N PHE B 232 -13.31 17.54 16.67
CA PHE B 232 -13.21 16.08 16.79
C PHE B 232 -14.49 15.44 16.26
N GLY B 233 -14.46 14.12 16.12
CA GLY B 233 -15.57 13.41 15.51
C GLY B 233 -16.69 13.02 16.48
N ASP B 234 -17.88 12.90 15.91
CA ASP B 234 -19.07 12.40 16.59
C ASP B 234 -19.43 11.08 15.92
N ALA B 235 -19.45 9.99 16.70
CA ALA B 235 -19.75 8.69 16.13
C ALA B 235 -21.15 8.63 15.52
N ALA B 236 -22.05 9.53 15.92
CA ALA B 236 -23.38 9.60 15.34
C ALA B 236 -23.38 10.26 13.97
N GLY B 237 -22.31 10.97 13.61
CA GLY B 237 -22.26 11.70 12.37
C GLY B 237 -21.76 10.84 11.21
N PRO B 238 -21.76 11.41 10.01
CA PRO B 238 -21.29 10.67 8.84
C PRO B 238 -19.80 10.39 8.92
N THR B 239 -19.37 9.41 8.14
CA THR B 239 -17.95 9.12 7.96
C THR B 239 -17.65 9.08 6.47
N PHE B 240 -16.36 9.14 6.14
CA PHE B 240 -15.91 9.31 4.77
C PHE B 240 -14.78 8.34 4.45
N TYR B 241 -14.72 7.97 3.18
CA TYR B 241 -13.58 7.18 2.68
C TYR B 241 -12.30 7.98 2.85
N ASN B 242 -11.23 7.32 3.27
CA ASN B 242 -9.95 7.99 3.47
C ASN B 242 -9.13 7.91 2.18
N ALA B 243 -9.29 8.93 1.32
CA ALA B 243 -8.67 8.90 0.00
C ALA B 243 -7.14 8.90 0.07
N LEU B 244 -6.56 9.31 1.21
CA LEU B 244 -5.11 9.34 1.31
C LEU B 244 -4.50 7.95 1.17
N ARG B 245 -5.24 6.89 1.51
CA ARG B 245 -4.66 5.54 1.44
C ARG B 245 -4.41 5.11 0.01
N GLU B 246 -4.94 5.85 -0.97
CA GLU B 246 -4.74 5.58 -2.39
C GLU B 246 -3.72 6.52 -3.03
N ALA B 247 -3.10 7.42 -2.26
CA ALA B 247 -2.10 8.32 -2.81
C ALA B 247 -0.82 7.56 -3.15
N ASN B 248 -0.01 8.13 -4.05
CA ASN B 248 1.17 7.44 -4.58
C ASN B 248 2.34 7.61 -3.60
N LEU B 249 2.25 6.89 -2.48
CA LEU B 249 3.22 6.98 -1.39
C LEU B 249 4.29 5.92 -1.42
N GLY B 250 4.03 4.78 -2.05
CA GLY B 250 4.95 3.66 -2.03
C GLY B 250 5.01 2.92 -0.71
N TRP B 251 4.03 3.11 0.16
CA TRP B 251 4.00 2.47 1.48
C TRP B 251 3.36 1.09 1.42
N SER B 252 3.60 0.31 2.47
CA SER B 252 3.08 -1.05 2.54
C SER B 252 1.65 -1.06 3.05
N TRP B 253 1.02 -2.23 3.02
CA TRP B 253 -0.35 -2.33 3.52
C TRP B 253 -0.44 -1.92 4.98
N GLU B 254 0.46 -2.44 5.83
CA GLU B 254 0.44 -2.07 7.25
C GLU B 254 0.70 -0.59 7.46
N GLU B 255 1.62 -0.02 6.68
CA GLU B 255 1.94 1.40 6.81
C GLU B 255 0.75 2.26 6.43
N LEU B 256 0.10 1.91 5.31
CA LEU B 256 -1.09 2.63 4.87
C LEU B 256 -2.22 2.51 5.88
N THR B 257 -2.44 1.31 6.40
CA THR B 257 -3.55 1.08 7.33
C THR B 257 -3.33 1.84 8.63
N ARG B 258 -2.09 1.87 9.14
CA ARG B 258 -1.78 2.57 10.38
C ARG B 258 -1.96 4.07 10.24
N ALA B 259 -1.70 4.62 9.05
CA ALA B 259 -1.79 6.05 8.82
C ALA B 259 -3.20 6.52 8.45
N PHE B 260 -3.98 5.68 7.76
CA PHE B 260 -5.19 6.10 7.05
C PHE B 260 -6.39 5.24 7.42
N PRO B 261 -6.87 5.31 8.67
CA PRO B 261 -8.11 4.62 9.02
C PRO B 261 -9.24 5.05 8.09
N SER B 262 -10.07 4.08 7.70
CA SER B 262 -11.13 4.35 6.74
C SER B 262 -12.31 3.42 7.01
N PRO B 263 -13.54 3.94 7.08
CA PRO B 263 -13.86 5.36 6.96
C PRO B 263 -13.44 6.14 8.20
N PHE B 264 -13.46 7.47 8.11
CA PHE B 264 -13.00 8.30 9.20
C PHE B 264 -13.90 9.53 9.31
N SER B 265 -13.77 10.23 10.42
CA SER B 265 -14.54 11.45 10.66
C SER B 265 -13.79 12.65 10.06
N LEU B 266 -14.47 13.37 9.17
CA LEU B 266 -13.89 14.51 8.47
C LEU B 266 -13.91 15.71 9.41
N THR B 267 -12.80 15.96 10.09
CA THR B 267 -12.72 16.95 11.15
C THR B 267 -11.47 17.80 10.99
N VAL B 268 -11.40 18.88 11.78
CA VAL B 268 -10.20 19.73 11.78
C VAL B 268 -9.00 18.93 12.28
N ASP B 269 -9.19 18.18 13.37
CA ASP B 269 -8.13 17.34 13.91
C ASP B 269 -7.62 16.34 12.86
N ALA B 270 -8.51 15.75 12.08
CA ALA B 270 -8.07 14.82 11.04
C ALA B 270 -7.12 15.51 10.06
N ALA B 271 -7.50 16.69 9.57
CA ALA B 271 -6.64 17.38 8.60
C ALA B 271 -5.30 17.73 9.21
N VAL B 272 -5.30 18.25 10.44
CA VAL B 272 -4.03 18.60 11.09
C VAL B 272 -3.14 17.36 11.26
N GLN B 273 -3.71 16.28 11.80
CA GLN B 273 -2.92 15.07 12.00
C GLN B 273 -2.42 14.50 10.68
N GLN B 274 -3.24 14.57 9.63
CA GLN B 274 -2.79 14.09 8.32
C GLN B 274 -1.56 14.84 7.84
N HIS B 275 -1.47 16.14 8.12
CA HIS B 275 -0.27 16.88 7.76
C HIS B 275 0.91 16.46 8.63
N LEU B 276 0.70 16.34 9.95
CA LEU B 276 1.78 15.99 10.86
C LEU B 276 2.35 14.60 10.59
N MET B 277 1.53 13.69 10.05
N MET B 277 1.57 13.70 9.96
CA MET B 277 1.98 12.32 9.79
CA MET B 277 2.08 12.38 9.64
C MET B 277 3.13 12.28 8.78
C MET B 277 3.12 12.38 8.53
N MET B 278 3.27 13.31 7.95
N MET B 278 3.34 13.50 7.84
CA MET B 278 4.24 13.28 6.88
CA MET B 278 4.28 13.53 6.72
C MET B 278 5.59 13.81 7.37
C MET B 278 5.64 14.00 7.20
N GLU B 279 6.65 13.08 7.07
N GLU B 279 6.67 13.18 6.96
CA GLU B 279 7.99 13.54 7.41
CA GLU B 279 8.02 13.51 7.37
C GLU B 279 8.26 14.88 6.73
C GLU B 279 8.49 14.78 6.67
N GLY B 280 8.93 15.76 7.46
CA GLY B 280 9.34 17.02 6.90
C GLY B 280 8.27 18.10 6.89
N VAL B 281 7.11 17.85 7.48
CA VAL B 281 6.07 18.88 7.61
C VAL B 281 6.03 19.35 9.05
N PRO B 282 6.66 20.49 9.37
CA PRO B 282 6.76 20.91 10.77
C PRO B 282 5.45 21.51 11.28
N SER B 283 5.13 21.17 12.54
CA SER B 283 3.90 21.68 13.15
C SER B 283 3.84 23.20 13.12
N ALA B 284 4.98 23.87 13.30
CA ALA B 284 5.00 25.34 13.36
C ALA B 284 4.57 26.00 12.05
N LYS B 285 4.59 25.28 10.93
CA LYS B 285 4.14 25.86 9.68
C LYS B 285 2.67 25.61 9.41
N ILE B 286 2.01 24.73 10.18
CA ILE B 286 0.61 24.40 9.96
C ILE B 286 -0.24 25.45 10.67
N VAL B 287 -1.15 26.08 9.92
CA VAL B 287 -2.07 27.07 10.46
C VAL B 287 -3.49 26.51 10.30
N MET B 288 -4.28 26.56 11.37
N MET B 288 -4.27 26.57 11.38
CA MET B 288 -5.63 26.03 11.35
CA MET B 288 -5.64 26.06 11.36
C MET B 288 -6.60 27.11 10.86
C MET B 288 -6.56 27.15 10.84
N GLY B 289 -7.25 26.86 9.73
CA GLY B 289 -8.30 27.76 9.27
C GLY B 289 -9.58 27.57 10.07
N VAL B 290 -10.29 28.69 10.28
N VAL B 290 -10.27 28.69 10.30
CA VAL B 290 -11.61 28.65 10.92
CA VAL B 290 -11.58 28.66 10.94
C VAL B 290 -12.54 29.56 10.14
C VAL B 290 -12.54 29.54 10.15
N PRO B 291 -13.83 29.20 10.10
CA PRO B 291 -14.79 30.03 9.37
C PRO B 291 -15.42 31.08 10.29
N PHE B 292 -15.54 32.29 9.75
CA PHE B 292 -16.32 33.34 10.42
C PHE B 292 -17.76 33.40 9.90
N TYR B 293 -18.22 32.33 9.26
CA TYR B 293 -19.56 32.22 8.71
C TYR B 293 -20.08 30.83 9.01
N GLY B 294 -21.40 30.70 8.95
CA GLY B 294 -22.07 29.42 9.03
C GLY B 294 -22.61 28.96 7.70
N ARG B 295 -22.83 27.65 7.56
CA ARG B 295 -23.50 27.09 6.40
C ARG B 295 -24.89 26.61 6.81
N ALA B 296 -25.90 27.05 6.06
CA ALA B 296 -27.29 26.82 6.41
C ALA B 296 -27.92 25.80 5.46
N PHE B 297 -28.80 24.97 6.03
CA PHE B 297 -29.49 23.93 5.29
C PHE B 297 -30.98 24.04 5.60
N LYS B 298 -31.82 23.71 4.61
CA LYS B 298 -33.26 23.68 4.82
C LYS B 298 -33.79 22.27 4.56
N GLY B 299 -35.07 22.06 4.88
CA GLY B 299 -35.66 20.74 4.70
C GLY B 299 -35.13 19.67 5.63
N VAL B 300 -34.67 20.04 6.83
CA VAL B 300 -34.11 19.07 7.76
C VAL B 300 -35.19 18.50 8.67
N SER B 301 -34.94 17.28 9.17
N SER B 301 -34.95 17.27 9.12
CA SER B 301 -35.88 16.58 10.03
CA SER B 301 -35.83 16.58 10.04
C SER B 301 -35.40 16.61 11.48
C SER B 301 -35.48 16.97 11.48
N GLY B 302 -36.36 16.57 12.41
CA GLY B 302 -36.08 16.71 13.82
C GLY B 302 -35.41 15.48 14.40
N GLY B 303 -35.27 15.50 15.72
CA GLY B 303 -34.72 14.37 16.43
C GLY B 303 -33.37 14.67 17.05
N ASN B 304 -32.46 15.24 16.27
CA ASN B 304 -31.12 15.57 16.72
C ASN B 304 -30.74 16.99 16.36
N GLY B 305 -31.68 17.92 16.52
CA GLY B 305 -31.37 19.31 16.29
C GLY B 305 -30.98 19.65 14.88
N GLY B 306 -31.40 18.84 13.91
CA GLY B 306 -31.06 19.07 12.52
C GLY B 306 -29.74 18.46 12.09
N GLN B 307 -28.99 17.84 13.02
CA GLN B 307 -27.72 17.23 12.69
C GLN B 307 -27.94 15.90 11.98
N TYR B 308 -27.16 15.64 10.94
CA TYR B 308 -27.08 14.31 10.34
C TYR B 308 -28.40 13.92 9.69
N SER B 309 -29.06 14.92 9.11
CA SER B 309 -30.38 14.78 8.50
C SER B 309 -30.27 14.93 6.99
N SER B 310 -31.20 14.29 6.26
CA SER B 310 -31.34 14.69 4.87
C SER B 310 -31.79 16.16 4.83
N HIS B 311 -31.70 16.76 3.65
CA HIS B 311 -32.01 18.17 3.52
C HIS B 311 -32.36 18.46 2.06
N SER B 312 -32.92 19.64 1.83
N SER B 312 -32.92 19.64 1.83
CA SER B 312 -33.33 20.05 0.49
CA SER B 312 -33.34 20.07 0.50
C SER B 312 -32.66 21.35 0.07
C SER B 312 -32.66 21.36 0.08
N THR B 313 -31.36 21.48 0.36
CA THR B 313 -30.64 22.72 0.10
C THR B 313 -30.03 22.68 -1.29
N PRO B 314 -30.40 23.60 -2.20
CA PRO B 314 -29.77 23.63 -3.52
C PRO B 314 -28.26 23.77 -3.42
N GLY B 315 -27.56 23.03 -4.26
CA GLY B 315 -26.11 23.11 -4.31
C GLY B 315 -25.57 23.87 -5.49
N GLU B 316 -26.43 24.39 -6.36
CA GLU B 316 -25.99 25.01 -7.59
C GLU B 316 -25.44 26.41 -7.32
N ASP B 317 -24.59 26.87 -8.23
N ASP B 317 -24.62 26.88 -8.27
CA ASP B 317 -24.10 28.23 -8.17
CA ASP B 317 -24.02 28.21 -8.23
C ASP B 317 -24.38 28.87 -9.53
C ASP B 317 -24.36 28.89 -9.55
N PRO B 318 -25.02 30.05 -9.55
CA PRO B 318 -25.48 30.76 -8.35
C PRO B 318 -26.72 30.13 -7.74
N TYR B 319 -27.10 30.58 -6.55
N TYR B 319 -27.12 30.60 -6.56
CA TYR B 319 -28.30 30.05 -5.93
CA TYR B 319 -28.33 30.08 -5.93
C TYR B 319 -29.48 30.18 -6.90
C TYR B 319 -29.49 30.19 -6.91
N PRO B 320 -30.25 29.12 -7.14
CA PRO B 320 -31.09 29.04 -8.34
C PRO B 320 -32.45 29.73 -8.29
N ASN B 321 -32.84 30.37 -7.20
CA ASN B 321 -34.12 31.09 -7.21
C ASN B 321 -34.00 32.22 -6.19
N ALA B 322 -35.13 32.92 -5.98
CA ALA B 322 -35.15 34.07 -5.07
C ALA B 322 -35.83 33.75 -3.75
N ASP B 323 -35.92 32.48 -3.37
CA ASP B 323 -36.44 32.11 -2.06
C ASP B 323 -35.31 32.20 -1.04
N TYR B 324 -35.23 33.33 -0.32
CA TYR B 324 -34.21 33.49 0.71
C TYR B 324 -34.84 33.03 2.03
N TRP B 325 -34.73 31.73 2.28
CA TRP B 325 -35.48 31.05 3.33
C TRP B 325 -34.78 31.05 4.68
N LEU B 326 -33.58 31.62 4.79
CA LEU B 326 -32.89 31.65 6.07
C LEU B 326 -33.46 32.82 6.86
N VAL B 327 -34.45 32.51 7.70
CA VAL B 327 -35.24 33.52 8.39
C VAL B 327 -34.33 34.47 9.15
N GLY B 328 -34.56 35.78 8.97
CA GLY B 328 -33.77 36.79 9.67
C GLY B 328 -32.44 37.14 9.05
N CYS B 329 -32.00 36.44 8.00
CA CYS B 329 -30.69 36.70 7.43
C CYS B 329 -30.79 37.82 6.39
N ASP B 330 -30.69 39.07 6.85
CA ASP B 330 -30.79 40.17 5.88
C ASP B 330 -29.61 40.22 4.92
N GLU B 331 -28.43 39.82 5.38
CA GLU B 331 -27.26 39.79 4.51
C GLU B 331 -27.48 38.77 3.39
N CYS B 332 -28.22 37.70 3.67
CA CYS B 332 -28.51 36.68 2.64
C CYS B 332 -29.36 37.25 1.53
N VAL B 333 -30.28 38.17 1.86
CA VAL B 333 -31.06 38.82 0.82
C VAL B 333 -30.16 39.70 -0.04
N ARG B 334 -29.32 40.52 0.62
CA ARG B 334 -28.36 41.35 -0.09
C ARG B 334 -27.49 40.53 -1.03
N ASP B 335 -27.02 39.38 -0.57
CA ASP B 335 -26.10 38.54 -1.33
C ASP B 335 -26.80 37.49 -2.17
N LYS B 336 -28.14 37.47 -2.16
CA LYS B 336 -28.95 36.55 -2.96
C LYS B 336 -28.58 35.09 -2.74
N ASP B 337 -28.37 34.70 -1.48
CA ASP B 337 -27.99 33.33 -1.18
C ASP B 337 -28.26 33.03 0.29
N PRO B 338 -29.21 32.15 0.59
CA PRO B 338 -29.52 31.82 1.99
C PRO B 338 -28.65 30.74 2.59
N ARG B 339 -27.61 30.28 1.89
CA ARG B 339 -26.86 29.11 2.35
C ARG B 339 -25.63 29.47 3.17
N ILE B 340 -25.27 30.75 3.25
CA ILE B 340 -24.10 31.21 3.99
C ILE B 340 -24.54 32.40 4.82
N ALA B 341 -24.17 32.43 6.09
CA ALA B 341 -24.49 33.57 6.95
C ALA B 341 -23.29 33.90 7.81
N SER B 342 -22.86 35.16 7.75
CA SER B 342 -21.74 35.60 8.59
C SER B 342 -22.08 35.41 10.06
N TYR B 343 -21.02 35.22 10.88
CA TYR B 343 -21.21 35.25 12.33
C TYR B 343 -21.95 36.52 12.76
N ARG B 344 -21.56 37.66 12.18
N ARG B 344 -21.58 37.67 12.18
CA ARG B 344 -22.22 38.94 12.44
CA ARG B 344 -22.25 38.92 12.50
C ARG B 344 -23.74 38.82 12.30
C ARG B 344 -23.76 38.80 12.32
N GLN B 345 -24.19 38.21 11.19
CA GLN B 345 -25.62 38.04 10.97
C GLN B 345 -26.22 36.98 11.88
N LEU B 346 -25.48 35.88 12.14
CA LEU B 346 -26.00 34.81 12.98
C LEU B 346 -26.33 35.30 14.39
N GLU B 347 -25.49 36.18 14.97
N GLU B 347 -25.49 36.19 14.94
CA GLU B 347 -25.82 36.75 16.27
CA GLU B 347 -25.77 36.80 16.24
C GLU B 347 -27.17 37.46 16.22
C GLU B 347 -27.12 37.48 16.23
N GLN B 348 -27.40 38.27 15.18
CA GLN B 348 -28.63 39.02 15.11
C GLN B 348 -29.81 38.06 14.92
N MET B 349 -29.61 36.97 14.16
N MET B 349 -29.60 36.96 14.19
CA MET B 349 -30.68 36.00 13.94
CA MET B 349 -30.65 35.96 14.00
C MET B 349 -31.05 35.31 15.24
C MET B 349 -31.04 35.32 15.31
N LEU B 350 -30.06 35.04 16.10
N LEU B 350 -30.05 34.97 16.14
CA LEU B 350 -30.34 34.43 17.39
CA LEU B 350 -30.34 34.42 17.46
C LEU B 350 -30.98 35.43 18.36
C LEU B 350 -31.06 35.45 18.33
N GLN B 351 -30.65 36.72 18.24
CA GLN B 351 -31.20 37.72 19.13
C GLN B 351 -32.63 38.10 18.77
N GLY B 352 -32.98 38.07 17.48
CA GLY B 352 -34.31 38.43 17.04
C GLY B 352 -35.33 37.33 17.25
N ASN B 353 -36.59 37.67 16.97
CA ASN B 353 -37.69 36.70 17.09
C ASN B 353 -37.81 35.91 15.80
N TYR B 354 -36.81 35.07 15.55
CA TYR B 354 -36.72 34.33 14.30
C TYR B 354 -36.83 32.83 14.44
N GLY B 355 -36.94 32.29 15.65
CA GLY B 355 -37.23 30.88 15.84
C GLY B 355 -36.05 29.95 15.96
N TYR B 356 -34.83 30.47 16.15
CA TYR B 356 -33.65 29.61 16.25
C TYR B 356 -33.33 29.26 17.68
N GLN B 357 -32.81 28.05 17.88
N GLN B 357 -32.87 28.02 17.88
CA GLN B 357 -32.23 27.64 19.16
CA GLN B 357 -32.21 27.58 19.10
C GLN B 357 -30.76 27.33 18.93
C GLN B 357 -30.72 27.49 18.79
N ARG B 358 -29.89 27.92 19.75
CA ARG B 358 -28.46 27.64 19.69
C ARG B 358 -28.18 26.38 20.49
N LEU B 359 -27.64 25.36 19.82
CA LEU B 359 -27.30 24.09 20.46
C LEU B 359 -25.79 23.89 20.39
N TRP B 360 -25.30 22.91 21.15
CA TRP B 360 -23.86 22.67 21.26
C TRP B 360 -23.61 21.19 21.17
N ASN B 361 -22.66 20.79 20.33
CA ASN B 361 -22.24 19.39 20.25
C ASN B 361 -20.94 19.28 21.04
N ASP B 362 -20.98 18.55 22.16
N ASP B 362 -20.97 18.54 22.16
CA ASP B 362 -19.82 18.48 23.04
CA ASP B 362 -19.82 18.43 23.05
C ASP B 362 -18.78 17.47 22.58
C ASP B 362 -18.78 17.43 22.56
N LYS B 363 -19.05 16.73 21.50
N LYS B 363 -19.04 16.71 21.47
CA LYS B 363 -18.02 15.89 20.89
CA LYS B 363 -18.01 15.87 20.86
C LYS B 363 -17.23 16.68 19.85
C LYS B 363 -17.23 16.64 19.82
N THR B 364 -17.94 17.35 18.93
CA THR B 364 -17.29 18.15 17.90
C THR B 364 -16.77 19.48 18.46
N LYS B 365 -17.29 19.90 19.62
CA LYS B 365 -16.94 21.18 20.24
C LYS B 365 -17.31 22.35 19.34
N THR B 366 -18.49 22.29 18.73
CA THR B 366 -18.96 23.34 17.85
C THR B 366 -20.44 23.61 18.07
N PRO B 367 -20.87 24.85 17.86
CA PRO B 367 -22.28 25.20 18.01
C PRO B 367 -23.04 24.97 16.71
N TYR B 368 -24.36 24.98 16.82
CA TYR B 368 -25.21 24.93 15.63
C TYR B 368 -26.55 25.57 15.97
N LEU B 369 -27.21 26.12 14.95
CA LEU B 369 -28.57 26.63 15.12
C LEU B 369 -29.54 25.63 14.55
N TYR B 370 -30.68 25.50 15.21
CA TYR B 370 -31.77 24.66 14.75
C TYR B 370 -33.04 25.49 14.75
N HIS B 371 -33.73 25.51 13.62
CA HIS B 371 -35.04 26.15 13.49
C HIS B 371 -36.05 25.02 13.40
N ALA B 372 -36.69 24.71 14.54
CA ALA B 372 -37.59 23.57 14.59
C ALA B 372 -38.83 23.76 13.74
N GLN B 373 -39.36 24.99 13.64
CA GLN B 373 -40.62 25.14 12.93
C GLN B 373 -40.44 24.95 11.43
N ASN B 374 -39.37 25.50 10.84
CA ASN B 374 -39.20 25.42 9.40
C ASN B 374 -38.28 24.30 8.96
N GLY B 375 -37.54 23.68 9.89
CA GLY B 375 -36.58 22.65 9.53
C GLY B 375 -35.30 23.21 8.94
N LEU B 376 -34.64 24.10 9.66
CA LEU B 376 -33.37 24.65 9.24
C LEU B 376 -32.27 24.26 10.21
N PHE B 377 -31.06 24.10 9.68
CA PHE B 377 -29.87 23.75 10.45
C PHE B 377 -28.73 24.63 9.98
N VAL B 378 -27.99 25.24 10.92
CA VAL B 378 -26.83 26.06 10.58
C VAL B 378 -25.63 25.57 11.36
N THR B 379 -24.54 25.26 10.67
CA THR B 379 -23.28 24.91 11.31
C THR B 379 -22.33 26.09 11.22
N TYR B 380 -21.79 26.51 12.37
CA TYR B 380 -20.92 27.68 12.43
C TYR B 380 -19.95 27.53 13.59
N ASP B 381 -19.07 28.54 13.74
CA ASP B 381 -18.11 28.59 14.84
C ASP B 381 -18.30 29.87 15.63
N ASP B 382 -17.89 29.86 16.89
CA ASP B 382 -18.07 31.05 17.73
C ASP B 382 -16.91 31.15 18.72
N ALA B 383 -17.02 32.11 19.65
CA ALA B 383 -15.93 32.28 20.60
C ALA B 383 -15.77 31.08 21.51
N GLU B 384 -16.82 30.26 21.67
CA GLU B 384 -16.70 29.06 22.48
C GLU B 384 -15.97 27.95 21.72
N SER B 385 -16.36 27.68 20.49
CA SER B 385 -15.61 26.67 19.74
C SER B 385 -14.16 27.08 19.56
N PHE B 386 -13.90 28.38 19.49
CA PHE B 386 -12.52 28.85 19.35
C PHE B 386 -11.68 28.58 20.60
N LYS B 387 -12.29 28.43 21.78
CA LYS B 387 -11.51 28.05 22.95
C LYS B 387 -10.86 26.69 22.73
N TYR B 388 -11.63 25.73 22.24
CA TYR B 388 -11.09 24.39 22.03
C TYR B 388 -10.10 24.38 20.88
N LYS B 389 -10.41 25.09 19.80
CA LYS B 389 -9.47 25.14 18.67
C LYS B 389 -8.18 25.85 19.06
N ALA B 390 -8.26 26.92 19.84
CA ALA B 390 -7.04 27.58 20.29
C ALA B 390 -6.22 26.67 21.19
N LYS B 391 -6.87 25.94 22.11
CA LYS B 391 -6.12 25.01 22.94
C LYS B 391 -5.44 23.93 22.10
N TYR B 392 -6.15 23.44 21.07
CA TYR B 392 -5.57 22.44 20.17
C TYR B 392 -4.36 23.01 19.43
N ILE B 393 -4.46 24.25 18.96
CA ILE B 393 -3.33 24.89 18.30
C ILE B 393 -2.12 24.95 19.23
N LYS B 394 -2.34 25.27 20.50
N LYS B 394 -2.35 25.27 20.50
CA LYS B 394 -1.23 25.29 21.45
CA LYS B 394 -1.23 25.38 21.44
C LYS B 394 -0.70 23.88 21.72
C LYS B 394 -0.69 24.02 21.83
N GLN B 395 -1.59 22.93 22.03
N GLN B 395 -1.57 23.03 22.00
CA GLN B 395 -1.15 21.58 22.37
CA GLN B 395 -1.12 21.68 22.35
C GLN B 395 -0.38 20.92 21.24
C GLN B 395 -0.31 21.06 21.22
N GLN B 396 -0.83 21.13 20.00
CA GLN B 396 -0.17 20.52 18.84
C GLN B 396 0.97 21.36 18.28
N GLN B 397 1.28 22.48 18.94
CA GLN B 397 2.38 23.36 18.52
C GLN B 397 2.24 23.83 17.08
N LEU B 398 1.03 24.20 16.70
CA LEU B 398 0.79 24.70 15.35
C LEU B 398 1.20 26.17 15.25
N GLY B 399 1.27 26.64 14.00
CA GLY B 399 1.74 27.99 13.76
C GLY B 399 0.76 29.08 14.16
N GLY B 400 -0.53 28.77 14.15
CA GLY B 400 -1.52 29.77 14.51
C GLY B 400 -2.85 29.46 13.83
N VAL B 401 -3.61 30.53 13.56
CA VAL B 401 -4.97 30.44 13.05
C VAL B 401 -5.12 31.35 11.84
N MET B 402 -5.99 30.93 10.92
N MET B 402 -5.98 30.92 10.90
CA MET B 402 -6.37 31.72 9.75
CA MET B 402 -6.37 31.72 9.75
C MET B 402 -7.89 31.72 9.67
C MET B 402 -7.89 31.75 9.73
N PHE B 403 -8.47 32.81 9.15
CA PHE B 403 -9.92 32.85 9.04
C PHE B 403 -10.42 33.57 7.79
N TRP B 404 -11.58 33.12 7.32
CA TRP B 404 -12.32 33.74 6.22
C TRP B 404 -13.69 34.12 6.76
N HIS B 405 -14.08 35.41 6.71
CA HIS B 405 -13.22 36.57 6.43
C HIS B 405 -13.54 37.71 7.41
N LEU B 406 -12.72 38.76 7.37
CA LEU B 406 -12.82 39.83 8.37
C LEU B 406 -14.19 40.49 8.41
N GLY B 407 -14.85 40.64 7.24
CA GLY B 407 -16.15 41.30 7.22
C GLY B 407 -17.25 40.53 7.92
N GLN B 408 -17.01 39.25 8.21
CA GLN B 408 -18.01 38.40 8.82
C GLN B 408 -17.91 38.34 10.34
N ASP B 409 -16.82 38.85 10.93
CA ASP B 409 -16.83 39.07 12.37
C ASP B 409 -17.91 40.10 12.69
N ASN B 410 -18.34 40.13 13.95
CA ASN B 410 -19.33 41.14 14.31
C ASN B 410 -18.67 42.52 14.34
N ARG B 411 -19.50 43.54 14.54
CA ARG B 411 -19.04 44.92 14.45
C ARG B 411 -17.92 45.19 15.47
N ASN B 412 -18.00 44.57 16.64
CA ASN B 412 -16.99 44.78 17.66
C ASN B 412 -15.75 43.91 17.49
N GLY B 413 -15.73 43.02 16.49
CA GLY B 413 -14.57 42.17 16.28
C GLY B 413 -14.39 41.12 17.35
N ASP B 414 -15.50 40.57 17.87
CA ASP B 414 -15.43 39.71 19.04
C ASP B 414 -14.73 38.38 18.73
N LEU B 415 -14.90 37.83 17.51
CA LEU B 415 -14.24 36.56 17.20
C LEU B 415 -12.72 36.75 17.14
N LEU B 416 -12.27 37.80 16.45
CA LEU B 416 -10.84 38.09 16.39
C LEU B 416 -10.29 38.38 17.77
N ALA B 417 -11.02 39.15 18.58
CA ALA B 417 -10.57 39.45 19.94
C ALA B 417 -10.47 38.18 20.77
N ALA B 418 -11.38 37.23 20.56
CA ALA B 418 -11.33 35.97 21.32
C ALA B 418 -10.07 35.18 20.96
N LEU B 419 -9.81 35.02 19.66
CA LEU B 419 -8.60 34.30 19.25
C LEU B 419 -7.35 34.94 19.85
N ASP B 420 -7.27 36.28 19.78
CA ASP B 420 -6.12 36.98 20.33
C ASP B 420 -6.00 36.74 21.83
N ARG B 421 -7.13 36.75 22.54
CA ARG B 421 -7.10 36.53 23.98
C ARG B 421 -6.63 35.11 24.32
N TYR B 422 -7.11 34.12 23.57
CA TYR B 422 -6.76 32.74 23.89
C TYR B 422 -5.27 32.48 23.67
N PHE B 423 -4.63 33.21 22.77
CA PHE B 423 -3.20 33.04 22.53
C PHE B 423 -2.34 33.95 23.40
N ASN B 424 -2.82 35.16 23.73
CA ASN B 424 -1.94 36.20 24.24
C ASN B 424 -2.31 36.81 25.58
N ALA B 425 -3.54 36.63 26.06
CA ALA B 425 -3.93 37.29 27.32
C ALA B 425 -3.27 36.60 28.51
N ALA B 426 -2.60 37.39 29.36
CA ALA B 426 -1.91 36.80 30.50
C ALA B 426 -2.89 36.22 31.52
N ASP B 427 -4.10 36.74 31.58
N ASP B 427 -4.11 36.74 31.57
CA ASP B 427 -5.08 36.27 32.56
CA ASP B 427 -5.11 36.32 32.53
C ASP B 427 -5.88 35.06 32.09
C ASP B 427 -6.11 35.31 31.97
N TYR B 428 -5.83 34.74 30.80
CA TYR B 428 -6.66 33.67 30.26
C TYR B 428 -6.01 32.33 30.56
N ASP B 429 -6.78 31.40 31.14
CA ASP B 429 -6.29 30.10 31.58
C ASP B 429 -7.21 29.03 30.99
N ASP B 430 -6.67 28.22 30.09
CA ASP B 430 -7.41 27.07 29.56
C ASP B 430 -6.85 25.74 30.04
N SER B 431 -6.07 25.74 31.13
CA SER B 431 -5.44 24.50 31.59
C SER B 431 -6.49 23.46 31.97
N GLN B 432 -7.66 23.90 32.41
N GLN B 432 -7.66 23.90 32.41
CA GLN B 432 -8.75 23.00 32.82
CA GLN B 432 -8.75 23.00 32.82
C GLN B 432 -9.83 22.89 31.77
C GLN B 432 -9.77 22.77 31.73
N LEU B 433 -9.62 23.40 30.56
CA LEU B 433 -10.59 23.25 29.49
C LEU B 433 -10.64 21.81 29.02
N ASP B 434 -11.79 21.16 29.19
N ASP B 434 -11.80 21.18 29.17
CA ASP B 434 -11.89 19.73 28.88
CA ASP B 434 -11.96 19.76 28.85
C ASP B 434 -12.14 19.55 27.39
C ASP B 434 -12.14 19.61 27.35
N MET B 435 -11.21 18.90 26.70
CA MET B 435 -11.29 18.71 25.26
C MET B 435 -12.26 17.63 24.83
N GLY B 436 -12.91 16.94 25.77
CA GLY B 436 -14.00 16.05 25.44
C GLY B 436 -13.54 14.67 25.00
N THR B 437 -14.54 13.86 24.67
CA THR B 437 -14.35 12.49 24.24
C THR B 437 -14.70 12.27 22.78
N GLY B 438 -14.76 13.35 22.00
CA GLY B 438 -14.94 13.21 20.57
C GLY B 438 -13.82 12.40 19.95
N LEU B 439 -14.10 11.84 18.77
CA LEU B 439 -13.17 10.92 18.13
C LEU B 439 -11.95 11.66 17.61
N ARG B 440 -10.77 11.23 18.06
CA ARG B 440 -9.51 11.72 17.52
C ARG B 440 -9.10 10.90 16.29
N TYR B 441 -8.42 11.58 15.37
CA TYR B 441 -7.79 10.87 14.26
C TYR B 441 -6.56 10.15 14.81
N THR B 442 -6.56 8.83 14.69
CA THR B 442 -5.58 7.97 15.33
C THR B 442 -4.40 7.61 14.44
N GLY B 443 -4.36 8.11 13.21
CA GLY B 443 -3.33 7.69 12.28
C GLY B 443 -1.94 8.10 12.70
N VAL B 444 -0.97 7.23 12.40
CA VAL B 444 0.44 7.49 12.64
C VAL B 444 1.20 7.25 11.35
N GLY B 445 2.09 8.18 11.02
CA GLY B 445 2.95 8.08 9.87
C GLY B 445 4.38 8.38 10.27
N PRO B 446 5.29 8.43 9.29
CA PRO B 446 6.71 8.64 9.64
C PRO B 446 7.01 9.96 10.31
N GLY B 447 6.16 10.98 10.14
CA GLY B 447 6.43 12.29 10.68
C GLY B 447 5.89 12.54 12.07
N ASN B 448 5.14 11.60 12.66
CA ASN B 448 4.55 11.80 13.97
C ASN B 448 4.63 10.53 14.82
N LEU B 449 5.77 9.85 14.77
CA LEU B 449 5.96 8.65 15.58
C LEU B 449 5.90 9.01 17.06
N PRO B 450 5.14 8.27 17.87
CA PRO B 450 5.14 8.55 19.32
C PRO B 450 6.42 8.08 19.98
N ILE B 451 6.77 8.72 21.09
CA ILE B 451 7.82 8.19 21.95
C ILE B 451 7.35 6.89 22.58
N MET B 452 8.17 5.85 22.46
CA MET B 452 7.90 4.60 23.15
C MET B 452 9.17 3.99 23.74
N THR B 453 8.97 2.98 24.56
N THR B 453 8.97 2.94 24.52
CA THR B 453 10.05 2.15 25.08
CA THR B 453 10.04 2.16 25.14
C THR B 453 9.72 0.70 24.75
C THR B 453 9.71 0.68 24.92
N ALA B 454 10.76 -0.12 24.71
CA ALA B 454 10.60 -1.55 24.49
C ALA B 454 11.94 -2.22 24.81
N PRO B 455 11.93 -3.51 25.13
CA PRO B 455 13.20 -4.23 25.34
C PRO B 455 14.03 -4.23 24.07
N ALA B 456 15.35 -4.18 24.25
CA ALA B 456 16.25 -4.21 23.10
C ALA B 456 16.07 -5.49 22.30
N TYR B 457 16.14 -5.36 20.98
CA TYR B 457 16.11 -6.50 20.09
C TYR B 457 17.26 -7.44 20.41
N VAL B 458 16.99 -8.74 20.39
CA VAL B 458 17.99 -9.77 20.70
C VAL B 458 18.13 -10.71 19.51
N PRO B 459 19.30 -10.75 18.86
CA PRO B 459 19.49 -11.73 17.78
C PRO B 459 19.27 -13.15 18.27
N GLY B 460 18.64 -13.96 17.42
CA GLY B 460 18.35 -15.34 17.74
C GLY B 460 17.01 -15.57 18.40
N THR B 461 16.39 -14.53 18.94
CA THR B 461 15.10 -14.66 19.59
C THR B 461 13.99 -14.70 18.55
N THR B 462 13.00 -15.57 18.78
CA THR B 462 11.88 -15.75 17.85
C THR B 462 10.72 -14.90 18.36
N TYR B 463 10.35 -13.87 17.60
CA TYR B 463 9.35 -12.91 18.03
C TYR B 463 7.98 -13.23 17.42
N ALA B 464 6.97 -13.38 18.26
CA ALA B 464 5.60 -13.60 17.81
C ALA B 464 5.03 -12.32 17.21
N GLN B 465 3.91 -12.47 16.49
N GLN B 465 3.91 -12.47 16.49
CA GLN B 465 3.23 -11.33 15.91
CA GLN B 465 3.25 -11.32 15.89
C GLN B 465 2.86 -10.33 17.00
C GLN B 465 2.83 -10.32 16.97
N GLY B 466 3.13 -9.05 16.75
CA GLY B 466 2.81 -8.00 17.67
C GLY B 466 3.90 -7.68 18.69
N ALA B 467 4.98 -8.45 18.73
CA ALA B 467 6.07 -8.19 19.67
C ALA B 467 6.71 -6.82 19.38
N LEU B 468 7.13 -6.14 20.44
CA LEU B 468 7.77 -4.84 20.35
C LEU B 468 9.21 -4.90 20.86
N VAL B 469 10.14 -4.33 20.09
CA VAL B 469 11.54 -4.25 20.46
C VAL B 469 12.07 -2.84 20.17
N SER B 470 13.15 -2.49 20.85
CA SER B 470 13.89 -1.28 20.53
C SER B 470 15.14 -1.64 19.75
N TYR B 471 15.48 -0.83 18.75
CA TYR B 471 16.62 -1.13 17.89
C TYR B 471 16.99 0.11 17.11
N GLN B 472 18.25 0.55 17.25
CA GLN B 472 18.80 1.60 16.41
C GLN B 472 17.94 2.86 16.43
N GLY B 473 17.50 3.24 17.63
CA GLY B 473 16.83 4.51 17.84
C GLY B 473 15.31 4.48 17.75
N TYR B 474 14.72 3.32 17.45
CA TYR B 474 13.29 3.25 17.22
C TYR B 474 12.70 2.03 17.93
N VAL B 475 11.39 2.04 18.06
CA VAL B 475 10.62 0.90 18.55
C VAL B 475 9.90 0.28 17.36
N TRP B 476 10.01 -1.04 17.23
CA TRP B 476 9.52 -1.78 16.08
C TRP B 476 8.56 -2.86 16.55
N GLN B 477 7.59 -3.18 15.71
CA GLN B 477 6.61 -4.23 15.98
C GLN B 477 6.61 -5.25 14.85
N THR B 478 6.58 -6.53 15.20
CA THR B 478 6.48 -7.56 14.15
C THR B 478 5.09 -7.55 13.55
N LYS B 479 5.04 -7.70 12.22
CA LYS B 479 3.77 -7.75 11.51
C LYS B 479 3.16 -9.15 11.52
N TRP B 480 4.01 -10.17 11.61
CA TRP B 480 3.58 -11.55 11.78
C TRP B 480 4.64 -12.22 12.64
N GLY B 481 4.46 -13.52 12.90
CA GLY B 481 5.48 -14.28 13.60
C GLY B 481 5.68 -15.61 12.91
N TYR B 482 6.79 -16.29 13.25
CA TYR B 482 7.83 -15.80 14.16
C TYR B 482 8.96 -15.16 13.37
N ILE B 483 9.46 -14.04 13.87
CA ILE B 483 10.47 -13.24 13.18
C ILE B 483 11.79 -13.35 13.95
N THR B 484 12.89 -13.49 13.21
N THR B 484 12.88 -13.51 13.22
CA THR B 484 14.23 -13.48 13.77
CA THR B 484 14.22 -13.43 13.81
C THR B 484 15.16 -12.50 13.05
C THR B 484 15.10 -12.38 13.17
N SER B 485 14.65 -11.72 12.10
CA SER B 485 15.48 -10.77 11.39
C SER B 485 15.70 -9.52 12.23
N ALA B 486 16.76 -8.78 11.90
CA ALA B 486 17.00 -7.50 12.56
C ALA B 486 15.99 -6.46 12.09
N PRO B 487 15.41 -5.68 13.00
CA PRO B 487 14.42 -4.68 12.59
C PRO B 487 14.99 -3.73 11.55
N GLY B 488 14.20 -3.49 10.50
CA GLY B 488 14.60 -2.65 9.40
C GLY B 488 15.31 -3.37 8.28
N SER B 489 15.71 -4.63 8.48
CA SER B 489 16.46 -5.35 7.47
C SER B 489 15.58 -6.03 6.42
N ASP B 490 14.29 -6.16 6.67
CA ASP B 490 13.39 -6.79 5.72
C ASP B 490 11.99 -6.24 5.99
N SER B 491 10.98 -6.90 5.46
CA SER B 491 9.63 -6.35 5.52
C SER B 491 8.87 -6.73 6.79
N ALA B 492 9.48 -7.45 7.73
CA ALA B 492 8.69 -8.05 8.80
C ALA B 492 8.40 -7.09 9.95
N TRP B 493 9.16 -6.00 10.06
CA TRP B 493 9.06 -5.12 11.22
C TRP B 493 8.47 -3.79 10.80
N LEU B 494 7.51 -3.32 11.58
CA LEU B 494 6.92 -2.00 11.39
C LEU B 494 7.55 -1.04 12.40
N LYS B 495 8.07 0.08 11.90
CA LYS B 495 8.57 1.12 12.80
C LYS B 495 7.38 1.84 13.42
N VAL B 496 7.16 1.66 14.72
CA VAL B 496 5.96 2.18 15.37
C VAL B 496 6.23 3.35 16.31
N GLY B 497 7.45 3.52 16.80
CA GLY B 497 7.74 4.61 17.71
C GLY B 497 9.21 5.00 17.66
N ARG B 498 9.53 6.08 18.36
N ARG B 498 9.53 6.08 18.35
CA ARG B 498 10.89 6.57 18.48
CA ARG B 498 10.92 6.53 18.45
C ARG B 498 11.33 6.53 19.94
C ARG B 498 11.34 6.58 19.91
N LEU B 499 12.62 6.32 20.15
CA LEU B 499 13.17 6.34 21.49
C LEU B 499 13.44 7.77 21.91
N ALA B 500 13.21 8.06 23.19
CA ALA B 500 13.49 9.37 23.74
C ALA B 500 14.98 9.53 24.00
C1 NAG C . 11.15 -25.99 4.59
C2 NAG C . 11.93 -26.65 3.47
C3 NAG C . 12.41 -28.03 3.89
C4 NAG C . 13.12 -27.98 5.24
C5 NAG C . 12.37 -27.14 6.27
C6 NAG C . 13.21 -26.84 7.50
C7 NAG C . 11.19 -25.83 1.26
C8 NAG C . 12.06 -24.63 1.51
N2 NAG C . 11.16 -26.74 2.24
O1 NAG C . 10.66 -24.75 4.21
O3 NAG C . 13.26 -28.58 2.90
O4 NAG C . 13.13 -29.31 5.78
O5 NAG C . 11.98 -25.87 5.73
O6 NAG C . 12.69 -25.74 8.24
O7 NAG C . 10.54 -25.96 0.21
C1 NAG C . 14.44 -29.88 5.83
C2 NAG C . 14.40 -31.03 6.84
C3 NAG C . 15.76 -31.74 6.89
C4 NAG C . 16.21 -32.13 5.49
C5 NAG C . 16.16 -30.92 4.55
C6 NAG C . 16.50 -31.26 3.13
C7 NAG C . 12.79 -30.66 8.65
C8 NAG C . 12.58 -30.12 10.05
N2 NAG C . 14.03 -30.55 8.16
O3 NAG C . 15.66 -32.89 7.72
O4 NAG C . 17.53 -32.64 5.53
O5 NAG C . 14.84 -30.37 4.55
O6 NAG C . 15.75 -32.36 2.66
O7 NAG C . 11.87 -31.17 8.01
C1 NAG D . -15.77 23.70 -1.33
C2 NAG D . -15.05 25.04 -1.28
C3 NAG D . -16.08 26.16 -1.31
C4 NAG D . -17.07 25.99 -2.47
C5 NAG D . -17.58 24.55 -2.61
C6 NAG D . -18.28 24.31 -3.91
C7 NAG D . -12.92 24.84 -0.05
C8 NAG D . -12.35 24.25 -1.31
N2 NAG D . -14.21 25.17 -0.10
O1 NAG D . -14.86 22.65 -1.23
O3 NAG D . -15.41 27.41 -1.43
O4 NAG D . -18.22 26.76 -2.17
O5 NAG D . -16.50 23.61 -2.52
O6 NAG D . -18.68 22.95 -4.05
O7 NAG D . -12.24 25.01 0.96
C1 NAG D . -18.39 27.89 -3.06
C2 NAG D . -19.85 28.35 -2.99
C3 NAG D . -20.05 29.59 -3.86
C4 NAG D . -19.02 30.66 -3.54
C5 NAG D . -17.61 30.08 -3.59
C6 NAG D . -16.54 31.06 -3.16
C7 NAG D . -21.44 26.55 -2.50
C8 NAG D . -22.35 25.50 -3.08
N2 NAG D . -20.76 27.29 -3.37
O3 NAG D . -21.36 30.09 -3.67
O4 NAG D . -19.12 31.73 -4.47
O5 NAG D . -17.51 28.96 -2.70
O6 NAG D . -16.87 31.68 -1.93
O7 NAG D . -21.31 26.70 -1.28
C1 GOL E . 13.79 -17.96 -22.71
O1 GOL E . 14.23 -16.81 -22.03
C2 GOL E . 12.38 -18.32 -22.17
O2 GOL E . 11.43 -17.34 -22.42
C3 GOL E . 11.99 -19.67 -22.83
O3 GOL E . 13.18 -20.32 -23.19
C1 GOL F . 7.26 -30.70 -22.84
O1 GOL F . 6.56 -29.64 -23.45
C2 GOL F . 8.28 -31.15 -23.89
O2 GOL F . 8.71 -30.07 -24.65
C3 GOL F . 9.43 -31.77 -23.07
O3 GOL F . 10.02 -30.73 -22.33
C1 GOL G . -7.79 -16.35 0.24
O1 GOL G . -8.62 -15.86 -0.77
C2 GOL G . -8.24 -17.79 0.61
O2 GOL G . -7.25 -18.45 1.33
C3 GOL G . -9.58 -17.64 1.39
O3 GOL G . -9.28 -17.04 2.61
C1 GOL H . 25.38 -34.95 -3.46
O1 GOL H . 24.09 -34.85 -3.98
C2 GOL H . 25.57 -33.93 -2.30
O2 GOL H . 25.17 -32.69 -2.68
C3 GOL H . 24.76 -34.46 -1.08
O3 GOL H . 25.52 -35.46 -0.43
C1 GOL I . 9.15 -51.17 12.25
O1 GOL I . 9.01 -50.53 11.03
C2 GOL I . 9.16 -50.06 13.31
O2 GOL I . 7.87 -49.75 13.71
C3 GOL I . 9.86 -48.87 12.60
O3 GOL I . 10.11 -47.89 13.57
C1 GOL J . -7.60 -35.45 -20.91
O1 GOL J . -6.38 -35.27 -20.26
C2 GOL J . -8.72 -35.18 -19.87
O2 GOL J . -8.63 -33.89 -19.34
C3 GOL J . -10.04 -35.40 -20.67
O3 GOL J . -11.09 -35.13 -19.81
C1 GOL K . -14.22 -31.15 6.08
O1 GOL K . -15.12 -30.10 5.86
C2 GOL K . -14.08 -31.90 4.74
O2 GOL K . -15.30 -32.00 4.08
C3 GOL K . -13.49 -33.28 5.09
O3 GOL K . -13.60 -34.07 3.96
C1 GOL L . -13.75 3.37 -24.72
O1 GOL L . -12.74 4.07 -24.08
C2 GOL L . -14.86 3.10 -23.70
O2 GOL L . -15.75 4.15 -23.65
C3 GOL L . -15.55 1.81 -24.20
O3 GOL L . -15.64 0.97 -23.10
C1 GOL M . 3.11 -55.92 8.67
O1 GOL M . 2.06 -56.64 9.22
C2 GOL M . 4.31 -56.87 8.43
O2 GOL M . 3.95 -58.20 8.41
C3 GOL M . 4.96 -56.38 7.14
O3 GOL M . 6.02 -57.25 6.82
C1 NGO N . 12.99 -29.00 -1.97
C2 NGO N . 14.52 -28.90 -1.93
C3 NGO N . 15.24 -30.05 -1.19
C4 NGO N . 14.33 -30.71 -0.14
C5 NGO N . 12.92 -30.87 -0.72
C6 NGO N . 11.97 -31.68 0.17
C7 NGO N . 13.74 -29.32 -3.98
C8 NGO N . 13.31 -28.67 -5.27
N2 NGO N . 14.82 -28.93 -3.38
O1 NGO N . 12.78 -29.78 -3.15
O3 NGO N . 16.45 -29.57 -0.58
O4 NGO N . 14.86 -31.99 0.24
O5 NGO N . 12.37 -29.59 -0.87
O6 NGO N . 11.57 -30.90 1.31
C1 GOL O . 12.17 -14.67 6.83
O1 GOL O . 12.46 -15.97 6.41
C2 GOL O . 10.93 -14.18 6.03
O2 GOL O . 10.47 -12.94 6.45
C3 GOL O . 11.38 -14.16 4.57
O3 GOL O . 11.49 -15.48 4.19
C1 GOL P . 13.03 -51.97 -10.06
O1 GOL P . 12.96 -52.65 -8.85
C2 GOL P . 11.70 -51.21 -10.24
O2 GOL P . 11.69 -49.99 -9.54
C3 GOL P . 11.53 -51.05 -11.78
O3 GOL P . 10.16 -50.86 -12.07
C1 GOL Q . 21.92 -5.88 -11.77
O1 GOL Q . 21.02 -5.11 -11.04
C2 GOL Q . 22.40 -5.00 -12.93
O2 GOL Q . 23.22 -3.96 -12.48
C3 GOL Q . 23.11 -5.97 -13.90
O3 GOL Q . 24.05 -5.20 -14.60
C1 GOL R . -9.19 -23.54 -10.50
O1 GOL R . -9.18 -24.29 -11.68
C2 GOL R . -10.34 -24.05 -9.59
O2 GOL R . -10.94 -23.01 -8.89
C3 GOL R . -11.33 -24.80 -10.52
O3 GOL R . -12.33 -25.33 -9.70
C1 GOL S . 11.35 -27.56 -28.15
O1 GOL S . 11.80 -26.24 -28.23
C2 GOL S . 11.98 -28.21 -26.89
O2 GOL S . 12.08 -27.34 -25.82
C3 GOL S . 11.07 -29.43 -26.60
O3 GOL S . 11.25 -29.75 -25.25
C1 GOL T . 22.53 -16.15 -28.95
O1 GOL T . 22.15 -15.11 -29.85
C2 GOL T . 23.17 -15.47 -27.71
O2 GOL T . 22.27 -14.56 -27.16
C3 GOL T . 24.44 -14.76 -28.28
O3 GOL T . 25.31 -14.45 -27.24
C1 GOL U . 19.74 -14.19 -23.15
O1 GOL U . 20.45 -13.83 -24.21
C2 GOL U . 18.44 -13.46 -23.19
O2 GOL U . 17.43 -14.26 -23.69
C3 GOL U . 18.23 -12.94 -21.72
O3 GOL U . 19.50 -12.86 -21.12
C1 GOL V . -7.77 -7.53 5.30
O1 GOL V . -8.36 -6.43 4.64
C2 GOL V . -7.00 -8.37 4.29
O2 GOL V . -7.79 -9.25 3.55
C3 GOL V . -6.16 -7.38 3.41
O3 GOL V . -4.89 -7.97 3.31
C1 GOL W . 11.21 -52.34 2.81
O1 GOL W . 12.05 -51.54 2.04
C2 GOL W . 10.89 -51.60 4.13
O2 GOL W . 11.22 -50.26 4.12
C3 GOL W . 9.40 -51.86 4.43
O3 GOL W . 9.05 -51.18 5.60
C1 GOL X . -6.10 -5.86 -10.02
O1 GOL X . -7.47 -5.56 -10.17
C2 GOL X . -5.27 -4.60 -10.45
O2 GOL X . -5.47 -4.20 -11.77
C3 GOL X . -5.66 -3.48 -9.48
O3 GOL X . -5.05 -2.31 -9.97
C1 GOL Y . -4.72 -45.42 -1.31
O1 GOL Y . -4.74 -44.56 -2.41
C2 GOL Y . -3.23 -45.63 -0.91
O2 GOL Y . -2.65 -46.66 -1.64
C3 GOL Y . -2.55 -44.28 -1.15
O3 GOL Y . -3.19 -43.34 -0.35
C1 GOL Z . 9.76 -23.44 6.99
O1 GOL Z . 11.07 -23.87 6.93
C2 GOL Z . 9.77 -22.14 7.80
O2 GOL Z . 8.52 -21.56 7.83
C3 GOL Z . 10.25 -22.52 9.22
O3 GOL Z . 11.31 -23.42 9.06
C1 GOL AA . 5.67 -22.48 5.08
O1 GOL AA . 7.00 -22.91 5.04
C2 GOL AA . 4.89 -23.46 6.01
O2 GOL AA . 5.62 -24.56 6.34
C3 GOL AA . 4.48 -22.61 7.22
O3 GOL AA . 5.65 -22.29 7.90
C1 GOL BA . -10.72 -39.61 -3.71
O1 GOL BA . -12.05 -39.34 -4.04
C2 GOL BA . -10.71 -40.90 -2.86
O2 GOL BA . -9.47 -41.16 -2.32
C3 GOL BA . -11.79 -40.67 -1.78
O3 GOL BA . -11.52 -41.57 -0.74
C1 GOL CA . 0.18 2.44 -7.46
O1 GOL CA . -0.10 1.43 -8.37
C2 GOL CA . -0.85 3.57 -7.66
O2 GOL CA . -2.14 3.13 -7.43
C3 GOL CA . -0.40 4.73 -6.71
O3 GOL CA . -0.48 4.24 -5.38
C1 GOL DA . 4.69 -4.87 -10.71
O1 GOL DA . 3.43 -4.64 -11.30
C2 GOL DA . 4.75 -3.92 -9.50
O2 GOL DA . 4.11 -2.74 -9.79
C3 GOL DA . 6.24 -3.70 -9.19
O3 GOL DA . 6.76 -4.94 -8.84
C ACT EA . 26.74 -52.05 -14.25
O ACT EA . 27.96 -52.08 -13.92
OXT ACT EA . 26.22 -51.98 -15.40
CH3 ACT EA . 25.71 -52.07 -13.07
C1 GOL FA . -0.18 -14.55 -19.64
O1 GOL FA . 0.99 -14.20 -20.34
C2 GOL FA . -0.51 -15.97 -20.07
O2 GOL FA . 0.49 -16.51 -20.84
C3 GOL FA . -0.70 -16.78 -18.78
O3 GOL FA . -1.02 -15.93 -17.72
C1 GOL GA . 12.46 -33.12 3.53
O1 GOL GA . 11.34 -32.48 3.00
C2 GOL GA . 12.99 -34.06 2.43
O2 GOL GA . 14.13 -34.73 2.85
C3 GOL GA . 11.81 -35.01 2.09
O3 GOL GA . 12.31 -36.08 1.31
C ACT HA . 9.54 -20.84 13.21
O ACT HA . 10.45 -20.68 14.06
OXT ACT HA . 9.59 -20.69 11.96
CH3 ACT HA . 8.15 -21.27 13.77
C ACT IA . 24.72 -36.28 -23.40
O ACT IA . 23.78 -36.14 -22.58
OXT ACT IA . 24.99 -35.61 -24.44
CH3 ACT IA . 25.69 -37.48 -23.10
C ACT JA . -5.47 -36.55 -24.44
O ACT JA . -4.84 -36.16 -23.41
OXT ACT JA . -5.13 -37.40 -25.30
CH3 ACT JA . -6.88 -35.91 -24.67
C ACT KA . -10.42 -40.83 17.50
O ACT KA . -10.28 -39.77 16.83
OXT ACT KA . -9.54 -41.54 18.07
CH3 ACT KA . -11.89 -41.36 17.66
C1 GOL LA . 13.17 -10.36 1.92
O1 GOL LA . 14.41 -10.12 2.46
C2 GOL LA . 12.04 -9.81 2.84
O2 GOL LA . 11.78 -8.43 2.63
C3 GOL LA . 10.82 -10.69 2.49
O3 GOL LA . 10.37 -11.28 3.67
C ACT MA . -8.82 -43.66 -13.82
O ACT MA . -9.33 -43.97 -14.93
OXT ACT MA . -7.59 -43.62 -13.49
CH3 ACT MA . -9.82 -43.25 -12.69
C1 GOL NA . -0.31 -42.03 -21.48
O1 GOL NA . 0.98 -42.01 -21.97
C2 GOL NA . -0.88 -43.44 -21.82
O2 GOL NA . -0.36 -43.95 -22.98
C3 GOL NA . -0.54 -44.30 -20.58
O3 GOL NA . -1.08 -43.66 -19.48
C1 GOL OA . 23.02 -5.03 -6.75
O1 GOL OA . 21.95 -5.52 -6.01
C2 GOL OA . 22.76 -5.45 -8.22
O2 GOL OA . 22.94 -4.38 -9.09
C3 GOL OA . 23.73 -6.61 -8.49
O3 GOL OA . 24.97 -6.04 -8.72
C1 GOL PA . 7.89 -18.07 8.49
O1 GOL PA . 7.55 -16.88 9.15
C2 GOL PA . 6.88 -19.18 8.92
O2 GOL PA . 6.71 -20.15 7.93
C3 GOL PA . 5.59 -18.44 9.23
O3 GOL PA . 4.91 -19.20 10.20
C ACT QA . -15.38 -28.95 -14.21
O ACT QA . -16.04 -29.90 -13.69
OXT ACT QA . -15.08 -27.84 -13.72
CH3 ACT QA . -14.85 -29.19 -15.66
C ACT RA . 34.50 -26.34 -10.79
O ACT RA . 33.96 -25.30 -11.22
OXT ACT RA . 33.95 -27.40 -10.36
CH3 ACT RA . 36.07 -26.37 -10.77
C ACT SA . -12.96 -40.15 -8.15
O ACT SA . -13.29 -39.82 -9.32
OXT ACT SA . -11.90 -40.72 -7.76
CH3 ACT SA . -13.99 -39.83 -7.03
C1 GOL TA . 23.49 -43.75 3.05
O1 GOL TA . 23.38 -42.67 2.13
C2 GOL TA . 23.37 -45.09 2.24
O2 GOL TA . 24.62 -45.69 1.99
C3 GOL TA . 22.44 -45.99 3.12
O3 GOL TA . 21.14 -45.53 2.93
C ACT UA . 8.78 0.20 -6.17
O ACT UA . 8.09 0.91 -5.37
OXT ACT UA . 8.43 -0.87 -6.75
CH3 ACT UA . 10.23 0.68 -6.47
C1 GOL VA . 31.89 -22.83 1.96
O1 GOL VA . 32.52 -23.35 0.81
C2 GOL VA . 32.95 -22.01 2.74
O2 GOL VA . 34.22 -22.55 2.64
C3 GOL VA . 32.84 -20.57 2.17
O3 GOL VA . 31.55 -20.14 2.43
C1 GOL WA . -15.40 14.00 -3.79
O1 GOL WA . -14.67 12.87 -4.20
C2 GOL WA . -15.60 13.88 -2.25
O2 GOL WA . -15.90 15.10 -1.66
C3 GOL WA . -16.75 12.88 -2.10
O3 GOL WA . -17.51 13.30 -1.00
P PO4 XA . 12.81 -47.75 -26.72
O1 PO4 XA . 12.85 -49.18 -27.21
O2 PO4 XA . 14.14 -47.09 -26.99
O3 PO4 XA . 12.52 -47.73 -25.24
O4 PO4 XA . 11.72 -47.01 -27.46
P PO4 YA . 14.68 -50.77 4.24
O1 PO4 YA . 14.02 -52.09 4.55
O2 PO4 YA . 15.26 -50.81 2.85
O3 PO4 YA . 15.79 -50.52 5.25
O4 PO4 YA . 13.67 -49.65 4.34
C ACT ZA . 13.81 -2.46 -5.48
O ACT ZA . 13.05 -2.79 -4.51
OXT ACT ZA . 15.03 -2.75 -5.66
CH3 ACT ZA . 13.16 -1.60 -6.62
C1 GOL AB . -9.59 0.74 7.54
O1 GOL AB . -9.02 1.43 8.60
C2 GOL AB . -8.49 0.03 6.77
O2 GOL AB . -8.12 -1.18 7.38
C3 GOL AB . -7.34 1.05 6.65
O3 GOL AB . -7.72 2.04 5.73
C1 GOL BB . -13.45 -0.86 5.20
O1 GOL BB . -14.20 0.29 5.45
C2 GOL BB . -12.33 -0.45 4.23
O2 GOL BB . -11.10 -0.38 4.85
C3 GOL BB . -12.37 -1.54 3.12
O3 GOL BB . -12.67 -0.89 1.92
C1 GOL CB . -27.40 19.51 -6.22
O1 GOL CB . -26.32 20.36 -6.33
C2 GOL CB . -28.15 20.14 -5.05
O2 GOL CB . -29.30 20.79 -5.44
C3 GOL CB . -28.26 19.03 -4.01
O3 GOL CB . -28.86 19.49 -2.83
C1 GOL DB . 4.16 37.68 13.19
O1 GOL DB . 3.99 36.97 12.01
C2 GOL DB . 5.05 36.82 14.10
O2 GOL DB . 5.29 37.46 15.31
C3 GOL DB . 4.26 35.51 14.30
O3 GOL DB . 5.06 34.72 15.13
C1 GOL EB . -9.99 8.02 12.55
O1 GOL EB . -9.00 7.61 13.44
C2 GOL EB . -11.11 8.74 13.34
O2 GOL EB . -11.94 9.48 12.50
C3 GOL EB . -11.88 7.62 14.10
O3 GOL EB . -12.58 6.88 13.15
C1 GOL FB . -34.23 38.12 6.22
O1 GOL FB . -34.96 38.78 7.22
C2 GOL FB . -35.25 37.62 5.18
O2 GOL FB . -34.85 36.45 4.54
C3 GOL FB . -36.58 37.47 5.95
O3 GOL FB . -36.38 36.52 6.95
C1 GOL GB . -2.34 30.71 28.02
O1 GOL GB . -2.67 31.01 26.69
C2 GOL GB . -3.25 29.54 28.46
O2 GOL GB . -3.04 28.41 27.65
C3 GOL GB . -2.88 29.30 29.95
O3 GOL GB . -3.69 28.25 30.40
P PO4 HB . 6.69 6.67 -4.97
O1 PO4 HB . 5.79 5.47 -5.00
O2 PO4 HB . 6.87 7.20 -6.37
O3 PO4 HB . 8.02 6.28 -4.40
O4 PO4 HB . 6.08 7.76 -4.11
C1 GOL IB . -30.77 32.69 22.89
O1 GOL IB . -29.71 33.56 23.04
C2 GOL IB . -30.18 31.33 22.59
O2 GOL IB . -29.37 30.86 23.62
C3 GOL IB . -31.40 30.43 22.32
O3 GOL IB . -30.91 29.16 22.08
C1 GOL JB . -20.86 51.57 17.72
O1 GOL JB . -20.43 52.70 18.38
C2 GOL JB . -20.12 50.37 18.34
O2 GOL JB . -20.16 50.39 19.73
C3 GOL JB . -20.89 49.17 17.79
O3 GOL JB . -20.51 48.07 18.53
C1 NGO KB . -11.86 29.46 0.98
C2 NGO KB . -11.56 30.12 -0.38
C3 NGO KB . -12.61 31.11 -0.86
C4 NGO KB . -14.02 30.75 -0.35
C5 NGO KB . -13.99 30.36 1.13
C6 NGO KB . -15.40 30.11 1.69
C7 NGO KB . -10.13 30.79 1.22
C8 NGO KB . -8.77 30.65 1.83
N2 NGO KB . -10.28 30.82 -0.07
O1 NGO KB . -11.22 30.35 1.90
O3 NGO KB . -12.60 31.17 -2.31
O4 NGO KB . -14.90 31.88 -0.53
O5 NGO KB . -13.20 29.20 1.29
O6 NGO KB . -15.91 28.82 1.29
C1 GOL LB . -17.06 50.14 13.09
O1 GOL LB . -18.36 49.93 12.61
C2 GOL LB . -16.62 48.85 13.83
O2 GOL LB . -16.50 47.75 12.97
C3 GOL LB . -15.28 49.24 14.53
O3 GOL LB . -15.06 48.38 15.63
C1 GOL MB . -6.05 12.68 -6.07
O1 GOL MB . -7.43 12.52 -5.94
C2 GOL MB . -5.69 12.53 -7.56
O2 GOL MB . -4.82 11.46 -7.79
C3 GOL MB . -5.08 13.92 -7.93
O3 GOL MB . -5.08 14.11 -9.30
C1 GOL NB . 8.68 -0.89 1.12
O1 GOL NB . 7.99 -2.11 1.02
C2 GOL NB . 7.81 0.00 2.02
O2 GOL NB . 7.52 -0.62 3.23
C3 GOL NB . 8.60 1.30 2.18
O3 GOL NB . 7.71 2.24 2.68
C1 GOL OB . -23.54 16.12 21.72
O1 GOL OB . -23.39 17.05 22.74
C2 GOL OB . -23.60 14.72 22.39
O2 GOL OB . -22.58 14.55 23.32
C3 GOL OB . -23.50 13.71 21.23
O3 GOL OB . -23.09 12.49 21.80
C1 GOL PB . -23.38 32.55 19.07
O1 GOL PB . -22.99 31.21 19.25
C2 GOL PB . -23.06 33.31 20.39
O2 GOL PB . -23.78 34.49 20.47
C3 GOL PB . -23.41 32.33 21.52
O3 GOL PB . -22.19 31.92 22.09
C1 GOL QB . -4.60 16.64 21.62
O1 GOL QB . -4.39 17.99 21.31
C2 GOL QB . -6.10 16.34 21.40
O2 GOL QB . -6.34 14.98 21.36
C3 GOL QB . -6.83 17.06 22.59
O3 GOL QB . -6.79 16.20 23.70
C1 GOL RB . 10.78 37.44 12.09
O1 GOL RB . 11.61 36.77 11.18
C2 GOL RB . 9.44 37.79 11.36
O2 GOL RB . 9.06 36.82 10.43
C3 GOL RB . 8.42 37.95 12.49
O3 GOL RB . 7.18 37.98 11.88
C1 GOL SB . -13.38 39.47 -7.22
O1 GOL SB . -14.35 40.35 -7.75
C2 GOL SB . -11.96 39.98 -7.62
O2 GOL SB . -11.06 38.97 -7.65
C3 GOL SB . -11.56 41.09 -6.59
O3 GOL SB . -11.31 40.48 -5.35
C1 GOL TB . 10.47 29.74 6.24
O1 GOL TB . 10.70 31.07 5.88
C2 GOL TB . 11.45 28.87 5.43
O2 GOL TB . 11.32 27.53 5.76
C3 GOL TB . 11.10 29.17 3.93
O3 GOL TB . 11.99 28.43 3.11
C1 GOL UB . 14.92 29.84 -2.05
O1 GOL UB . 16.10 30.34 -2.36
C2 GOL UB . 15.13 28.60 -1.24
O2 GOL UB . 15.02 28.87 0.11
C3 GOL UB . 14.12 27.56 -1.83
O3 GOL UB . 13.87 27.92 -3.16
C1 GOL VB . -17.05 17.64 2.54
O1 GOL VB . -17.24 18.94 2.08
C2 GOL VB . -16.48 16.85 1.36
O2 GOL VB . -17.44 16.68 0.38
C3 GOL VB . -15.24 17.67 0.88
O3 GOL VB . -14.47 16.85 0.02
C1 GOL WB . -16.57 20.36 -2.27
O1 GOL WB . -16.84 21.27 -3.30
C2 GOL WB . -17.33 19.09 -2.62
O2 GOL WB . -17.99 19.18 -3.83
C3 GOL WB . -16.27 17.99 -2.61
O3 GOL WB . -16.96 16.79 -2.71
C1 GOL XB . -22.65 25.69 26.25
O1 GOL XB . -23.73 25.57 25.39
C2 GOL XB . -21.35 25.64 25.39
O2 GOL XB . -21.18 26.78 24.63
C3 GOL XB . -20.21 25.43 26.41
O3 GOL XB . -19.03 25.71 25.74
C1 GOL YB . -9.52 14.84 -6.02
O1 GOL YB . -9.89 16.02 -5.43
C2 GOL YB . -10.80 14.01 -6.14
O2 GOL YB . -10.53 12.69 -6.41
C3 GOL YB . -11.60 14.71 -7.29
O3 GOL YB . -11.83 16.03 -6.90
C1 GOL ZB . 5.22 3.09 9.72
O1 GOL ZB . 6.31 2.70 8.93
C2 GOL ZB . 5.52 4.52 10.18
O2 GOL ZB . 6.81 4.62 10.69
C3 GOL ZB . 4.39 4.88 11.20
O3 GOL ZB . 4.44 3.96 12.28
C1 GOL AC . 6.11 9.14 -0.06
O1 GOL AC . 5.83 10.48 -0.31
C2 GOL AC . 7.25 9.10 0.99
O2 GOL AC . 7.62 7.82 1.31
C3 GOL AC . 6.69 9.81 2.22
O3 GOL AC . 7.28 9.20 3.34
C ACT BC . -11.18 58.90 3.25
O ACT BC . -10.87 59.62 2.26
OXT ACT BC . -12.18 58.13 3.39
CH3 ACT BC . -10.20 58.95 4.47
C1 GOL CC . -0.20 53.51 17.02
O1 GOL CC . 1.00 52.87 17.33
C2 GOL CC . -1.28 52.82 17.87
O2 GOL CC . -0.75 52.34 19.06
C3 GOL CC . -2.36 53.92 18.10
O3 GOL CC . -3.54 53.28 18.48
C ACT DC . 0.36 34.10 28.04
O ACT DC . 0.76 35.27 28.32
OXT ACT DC . -0.21 33.67 27.01
CH3 ACT DC . 0.60 33.02 29.15
C ACT EC . -12.82 33.60 29.38
O ACT EC . -12.12 33.98 30.35
OXT ACT EC . -12.87 34.07 28.20
CH3 ACT EC . -13.77 32.37 29.65
C ACT FC . 4.30 49.26 2.19
O ACT FC . 5.57 49.27 2.14
OXT ACT FC . 3.53 48.41 2.71
CH3 ACT FC . 3.55 50.46 1.50
C1 GOL GC . 7.22 20.55 -14.01
O1 GOL GC . 7.86 20.95 -15.18
C2 GOL GC . 7.52 19.06 -13.81
O2 GOL GC . 8.85 18.76 -14.01
C3 GOL GC . 6.59 18.31 -14.79
O3 GOL GC . 5.44 17.98 -14.08
C1 GOL HC . 12.05 21.70 -11.56
O1 GOL HC . 13.21 21.94 -12.30
C2 GOL HC . 11.21 20.72 -12.40
O2 GOL HC . 11.92 19.57 -12.73
C3 GOL HC . 9.97 20.41 -11.53
O3 GOL HC . 9.94 19.03 -11.34
C ACT IC . -20.58 15.74 -5.54
O ACT IC . -20.84 15.57 -6.77
OXT ACT IC . -21.26 15.39 -4.53
CH3 ACT IC . -19.24 16.46 -5.21
C ACT JC . -9.97 11.00 24.55
O ACT JC . -9.09 10.85 23.66
OXT ACT JC . -11.12 10.47 24.63
CH3 ACT JC . -9.62 11.99 25.72
C1 GOL KC . -4.20 39.84 24.63
O1 GOL KC . -3.59 40.74 23.76
C2 GOL KC . -4.77 40.68 25.80
O2 GOL KC . -4.02 41.81 26.06
C3 GOL KC . -6.21 41.03 25.37
O3 GOL KC . -6.87 39.82 25.19
C ACT LC . 0.56 42.00 -14.63
O ACT LC . 1.48 41.21 -14.31
OXT ACT LC . -0.52 42.22 -14.03
CH3 ACT LC . 0.77 42.84 -15.93
C ACT MC . -16.32 26.61 29.22
O ACT MC . -16.06 27.67 28.57
OXT ACT MC . -17.23 25.77 29.01
CH3 ACT MC . -15.42 26.32 30.45
C1 GOL NC . -21.94 44.28 -4.25
O1 GOL NC . -20.64 43.72 -4.22
C2 GOL NC . -21.95 45.54 -3.33
O2 GOL NC . -21.84 46.74 -4.06
C3 GOL NC . -23.27 45.44 -2.54
O3 GOL NC . -23.16 44.34 -1.68
C ACT OC . 5.46 11.05 -8.57
O ACT OC . 4.39 10.52 -8.14
OXT ACT OC . 5.60 12.00 -9.39
CH3 ACT OC . 6.79 10.43 -8.02
C1 GOL PC . -7.65 31.88 -20.50
O1 GOL PC . -7.73 30.75 -19.69
C2 GOL PC . -8.67 32.90 -19.94
O2 GOL PC . -9.46 33.44 -20.93
C3 GOL PC . -7.80 33.99 -19.28
O3 GOL PC . -8.43 34.36 -18.11
C ACT QC . -38.03 19.00 16.82
O ACT QC . -36.93 18.40 16.62
OXT ACT QC . -38.39 19.67 17.83
CH3 ACT QC . -39.08 18.92 15.66
P PO4 RC . -27.97 44.50 5.39
O1 PO4 RC . -27.68 43.08 5.82
O2 PO4 RC . -28.51 44.48 3.98
O3 PO4 RC . -26.70 45.31 5.44
O4 PO4 RC . -29.00 45.11 6.32
C ACT SC . -5.79 19.14 29.44
O ACT SC . -5.58 18.29 28.55
OXT ACT SC . -6.83 19.28 30.16
CH3 ACT SC . -4.64 20.16 29.71
C1 GOL TC . 8.78 18.33 13.39
O1 GOL TC . 9.78 18.83 12.56
C2 GOL TC . 8.43 19.47 14.36
O2 GOL TC . 8.99 20.66 13.96
C3 GOL TC . 6.90 19.57 14.38
O3 GOL TC . 6.34 18.46 13.79
#